data_1TTV
#
_entry.id   1TTV
#
_cell.length_a   1.00
_cell.length_b   1.00
_cell.length_c   1.00
_cell.angle_alpha   90.0
_cell.angle_beta   90.0
_cell.angle_gamma   90.00
#
_symmetry.space_group_name_H-M   'P 1'
#
loop_
_entity.id
_entity.type
_entity.pdbx_description
1 polymer 'Ubiquitin-protein ligase E3 Mdm2'
2 non-polymer 1-{[4,5-BIS(4-CHLOROPHENYL)-2-(2-ISOPROPOXY-4-METHOXYPHENYL)-4,5-DIHYDRO-1H-IMIDAZOL-1-YL]CARBONYL}PIPERAZINE
#
_entity_poly.entity_id   1
_entity_poly.type   'polypeptide(L)'
_entity_poly.pdbx_seq_one_letter_code
;NHISTSDQEKLVQPTPLLLSLLKSAGAQKETFTMKEVLYHLGQYIMAKQLYDEKQQHIVHCSNDPLGELFGVQEFSVKEH
RRIYAMISRNLVSANVKESSEDIFGNV
;
_entity_poly.pdbx_strand_id   A
#
loop_
_chem_comp.id
_chem_comp.type
_chem_comp.name
_chem_comp.formula
IMY non-polymer 1-{[4,5-BIS(4-CHLOROPHENYL)-2-(2-ISOPROPOXY-4-METHOXYPHENYL)-4,5-DIHYDRO-1H-IMIDAZOL-1-YL]CARBONYL}PIPERAZINE 'C30 H32 Cl2 N4 O3'
#
# COMPACT_ATOMS: atom_id res chain seq x y z
N ASN A 1 18.41 -11.62 1.09
CA ASN A 1 18.22 -11.20 2.50
C ASN A 1 19.54 -10.80 3.15
N HIS A 2 20.63 -11.43 2.70
CA HIS A 2 21.94 -11.14 3.24
C HIS A 2 22.74 -10.25 2.28
N ILE A 3 22.69 -8.94 2.50
CA ILE A 3 23.39 -7.99 1.66
C ILE A 3 24.55 -7.33 2.41
N SER A 4 24.21 -6.54 3.42
CA SER A 4 25.22 -5.86 4.23
C SER A 4 24.57 -5.15 5.41
N THR A 5 23.91 -4.03 5.14
CA THR A 5 23.25 -3.26 6.19
C THR A 5 22.27 -2.25 5.59
N SER A 6 22.78 -1.37 4.75
CA SER A 6 21.96 -0.35 4.12
C SER A 6 21.69 -0.71 2.66
N ASP A 7 20.48 -1.20 2.39
CA ASP A 7 20.08 -1.59 1.04
C ASP A 7 18.57 -1.59 0.89
N GLN A 8 17.89 -0.79 1.69
CA GLN A 8 16.44 -0.70 1.65
C GLN A 8 16.00 0.60 1.01
N GLU A 9 14.99 0.52 0.14
CA GLU A 9 14.48 1.71 -0.54
C GLU A 9 13.54 2.49 0.38
N LYS A 10 13.50 3.81 0.17
CA LYS A 10 12.63 4.68 0.98
C LYS A 10 11.20 4.19 0.97
N LEU A 11 10.65 3.93 2.15
CA LEU A 11 9.28 3.45 2.28
C LEU A 11 8.37 4.53 2.85
N VAL A 12 7.13 4.59 2.34
CA VAL A 12 6.17 5.59 2.79
C VAL A 12 5.19 4.99 3.78
N GLN A 13 4.42 5.85 4.45
CA GLN A 13 3.46 5.41 5.44
C GLN A 13 2.02 5.54 4.93
N PRO A 14 1.35 4.41 4.61
CA PRO A 14 -0.03 4.41 4.13
C PRO A 14 -0.99 4.92 5.19
N THR A 15 -2.10 5.51 4.75
CA THR A 15 -3.09 6.02 5.69
C THR A 15 -3.62 4.89 6.57
N PRO A 16 -4.02 5.21 7.82
CA PRO A 16 -4.52 4.20 8.75
C PRO A 16 -5.51 3.24 8.10
N LEU A 17 -6.22 3.74 7.08
CA LEU A 17 -7.19 2.92 6.36
C LEU A 17 -6.47 1.94 5.43
N LEU A 18 -5.69 2.48 4.49
CA LEU A 18 -4.93 1.65 3.57
C LEU A 18 -4.04 0.69 4.34
N LEU A 19 -3.47 1.20 5.43
CA LEU A 19 -2.59 0.41 6.30
C LEU A 19 -3.21 -0.96 6.60
N SER A 20 -4.36 -0.94 7.27
CA SER A 20 -5.06 -2.17 7.63
C SER A 20 -5.16 -3.10 6.44
N LEU A 21 -5.49 -2.56 5.27
CA LEU A 21 -5.60 -3.38 4.06
C LEU A 21 -4.31 -4.15 3.85
N LEU A 22 -3.18 -3.49 4.11
CA LEU A 22 -1.88 -4.13 3.98
C LEU A 22 -1.69 -5.10 5.13
N LYS A 23 -2.09 -4.65 6.32
CA LYS A 23 -1.99 -5.47 7.53
C LYS A 23 -2.63 -6.83 7.31
N SER A 24 -3.81 -6.84 6.71
CA SER A 24 -4.53 -8.08 6.44
C SER A 24 -4.03 -8.74 5.15
N ALA A 25 -3.38 -7.95 4.29
CA ALA A 25 -2.86 -8.45 3.04
C ALA A 25 -1.51 -9.15 3.22
N GLY A 26 -1.04 -9.24 4.47
CA GLY A 26 0.23 -9.87 4.74
C GLY A 26 1.27 -8.89 5.25
N ALA A 27 0.94 -7.60 5.21
CA ALA A 27 1.85 -6.56 5.68
C ALA A 27 1.89 -6.52 7.21
N GLN A 28 3.04 -6.17 7.79
CA GLN A 28 3.17 -6.12 9.25
C GLN A 28 3.47 -4.70 9.72
N LYS A 29 4.65 -4.19 9.36
CA LYS A 29 5.06 -2.85 9.76
C LYS A 29 4.00 -1.82 9.41
N GLU A 30 4.27 -0.55 9.73
CA GLU A 30 3.33 0.53 9.45
C GLU A 30 3.70 1.27 8.16
N THR A 31 4.98 1.24 7.81
CA THR A 31 5.46 1.90 6.61
C THR A 31 5.78 0.88 5.51
N PHE A 32 5.67 1.30 4.25
CA PHE A 32 5.97 0.42 3.13
C PHE A 32 6.30 1.21 1.87
N THR A 33 7.20 0.67 1.08
CA THR A 33 7.60 1.30 -0.18
C THR A 33 6.52 1.04 -1.22
N MET A 34 6.40 1.93 -2.19
CA MET A 34 5.38 1.82 -3.23
C MET A 34 5.24 0.37 -3.72
N LYS A 35 6.37 -0.28 -3.99
CA LYS A 35 6.34 -1.66 -4.45
C LYS A 35 5.59 -2.56 -3.48
N GLU A 36 5.99 -2.52 -2.21
CA GLU A 36 5.32 -3.33 -1.19
C GLU A 36 3.87 -2.90 -1.04
N VAL A 37 3.65 -1.60 -1.02
CA VAL A 37 2.29 -1.05 -0.89
C VAL A 37 1.43 -1.59 -2.03
N LEU A 38 1.88 -1.36 -3.25
CA LEU A 38 1.16 -1.82 -4.43
C LEU A 38 1.12 -3.35 -4.49
N TYR A 39 1.94 -4.01 -3.67
CA TYR A 39 1.99 -5.47 -3.64
C TYR A 39 0.90 -6.04 -2.73
N HIS A 40 0.88 -5.63 -1.47
CA HIS A 40 -0.12 -6.13 -0.54
C HIS A 40 -1.51 -5.64 -0.92
N LEU A 41 -1.58 -4.47 -1.53
CA LEU A 41 -2.84 -3.89 -1.94
C LEU A 41 -3.47 -4.75 -3.03
N GLY A 42 -2.65 -5.20 -3.98
CA GLY A 42 -3.15 -6.04 -5.05
C GLY A 42 -3.67 -7.35 -4.51
N GLN A 43 -2.98 -7.89 -3.50
CA GLN A 43 -3.39 -9.13 -2.87
C GLN A 43 -4.63 -8.90 -2.01
N TYR A 44 -4.78 -7.67 -1.51
CA TYR A 44 -5.92 -7.32 -0.68
C TYR A 44 -7.21 -7.48 -1.47
N ILE A 45 -7.14 -7.21 -2.76
CA ILE A 45 -8.30 -7.33 -3.63
C ILE A 45 -8.66 -8.79 -3.90
N MET A 46 -7.68 -9.56 -4.38
CA MET A 46 -7.90 -10.97 -4.68
C MET A 46 -8.39 -11.72 -3.44
N ALA A 47 -7.81 -11.41 -2.29
CA ALA A 47 -8.19 -12.07 -1.05
C ALA A 47 -9.64 -11.76 -0.69
N LYS A 48 -9.95 -10.47 -0.55
CA LYS A 48 -11.30 -10.05 -0.21
C LYS A 48 -12.27 -10.39 -1.36
N GLN A 49 -11.73 -10.53 -2.56
CA GLN A 49 -12.54 -10.85 -3.74
C GLN A 49 -13.40 -9.65 -4.16
N LEU A 50 -12.74 -8.57 -4.55
CA LEU A 50 -13.45 -7.36 -4.98
C LEU A 50 -13.58 -7.32 -6.50
N TYR A 51 -12.91 -8.23 -7.19
CA TYR A 51 -12.96 -8.29 -8.65
C TYR A 51 -14.23 -8.97 -9.13
N ASP A 52 -14.65 -8.65 -10.35
CA ASP A 52 -15.85 -9.23 -10.93
C ASP A 52 -15.52 -10.46 -11.76
N GLU A 53 -16.42 -11.45 -11.75
CA GLU A 53 -16.22 -12.66 -12.51
C GLU A 53 -16.06 -12.31 -13.99
N LYS A 54 -17.00 -11.54 -14.52
CA LYS A 54 -16.96 -11.10 -15.91
C LYS A 54 -15.57 -10.60 -16.27
N GLN A 55 -15.26 -9.38 -15.87
CA GLN A 55 -13.96 -8.78 -16.14
C GLN A 55 -13.04 -8.97 -14.94
N GLN A 56 -11.90 -9.60 -15.17
CA GLN A 56 -10.93 -9.83 -14.09
C GLN A 56 -10.17 -8.56 -13.75
N HIS A 57 -10.18 -7.60 -14.67
CA HIS A 57 -9.48 -6.33 -14.47
C HIS A 57 -10.43 -5.27 -13.90
N ILE A 58 -11.60 -5.70 -13.44
CA ILE A 58 -12.58 -4.78 -12.88
C ILE A 58 -12.76 -5.02 -11.39
N VAL A 59 -12.74 -3.94 -10.62
CA VAL A 59 -12.90 -4.03 -9.16
C VAL A 59 -14.01 -3.09 -8.69
N HIS A 60 -15.20 -3.63 -8.46
CA HIS A 60 -16.31 -2.83 -7.99
C HIS A 60 -16.95 -3.44 -6.74
N CYS A 61 -16.56 -2.90 -5.59
CA CYS A 61 -17.08 -3.38 -4.31
C CYS A 61 -17.57 -2.22 -3.46
N SER A 62 -18.89 -2.03 -3.41
CA SER A 62 -19.47 -0.94 -2.63
C SER A 62 -19.08 -1.04 -1.16
N ASN A 63 -19.23 -2.22 -0.58
CA ASN A 63 -18.86 -2.36 0.81
C ASN A 63 -17.46 -2.96 0.90
N ASP A 64 -16.48 -2.07 0.98
CA ASP A 64 -15.09 -2.48 1.09
C ASP A 64 -14.21 -1.35 1.62
N PRO A 65 -13.32 -1.63 2.57
CA PRO A 65 -12.43 -0.61 3.12
C PRO A 65 -11.63 0.08 2.04
N LEU A 66 -11.38 -0.63 0.94
CA LEU A 66 -10.63 -0.07 -0.18
C LEU A 66 -11.46 0.97 -0.91
N GLY A 67 -12.70 0.61 -1.24
CA GLY A 67 -13.58 1.52 -1.94
C GLY A 67 -13.78 2.81 -1.18
N GLU A 68 -13.99 2.71 0.14
CA GLU A 68 -14.18 3.88 0.98
C GLU A 68 -12.91 4.73 1.02
N LEU A 69 -11.78 4.09 0.79
CA LEU A 69 -10.49 4.78 0.79
C LEU A 69 -10.32 5.61 -0.47
N PHE A 70 -10.33 4.94 -1.62
CA PHE A 70 -10.18 5.60 -2.90
C PHE A 70 -11.33 6.57 -3.15
N GLY A 71 -12.48 6.29 -2.55
CA GLY A 71 -13.64 7.14 -2.73
C GLY A 71 -14.46 6.77 -3.94
N VAL A 72 -14.46 5.48 -4.27
CA VAL A 72 -15.21 5.00 -5.43
C VAL A 72 -15.67 3.56 -5.22
N GLN A 73 -16.77 3.19 -5.86
CA GLN A 73 -17.31 1.85 -5.74
C GLN A 73 -17.12 1.06 -7.03
N GLU A 74 -16.09 1.43 -7.79
CA GLU A 74 -15.78 0.76 -9.05
C GLU A 74 -14.57 1.40 -9.71
N PHE A 75 -13.61 0.56 -10.11
CA PHE A 75 -12.40 1.05 -10.76
C PHE A 75 -11.68 -0.06 -11.51
N SER A 76 -11.20 0.24 -12.71
CA SER A 76 -10.49 -0.74 -13.53
C SER A 76 -9.00 -0.68 -13.23
N VAL A 77 -8.34 -1.83 -13.25
CA VAL A 77 -6.91 -1.90 -12.99
C VAL A 77 -6.09 -1.73 -14.27
N LYS A 78 -6.75 -1.32 -15.35
CA LYS A 78 -6.08 -1.11 -16.62
C LYS A 78 -5.40 0.26 -16.66
N GLU A 79 -6.02 1.24 -16.00
CA GLU A 79 -5.48 2.58 -15.96
C GLU A 79 -4.65 2.79 -14.69
N HIS A 80 -3.44 2.25 -14.68
CA HIS A 80 -2.55 2.37 -13.52
C HIS A 80 -2.35 3.83 -13.13
N ARG A 81 -2.47 4.73 -14.10
CA ARG A 81 -2.30 6.16 -13.85
C ARG A 81 -3.30 6.65 -12.80
N ARG A 82 -4.55 6.24 -12.94
CA ARG A 82 -5.59 6.64 -12.00
C ARG A 82 -5.33 6.07 -10.60
N ILE A 83 -5.11 4.76 -10.54
CA ILE A 83 -4.84 4.10 -9.28
C ILE A 83 -3.55 4.61 -8.64
N TYR A 84 -2.47 4.60 -9.42
CA TYR A 84 -1.18 5.06 -8.94
C TYR A 84 -1.28 6.43 -8.27
N ALA A 85 -2.24 7.23 -8.74
CA ALA A 85 -2.44 8.58 -8.19
C ALA A 85 -3.14 8.53 -6.84
N MET A 86 -4.31 7.91 -6.80
CA MET A 86 -5.09 7.82 -5.56
C MET A 86 -4.32 7.09 -4.47
N ILE A 87 -3.62 6.01 -4.85
CA ILE A 87 -2.84 5.24 -3.90
C ILE A 87 -1.68 6.05 -3.33
N SER A 88 -1.13 6.95 -4.15
CA SER A 88 -0.02 7.80 -3.72
C SER A 88 -0.50 8.84 -2.73
N ARG A 89 -1.72 9.32 -2.91
CA ARG A 89 -2.29 10.33 -2.03
C ARG A 89 -2.79 9.71 -0.72
N ASN A 90 -2.76 8.37 -0.64
CA ASN A 90 -3.21 7.66 0.54
C ASN A 90 -2.06 7.42 1.53
N LEU A 91 -0.98 8.19 1.39
CA LEU A 91 0.18 8.06 2.26
C LEU A 91 0.25 9.22 3.25
N VAL A 92 0.07 8.92 4.54
CA VAL A 92 0.12 9.95 5.57
C VAL A 92 1.52 10.53 5.71
N SER A 93 2.48 9.73 6.17
CA SER A 93 3.85 10.17 6.34
C SER A 93 4.76 9.56 5.27
N ALA A 94 5.72 10.33 4.80
CA ALA A 94 6.65 9.86 3.78
C ALA A 94 8.07 9.75 4.34
N ASN A 95 8.65 8.56 4.23
CA ASN A 95 10.00 8.32 4.72
C ASN A 95 11.00 8.36 3.58
N VAL A 96 12.16 8.98 3.82
CA VAL A 96 13.20 9.08 2.81
C VAL A 96 14.54 8.56 3.35
N LYS A 97 15.44 8.21 2.44
CA LYS A 97 16.74 7.70 2.81
C LYS A 97 17.63 8.82 3.35
N GLU A 98 17.80 8.86 4.66
CA GLU A 98 18.62 9.88 5.30
C GLU A 98 19.25 9.34 6.59
N SER A 99 20.21 10.09 7.12
CA SER A 99 20.89 9.69 8.36
C SER A 99 19.99 9.93 9.57
N SER A 100 19.43 8.85 10.11
CA SER A 100 18.56 8.93 11.27
C SER A 100 19.07 8.06 12.40
N GLU A 101 19.74 8.68 13.38
CA GLU A 101 20.29 7.95 14.51
C GLU A 101 19.22 7.72 15.57
N ASP A 102 19.25 6.54 16.20
CA ASP A 102 18.29 6.19 17.24
C ASP A 102 18.80 6.59 18.62
N ILE A 103 17.87 6.92 19.51
CA ILE A 103 18.22 7.30 20.87
C ILE A 103 17.76 6.23 21.84
N PHE A 104 18.72 5.42 22.28
CA PHE A 104 18.43 4.34 23.22
C PHE A 104 18.89 4.72 24.63
N GLY A 105 19.08 6.00 24.88
CA GLY A 105 19.52 6.45 26.19
C GLY A 105 20.82 5.81 26.62
N ASN A 106 21.63 5.41 25.66
CA ASN A 106 22.91 4.78 25.95
C ASN A 106 24.08 5.62 25.44
N VAL A 107 24.94 6.04 26.35
CA VAL A 107 26.09 6.86 26.00
C VAL A 107 27.36 6.38 26.70
C1 IMY B . -3.49 -6.59 -10.92
N2 IMY B . -3.27 -6.91 -9.65
C3 IMY B . -2.46 -5.82 -9.00
C4 IMY B . -1.75 -5.25 -10.28
N5 IMY B . -2.72 -5.58 -11.33
C13 IMY B . -3.33 -4.82 -8.26
C14 IMY B . -2.73 -3.98 -7.30
C15 IMY B . -3.47 -2.97 -6.67
C16 IMY B . -4.80 -2.78 -6.99
C17 IMY B . -5.42 -3.64 -7.89
C18 IMY B . -4.70 -4.65 -8.52
CL16 IMY B . -5.69 -1.50 -6.27
C20 IMY B . -0.08 -3.42 -9.76
C21 IMY B . 0.37 -2.11 -9.80
C22 IMY B . -0.40 -1.14 -10.43
C23 IMY B . -1.61 -1.47 -11.02
C24 IMY B . -2.04 -2.81 -11.03
C19 IMY B . -1.29 -3.81 -10.36
CL22 IMY B . 0.13 0.49 -10.49
C28 IMY B . -6.43 -8.41 -12.52
C29 IMY B . -5.50 -8.02 -11.54
C34 IMY B . -4.43 -7.17 -11.89
C25 IMY B . -4.31 -6.76 -13.23
C26 IMY B . -5.23 -7.15 -14.20
C27 IMY B . -6.30 -7.97 -13.84
O3 IMY B . -5.59 -8.40 -10.20
C31 IMY B . -6.87 -8.86 -9.69
C32 IMY B . -6.88 -8.88 -8.16
C33 IMY B . -7.93 -7.90 -10.18
O2 IMY B . -7.30 -8.39 -14.69
C30 IMY B . -7.03 -8.29 -16.10
H3 IMY B . -1.71 -6.27 -8.33
H4 IMY B . -0.88 -5.88 -10.48
H14 IMY B . -1.68 -4.09 -7.04
H15 IMY B . -3.01 -2.35 -5.91
H17 IMY B . -6.48 -3.52 -8.09
H18 IMY B . -5.23 -5.28 -9.22
H20 IMY B . 0.54 -4.16 -9.24
H21 IMY B . 1.31 -1.84 -9.34
H23 IMY B . -2.24 -0.72 -11.49
H24 IMY B . -2.96 -3.04 -11.54
H28 IMY B . -7.27 -9.06 -12.29
H25 IMY B . -3.49 -6.11 -13.54
H26 IMY B . -5.11 -6.79 -15.21
H31 IMY B . -7.13 -9.84 -10.09
H321 IMY B . -6.74 -7.87 -7.76
H322 IMY B . -7.82 -9.26 -7.77
H323 IMY B . -6.07 -9.49 -7.75
H331 IMY B . -7.97 -7.89 -11.29
H332 IMY B . -8.93 -8.17 -9.82
H333 IMY B . -7.72 -6.87 -9.88
H30 IMY B . -6.01 -8.57 -16.33
H301 IMY B . -7.25 -7.27 -16.45
H302 IMY B . -7.71 -8.97 -16.62
N ASN A 1 16.36 -8.14 26.43
CA ASN A 1 15.53 -7.94 25.22
C ASN A 1 14.82 -6.60 25.24
N HIS A 2 15.51 -5.58 25.74
CA HIS A 2 14.94 -4.24 25.83
C HIS A 2 14.76 -3.64 24.44
N ILE A 3 13.73 -2.81 24.28
CA ILE A 3 13.45 -2.17 23.00
C ILE A 3 12.83 -0.79 23.20
N SER A 4 11.88 -0.70 24.13
CA SER A 4 11.20 0.57 24.41
C SER A 4 10.29 0.96 23.25
N THR A 5 10.89 1.26 22.11
CA THR A 5 10.12 1.64 20.93
C THR A 5 10.55 0.83 19.71
N SER A 6 9.78 0.93 18.62
CA SER A 6 10.08 0.20 17.40
C SER A 6 11.45 0.59 16.86
N ASP A 7 12.32 -0.41 16.72
CA ASP A 7 13.67 -0.17 16.21
C ASP A 7 13.76 -0.49 14.72
N GLN A 8 12.64 -0.34 14.02
CA GLN A 8 12.59 -0.61 12.59
C GLN A 8 12.33 0.68 11.81
N GLU A 9 13.19 0.97 10.85
CA GLU A 9 13.06 2.17 10.03
C GLU A 9 12.57 1.83 8.62
N LYS A 10 12.68 2.80 7.71
CA LYS A 10 12.24 2.61 6.32
C LYS A 10 10.72 2.61 6.22
N LEU A 11 10.05 2.89 7.32
CA LEU A 11 8.59 2.92 7.34
C LEU A 11 8.05 4.08 6.51
N VAL A 12 6.80 3.95 6.08
CA VAL A 12 6.16 5.00 5.28
C VAL A 12 4.91 5.50 5.99
N GLN A 13 4.38 6.64 5.54
CA GLN A 13 3.19 7.22 6.15
C GLN A 13 2.02 7.26 5.18
N PRO A 14 1.10 6.28 5.26
CA PRO A 14 -0.08 6.23 4.38
C PRO A 14 -0.99 7.44 4.57
N THR A 15 -1.41 8.04 3.46
CA THR A 15 -2.29 9.20 3.51
C THR A 15 -3.52 8.90 4.36
N PRO A 16 -4.22 9.94 4.84
CA PRO A 16 -5.42 9.78 5.67
C PRO A 16 -6.40 8.76 5.09
N LEU A 17 -6.37 8.61 3.77
CA LEU A 17 -7.25 7.66 3.10
C LEU A 17 -6.76 6.23 3.30
N LEU A 18 -5.56 5.95 2.82
CA LEU A 18 -4.97 4.62 2.98
C LEU A 18 -4.96 4.21 4.45
N LEU A 19 -4.76 5.19 5.31
CA LEU A 19 -4.72 4.96 6.75
C LEU A 19 -5.97 4.22 7.22
N SER A 20 -7.13 4.85 7.04
CA SER A 20 -8.41 4.26 7.44
C SER A 20 -8.52 2.81 6.97
N LEU A 21 -8.06 2.54 5.74
CA LEU A 21 -8.11 1.19 5.22
C LEU A 21 -7.29 0.26 6.11
N LEU A 22 -6.11 0.74 6.50
CA LEU A 22 -5.23 -0.02 7.37
C LEU A 22 -5.87 -0.12 8.75
N LYS A 23 -6.36 1.02 9.23
CA LYS A 23 -7.02 1.09 10.53
C LYS A 23 -8.06 -0.01 10.69
N SER A 24 -8.73 -0.34 9.59
CA SER A 24 -9.75 -1.39 9.60
C SER A 24 -9.15 -2.74 9.22
N ALA A 25 -8.01 -2.71 8.54
CA ALA A 25 -7.35 -3.94 8.11
C ALA A 25 -6.60 -4.61 9.28
N GLY A 26 -6.50 -3.91 10.40
CA GLY A 26 -5.82 -4.47 11.56
C GLY A 26 -4.56 -3.68 11.93
N ALA A 27 -4.64 -2.36 11.80
CA ALA A 27 -3.50 -1.50 12.12
C ALA A 27 -3.81 -0.65 13.36
N GLN A 28 -2.78 -0.33 14.16
CA GLN A 28 -2.98 0.47 15.37
C GLN A 28 -2.02 1.66 15.42
N LYS A 29 -1.48 2.06 14.27
CA LYS A 29 -0.56 3.19 14.21
C LYS A 29 -0.84 4.06 13.00
N GLU A 30 -0.06 5.12 12.84
CA GLU A 30 -0.23 6.03 11.70
C GLU A 30 0.79 5.75 10.60
N THR A 31 1.94 5.21 10.99
CA THR A 31 2.99 4.88 10.03
C THR A 31 3.15 3.37 9.88
N PHE A 32 3.49 2.93 8.67
CA PHE A 32 3.66 1.51 8.40
C PHE A 32 4.71 1.29 7.31
N THR A 33 5.49 0.22 7.46
CA THR A 33 6.49 -0.11 6.45
C THR A 33 5.81 -0.78 5.27
N MET A 34 6.37 -0.60 4.08
CA MET A 34 5.80 -1.17 2.86
C MET A 34 5.32 -2.61 3.08
N LYS A 35 6.05 -3.36 3.87
CA LYS A 35 5.69 -4.75 4.16
C LYS A 35 4.34 -4.80 4.87
N GLU A 36 4.20 -4.00 5.92
CA GLU A 36 2.95 -3.95 6.68
C GLU A 36 1.84 -3.37 5.82
N VAL A 37 2.17 -2.30 5.10
CA VAL A 37 1.19 -1.66 4.22
C VAL A 37 0.64 -2.66 3.21
N LEU A 38 1.55 -3.34 2.53
CA LEU A 38 1.17 -4.35 1.54
C LEU A 38 0.50 -5.56 2.20
N TYR A 39 0.76 -5.73 3.50
CA TYR A 39 0.19 -6.85 4.24
C TYR A 39 -1.28 -6.61 4.57
N HIS A 40 -1.57 -5.52 5.28
CA HIS A 40 -2.95 -5.21 5.64
C HIS A 40 -3.83 -5.13 4.39
N LEU A 41 -3.29 -4.50 3.33
CA LEU A 41 -4.01 -4.38 2.09
C LEU A 41 -4.62 -5.71 1.66
N GLY A 42 -3.80 -6.76 1.66
CA GLY A 42 -4.29 -8.08 1.29
C GLY A 42 -5.47 -8.47 2.15
N GLN A 43 -5.42 -8.07 3.41
CA GLN A 43 -6.50 -8.36 4.35
C GLN A 43 -7.64 -7.36 4.19
N TYR A 44 -7.29 -6.16 3.74
CA TYR A 44 -8.27 -5.09 3.53
C TYR A 44 -9.21 -5.45 2.38
N ILE A 45 -8.62 -5.93 1.28
CA ILE A 45 -9.40 -6.30 0.09
C ILE A 45 -10.30 -7.49 0.38
N MET A 46 -9.70 -8.60 0.80
CA MET A 46 -10.45 -9.82 1.11
C MET A 46 -11.60 -9.53 2.07
N ALA A 47 -11.35 -8.71 3.07
CA ALA A 47 -12.37 -8.36 4.05
C ALA A 47 -13.53 -7.62 3.39
N LYS A 48 -13.22 -6.50 2.76
CA LYS A 48 -14.24 -5.70 2.09
C LYS A 48 -14.84 -6.47 0.90
N GLN A 49 -14.11 -7.48 0.42
CA GLN A 49 -14.57 -8.29 -0.70
C GLN A 49 -14.56 -7.49 -2.00
N LEU A 50 -13.38 -7.05 -2.41
CA LEU A 50 -13.22 -6.27 -3.64
C LEU A 50 -12.69 -7.15 -4.78
N TYR A 51 -12.65 -8.46 -4.56
CA TYR A 51 -12.17 -9.39 -5.58
C TYR A 51 -13.31 -10.01 -6.36
N ASP A 52 -13.04 -10.41 -7.60
CA ASP A 52 -14.07 -11.03 -8.44
C ASP A 52 -14.34 -12.47 -8.01
N GLU A 53 -15.59 -12.89 -8.14
CA GLU A 53 -15.99 -14.24 -7.74
C GLU A 53 -15.34 -15.29 -8.62
N LYS A 54 -15.56 -15.21 -9.93
CA LYS A 54 -14.98 -16.17 -10.86
C LYS A 54 -13.47 -16.23 -10.72
N GLN A 55 -12.82 -15.06 -10.74
CA GLN A 55 -11.37 -15.00 -10.59
C GLN A 55 -11.00 -14.21 -9.34
N GLN A 56 -10.25 -14.85 -8.44
CA GLN A 56 -9.84 -14.21 -7.20
C GLN A 56 -8.64 -13.30 -7.40
N HIS A 57 -8.05 -13.33 -8.61
CA HIS A 57 -6.90 -12.50 -8.91
C HIS A 57 -7.33 -11.17 -9.53
N ILE A 58 -8.61 -10.86 -9.45
CA ILE A 58 -9.14 -9.61 -10.01
C ILE A 58 -9.77 -8.76 -8.92
N VAL A 59 -9.49 -7.46 -8.96
CA VAL A 59 -10.04 -6.52 -8.00
C VAL A 59 -10.72 -5.35 -8.70
N HIS A 60 -12.04 -5.42 -8.84
CA HIS A 60 -12.78 -4.36 -9.50
C HIS A 60 -13.85 -3.76 -8.58
N CYS A 61 -13.52 -2.64 -7.97
CA CYS A 61 -14.44 -1.95 -7.08
C CYS A 61 -14.54 -0.47 -7.44
N SER A 62 -15.62 -0.09 -8.12
CA SER A 62 -15.81 1.29 -8.52
C SER A 62 -16.09 2.18 -7.32
N ASN A 63 -17.01 1.77 -6.47
CA ASN A 63 -17.30 2.58 -5.29
C ASN A 63 -16.61 1.98 -4.08
N ASP A 64 -15.40 2.45 -3.82
CA ASP A 64 -14.62 1.97 -2.69
C ASP A 64 -13.49 2.94 -2.35
N PRO A 65 -13.14 3.08 -1.06
CA PRO A 65 -12.06 3.97 -0.64
C PRO A 65 -10.76 3.67 -1.37
N LEU A 66 -10.61 2.41 -1.81
CA LEU A 66 -9.41 2.00 -2.53
C LEU A 66 -9.43 2.54 -3.95
N GLY A 67 -10.56 2.36 -4.63
CA GLY A 67 -10.68 2.83 -6.00
C GLY A 67 -10.46 4.32 -6.10
N GLU A 68 -10.94 5.06 -5.10
CA GLU A 68 -10.79 6.51 -5.08
C GLU A 68 -9.34 6.90 -4.76
N LEU A 69 -8.64 5.99 -4.08
CA LEU A 69 -7.24 6.23 -3.71
C LEU A 69 -6.33 5.99 -4.91
N PHE A 70 -6.32 4.75 -5.42
CA PHE A 70 -5.49 4.40 -6.55
C PHE A 70 -5.94 5.13 -7.81
N GLY A 71 -7.22 5.48 -7.86
CA GLY A 71 -7.76 6.19 -9.01
C GLY A 71 -8.07 5.25 -10.17
N VAL A 72 -8.62 4.09 -9.85
CA VAL A 72 -8.98 3.10 -10.87
C VAL A 72 -10.28 2.39 -10.53
N GLN A 73 -10.89 1.76 -11.52
CA GLN A 73 -12.14 1.04 -11.33
C GLN A 73 -11.88 -0.46 -11.14
N GLU A 74 -10.83 -0.95 -11.78
CA GLU A 74 -10.47 -2.36 -11.69
C GLU A 74 -9.00 -2.58 -12.04
N PHE A 75 -8.40 -3.61 -11.45
CA PHE A 75 -7.00 -3.91 -11.72
C PHE A 75 -6.68 -5.34 -11.31
N SER A 76 -5.65 -5.91 -11.92
CA SER A 76 -5.23 -7.27 -11.62
C SER A 76 -4.04 -7.27 -10.66
N VAL A 77 -3.99 -8.27 -9.79
CA VAL A 77 -2.90 -8.38 -8.81
C VAL A 77 -1.73 -9.18 -9.38
N LYS A 78 -1.75 -9.44 -10.69
CA LYS A 78 -0.69 -10.20 -11.32
C LYS A 78 0.54 -9.32 -11.54
N GLU A 79 0.32 -8.04 -11.79
CA GLU A 79 1.40 -7.10 -12.01
C GLU A 79 1.79 -6.40 -10.71
N HIS A 80 2.57 -7.08 -9.88
CA HIS A 80 3.00 -6.53 -8.60
C HIS A 80 3.77 -5.22 -8.80
N ARG A 81 4.46 -5.11 -9.93
CA ARG A 81 5.24 -3.91 -10.23
C ARG A 81 4.37 -2.66 -10.19
N ARG A 82 3.14 -2.78 -10.69
CA ARG A 82 2.21 -1.66 -10.72
C ARG A 82 1.71 -1.33 -9.31
N ILE A 83 1.11 -2.33 -8.66
CA ILE A 83 0.58 -2.16 -7.31
C ILE A 83 1.63 -1.56 -6.37
N TYR A 84 2.84 -2.12 -6.42
CA TYR A 84 3.94 -1.64 -5.57
C TYR A 84 4.14 -0.14 -5.73
N ALA A 85 4.13 0.32 -6.98
CA ALA A 85 4.32 1.73 -7.28
C ALA A 85 3.10 2.55 -6.85
N MET A 86 1.94 1.90 -6.82
CA MET A 86 0.70 2.57 -6.44
C MET A 86 0.74 2.99 -4.97
N ILE A 87 0.99 2.05 -4.08
CA ILE A 87 1.06 2.32 -2.65
C ILE A 87 2.07 3.43 -2.35
N SER A 88 3.22 3.36 -3.01
CA SER A 88 4.28 4.35 -2.80
C SER A 88 3.75 5.77 -2.94
N ARG A 89 3.00 6.02 -4.01
CA ARG A 89 2.43 7.35 -4.25
C ARG A 89 1.39 7.71 -3.20
N ASN A 90 0.92 6.71 -2.46
CA ASN A 90 -0.09 6.93 -1.42
C ASN A 90 0.56 7.11 -0.05
N LEU A 91 1.75 7.68 -0.01
CA LEU A 91 2.46 7.90 1.25
C LEU A 91 2.93 9.35 1.36
N VAL A 92 2.39 10.07 2.33
CA VAL A 92 2.77 11.46 2.55
C VAL A 92 4.27 11.61 2.77
N SER A 93 4.77 11.05 3.87
CA SER A 93 6.19 11.12 4.18
C SER A 93 6.86 9.77 3.97
N ALA A 94 7.94 9.75 3.21
CA ALA A 94 8.66 8.52 2.93
C ALA A 94 10.05 8.54 3.56
N ASN A 95 10.31 7.57 4.44
CA ASN A 95 11.60 7.49 5.12
C ASN A 95 12.55 6.57 4.36
N VAL A 96 13.46 7.19 3.60
CA VAL A 96 14.44 6.43 2.82
C VAL A 96 15.86 6.87 3.13
N LYS A 97 16.83 6.02 2.82
CA LYS A 97 18.23 6.32 3.07
C LYS A 97 18.92 6.82 1.80
N GLU A 98 19.53 7.99 1.89
CA GLU A 98 20.22 8.59 0.75
C GLU A 98 19.25 8.84 -0.39
N SER A 99 19.67 9.67 -1.35
CA SER A 99 18.83 9.99 -2.50
C SER A 99 18.87 8.87 -3.54
N SER A 100 17.79 8.73 -4.30
CA SER A 100 17.71 7.71 -5.33
C SER A 100 18.16 8.25 -6.68
N GLU A 101 18.54 7.35 -7.57
CA GLU A 101 19.00 7.74 -8.91
C GLU A 101 17.87 7.60 -9.92
N ASP A 102 17.92 8.43 -10.97
CA ASP A 102 16.90 8.39 -12.02
C ASP A 102 17.37 7.55 -13.21
N ILE A 103 16.42 6.91 -13.87
CA ILE A 103 16.72 6.09 -15.03
C ILE A 103 16.17 6.74 -16.29
N PHE A 104 17.08 7.36 -17.03
CA PHE A 104 16.73 8.02 -18.27
C PHE A 104 17.31 7.30 -19.48
N GLY A 105 18.35 6.50 -19.24
CA GLY A 105 18.98 5.76 -20.32
C GLY A 105 20.43 6.17 -20.53
N ASN A 106 21.15 6.38 -19.42
CA ASN A 106 22.55 6.77 -19.49
C ASN A 106 23.43 5.77 -18.74
N VAL A 107 24.34 5.13 -19.47
CA VAL A 107 25.24 4.14 -18.88
C VAL A 107 26.70 4.53 -19.11
C1 IMY B . -2.69 -11.08 -2.86
N2 IMY B . -3.02 -10.53 -1.70
C3 IMY B . -2.07 -9.42 -1.39
C4 IMY B . -0.83 -9.92 -2.20
N5 IMY B . -1.47 -10.69 -3.26
C13 IMY B . -2.59 -8.06 -1.79
C14 IMY B . -2.11 -6.91 -1.14
C15 IMY B . -2.49 -5.63 -1.55
C16 IMY B . -3.33 -5.47 -2.64
C17 IMY B . -3.84 -6.58 -3.28
C18 IMY B . -3.49 -7.87 -2.86
CL16 IMY B . -3.73 -3.90 -3.20
C20 IMY B . 1.33 -8.64 -1.95
C21 IMY B . 2.30 -7.75 -2.42
C22 IMY B . 2.17 -7.16 -3.66
C23 IMY B . 1.06 -7.45 -4.46
C24 IMY B . 0.11 -8.38 -4.02
C19 IMY B . 0.22 -8.96 -2.75
CL22 IMY B . 3.36 -6.07 -4.24
C28 IMY B . -5.48 -13.01 -4.58
C29 IMY B . -4.83 -12.22 -3.61
C34 IMY B . -3.45 -11.99 -3.73
C25 IMY B . -2.75 -12.57 -4.81
C26 IMY B . -3.42 -13.34 -5.77
C27 IMY B . -4.78 -13.56 -5.65
O3 IMY B . -5.49 -11.64 -2.54
C31 IMY B . -6.92 -11.45 -2.60
C32 IMY B . -7.40 -10.48 -1.51
C33 IMY B . -7.24 -10.86 -3.97
O2 IMY B . -5.56 -14.26 -6.55
C30 IMY B . -4.86 -15.13 -7.46
H3 IMY B . -1.84 -9.43 -0.31
H4 IMY B . -0.31 -10.67 -1.58
H14 IMY B . -1.44 -7.00 -0.28
H15 IMY B . -2.13 -4.76 -1.02
H17 IMY B . -4.54 -6.46 -4.09
H18 IMY B . -3.92 -8.70 -3.40
H20 IMY B . 1.47 -9.08 -0.97
H21 IMY B . 3.16 -7.53 -1.80
H23 IMY B . 0.93 -6.96 -5.42
H24 IMY B . -0.71 -8.62 -4.69
H28 IMY B . -6.55 -13.22 -4.53
H25 IMY B . -1.68 -12.41 -4.94
H26 IMY B . -2.84 -13.74 -6.60
H31 IMY B . -7.45 -12.41 -2.54
H321 IMY B . -6.96 -9.49 -1.64
H322 IMY B . -8.50 -10.37 -1.54
H323 IMY B . -7.12 -10.83 -0.51
H331 IMY B . -6.93 -11.54 -4.76
H332 IMY B . -8.31 -10.67 -4.08
H333 IMY B . -6.69 -9.92 -4.13
H30 IMY B . -4.20 -15.81 -6.92
H301 IMY B . -4.31 -14.55 -8.20
H302 IMY B . -5.60 -15.73 -7.98
N ASN A 1 7.56 -1.29 22.50
CA ASN A 1 8.69 -2.26 22.39
C ASN A 1 9.88 -1.62 21.67
N HIS A 2 11.08 -1.97 22.12
CA HIS A 2 12.31 -1.44 21.52
C HIS A 2 13.04 -2.52 20.73
N ILE A 3 13.74 -2.11 19.69
CA ILE A 3 14.50 -3.03 18.85
C ILE A 3 16.00 -2.78 18.97
N SER A 4 16.43 -1.62 18.47
CA SER A 4 17.85 -1.26 18.52
C SER A 4 18.04 0.21 18.19
N THR A 5 17.91 0.56 16.92
CA THR A 5 18.05 1.94 16.48
C THR A 5 17.48 2.15 15.08
N SER A 6 18.11 1.53 14.09
CA SER A 6 17.65 1.64 12.71
C SER A 6 17.07 0.31 12.22
N ASP A 7 15.75 0.26 12.12
CA ASP A 7 15.06 -0.95 11.67
C ASP A 7 14.20 -0.66 10.45
N GLN A 8 13.49 0.46 10.48
CA GLN A 8 12.62 0.85 9.38
C GLN A 8 13.21 2.05 8.62
N GLU A 9 12.53 2.45 7.55
CA GLU A 9 12.98 3.59 6.75
C GLU A 9 11.95 4.71 6.78
N LYS A 10 12.06 5.65 5.83
CA LYS A 10 11.13 6.77 5.76
C LYS A 10 9.69 6.30 5.83
N LEU A 11 8.99 6.68 6.89
CA LEU A 11 7.59 6.28 7.07
C LEU A 11 6.66 7.23 6.32
N VAL A 12 5.54 6.69 5.84
CA VAL A 12 4.56 7.49 5.11
C VAL A 12 3.29 7.67 5.96
N GLN A 13 2.46 8.63 5.59
CA GLN A 13 1.23 8.88 6.33
C GLN A 13 -0.01 8.67 5.46
N PRO A 14 -0.68 7.52 5.61
CA PRO A 14 -1.89 7.20 4.85
C PRO A 14 -3.09 8.06 5.27
N THR A 15 -3.73 8.69 4.30
CA THR A 15 -4.89 9.52 4.57
C THR A 15 -5.89 8.79 5.46
N PRO A 16 -6.77 9.52 6.16
CA PRO A 16 -7.77 8.91 7.05
C PRO A 16 -8.46 7.71 6.41
N LEU A 17 -8.65 7.77 5.09
CA LEU A 17 -9.30 6.69 4.36
C LEU A 17 -8.38 5.47 4.29
N LEU A 18 -7.21 5.65 3.68
CA LEU A 18 -6.23 4.57 3.56
C LEU A 18 -5.91 4.01 4.94
N LEU A 19 -5.84 4.89 5.93
CA LEU A 19 -5.53 4.50 7.30
C LEU A 19 -6.40 3.31 7.75
N SER A 20 -7.70 3.54 7.86
CA SER A 20 -8.64 2.51 8.29
C SER A 20 -8.38 1.20 7.55
N LEU A 21 -8.13 1.28 6.24
CA LEU A 21 -7.87 0.07 5.46
C LEU A 21 -6.75 -0.73 6.12
N LEU A 22 -5.80 -0.02 6.72
CA LEU A 22 -4.69 -0.65 7.41
C LEU A 22 -5.17 -1.16 8.76
N LYS A 23 -6.07 -0.39 9.38
CA LYS A 23 -6.64 -0.74 10.67
C LYS A 23 -7.27 -2.13 10.63
N SER A 24 -7.82 -2.48 9.47
CA SER A 24 -8.45 -3.78 9.29
C SER A 24 -7.48 -4.78 8.68
N ALA A 25 -6.44 -4.27 8.02
CA ALA A 25 -5.44 -5.13 7.39
C ALA A 25 -4.38 -5.59 8.40
N GLY A 26 -4.56 -5.20 9.66
CA GLY A 26 -3.61 -5.58 10.70
C GLY A 26 -2.68 -4.44 11.06
N ALA A 27 -3.20 -3.22 11.03
CA ALA A 27 -2.43 -2.04 11.36
C ALA A 27 -2.98 -1.35 12.61
N GLN A 28 -2.10 -0.72 13.40
CA GLN A 28 -2.53 -0.05 14.63
C GLN A 28 -2.20 1.44 14.58
N LYS A 29 -0.91 1.76 14.59
CA LYS A 29 -0.46 3.15 14.56
C LYS A 29 -1.10 3.91 13.41
N GLU A 30 -0.81 5.20 13.32
CA GLU A 30 -1.35 6.05 12.26
C GLU A 30 -0.39 6.15 11.08
N THR A 31 0.89 5.99 11.35
CA THR A 31 1.90 6.06 10.29
C THR A 31 2.46 4.68 9.98
N PHE A 32 2.96 4.53 8.76
CA PHE A 32 3.50 3.24 8.32
C PHE A 32 4.50 3.43 7.19
N THR A 33 5.54 2.60 7.16
CA THR A 33 6.55 2.66 6.12
C THR A 33 6.02 2.03 4.84
N MET A 34 6.53 2.48 3.71
CA MET A 34 6.09 1.96 2.41
C MET A 34 6.04 0.42 2.42
N LYS A 35 6.88 -0.19 3.24
CA LYS A 35 6.91 -1.64 3.34
C LYS A 35 5.66 -2.15 4.07
N GLU A 36 5.36 -1.54 5.20
CA GLU A 36 4.19 -1.93 5.99
C GLU A 36 2.91 -1.54 5.26
N VAL A 37 2.86 -0.30 4.77
CA VAL A 37 1.69 0.18 4.05
C VAL A 37 1.34 -0.76 2.90
N LEU A 38 2.26 -0.85 1.94
CA LEU A 38 2.06 -1.71 0.78
C LEU A 38 1.78 -3.15 1.20
N TYR A 39 2.24 -3.51 2.40
CA TYR A 39 2.03 -4.86 2.92
C TYR A 39 0.58 -5.07 3.36
N HIS A 40 0.10 -4.23 4.27
CA HIS A 40 -1.27 -4.34 4.75
C HIS A 40 -2.24 -4.37 3.57
N LEU A 41 -2.03 -3.47 2.61
CA LEU A 41 -2.88 -3.40 1.43
C LEU A 41 -3.09 -4.78 0.82
N GLY A 42 -1.99 -5.52 0.67
CA GLY A 42 -2.09 -6.86 0.13
C GLY A 42 -3.05 -7.71 0.93
N GLN A 43 -3.07 -7.48 2.23
CA GLN A 43 -3.96 -8.20 3.13
C GLN A 43 -5.34 -7.56 3.15
N TYR A 44 -5.37 -6.24 2.94
CA TYR A 44 -6.62 -5.49 2.92
C TYR A 44 -7.53 -6.00 1.80
N ILE A 45 -6.93 -6.35 0.67
CA ILE A 45 -7.68 -6.84 -0.47
C ILE A 45 -8.12 -8.29 -0.26
N MET A 46 -7.15 -9.18 -0.03
CA MET A 46 -7.44 -10.59 0.19
C MET A 46 -8.40 -10.79 1.36
N ALA A 47 -8.33 -9.87 2.34
CA ALA A 47 -9.19 -9.97 3.51
C ALA A 47 -10.62 -9.54 3.16
N LYS A 48 -10.76 -8.30 2.69
CA LYS A 48 -12.06 -7.79 2.31
C LYS A 48 -12.64 -8.57 1.13
N GLN A 49 -11.77 -9.24 0.39
CA GLN A 49 -12.17 -10.04 -0.77
C GLN A 49 -12.59 -9.14 -1.93
N LEU A 50 -11.66 -8.31 -2.39
CA LEU A 50 -11.93 -7.40 -3.50
C LEU A 50 -11.38 -7.94 -4.82
N TYR A 51 -10.66 -9.06 -4.75
CA TYR A 51 -10.08 -9.68 -5.94
C TYR A 51 -11.14 -10.47 -6.70
N ASP A 52 -10.88 -10.73 -7.98
CA ASP A 52 -11.80 -11.49 -8.81
C ASP A 52 -11.54 -12.99 -8.71
N GLU A 53 -12.62 -13.77 -8.73
CA GLU A 53 -12.51 -15.23 -8.65
C GLU A 53 -11.74 -15.78 -9.85
N LYS A 54 -12.19 -15.41 -11.05
CA LYS A 54 -11.53 -15.87 -12.27
C LYS A 54 -10.05 -15.55 -12.23
N GLN A 55 -9.72 -14.27 -12.19
CA GLN A 55 -8.33 -13.84 -12.13
C GLN A 55 -7.98 -13.40 -10.71
N GLN A 56 -6.96 -14.03 -10.15
CA GLN A 56 -6.52 -13.70 -8.79
C GLN A 56 -5.64 -12.45 -8.76
N HIS A 57 -5.43 -11.84 -9.93
CA HIS A 57 -4.61 -10.64 -10.02
C HIS A 57 -5.45 -9.43 -10.42
N ILE A 58 -6.78 -9.56 -10.33
CA ILE A 58 -7.69 -8.47 -10.66
C ILE A 58 -8.46 -8.00 -9.45
N VAL A 59 -8.59 -6.70 -9.31
CA VAL A 59 -9.32 -6.11 -8.19
C VAL A 59 -10.38 -5.13 -8.68
N HIS A 60 -11.65 -5.55 -8.66
CA HIS A 60 -12.74 -4.71 -9.10
C HIS A 60 -13.81 -4.58 -8.02
N CYS A 61 -13.77 -3.47 -7.29
CA CYS A 61 -14.74 -3.22 -6.23
C CYS A 61 -15.32 -1.81 -6.36
N SER A 62 -16.53 -1.72 -6.88
CA SER A 62 -17.18 -0.42 -7.07
C SER A 62 -17.49 0.24 -5.74
N ASN A 63 -18.10 -0.49 -4.82
CA ASN A 63 -18.39 0.09 -3.53
C ASN A 63 -17.39 -0.42 -2.51
N ASP A 64 -16.32 0.34 -2.36
CA ASP A 64 -15.28 -0.01 -1.40
C ASP A 64 -14.39 1.21 -1.10
N PRO A 65 -14.04 1.44 0.18
CA PRO A 65 -13.18 2.56 0.57
C PRO A 65 -11.98 2.67 -0.35
N LEU A 66 -11.51 1.53 -0.85
CA LEU A 66 -10.37 1.51 -1.76
C LEU A 66 -10.69 2.29 -3.02
N GLY A 67 -11.79 1.94 -3.68
CA GLY A 67 -12.21 2.64 -4.86
C GLY A 67 -12.51 4.09 -4.56
N GLU A 68 -12.96 4.34 -3.33
CA GLU A 68 -13.25 5.69 -2.87
C GLU A 68 -11.97 6.48 -2.71
N LEU A 69 -10.92 5.78 -2.31
CA LEU A 69 -9.61 6.39 -2.11
C LEU A 69 -8.92 6.63 -3.45
N PHE A 70 -8.69 5.56 -4.20
CA PHE A 70 -8.04 5.65 -5.50
C PHE A 70 -8.95 6.34 -6.51
N GLY A 71 -10.26 6.24 -6.30
CA GLY A 71 -11.20 6.85 -7.21
C GLY A 71 -11.42 6.04 -8.47
N VAL A 72 -11.30 4.72 -8.36
CA VAL A 72 -11.48 3.84 -9.50
C VAL A 72 -12.47 2.72 -9.18
N GLN A 73 -12.87 1.99 -10.21
CA GLN A 73 -13.83 0.90 -10.04
C GLN A 73 -13.15 -0.45 -10.26
N GLU A 74 -12.12 -0.46 -11.10
CA GLU A 74 -11.39 -1.69 -11.39
C GLU A 74 -9.94 -1.39 -11.75
N PHE A 75 -9.04 -2.30 -11.37
CA PHE A 75 -7.62 -2.12 -11.65
C PHE A 75 -6.87 -3.46 -11.53
N SER A 76 -5.74 -3.55 -12.23
CA SER A 76 -4.93 -4.76 -12.20
C SER A 76 -3.64 -4.52 -11.43
N VAL A 77 -3.33 -5.44 -10.52
CA VAL A 77 -2.11 -5.32 -9.71
C VAL A 77 -0.86 -5.60 -10.53
N LYS A 78 -1.04 -6.06 -11.77
CA LYS A 78 0.09 -6.36 -12.65
C LYS A 78 0.99 -5.13 -12.81
N GLU A 79 0.38 -3.96 -12.80
CA GLU A 79 1.12 -2.70 -12.93
C GLU A 79 1.53 -2.16 -11.57
N HIS A 80 2.60 -2.70 -11.02
CA HIS A 80 3.10 -2.27 -9.71
C HIS A 80 3.47 -0.79 -9.74
N ARG A 81 3.95 -0.32 -10.88
CA ARG A 81 4.35 1.08 -11.03
C ARG A 81 3.16 2.01 -10.80
N ARG A 82 1.96 1.53 -11.09
CA ARG A 82 0.75 2.33 -10.92
C ARG A 82 0.29 2.31 -9.45
N ILE A 83 0.33 1.13 -8.85
CA ILE A 83 -0.09 0.98 -7.45
C ILE A 83 0.78 1.83 -6.52
N TYR A 84 2.09 1.65 -6.61
CA TYR A 84 3.02 2.41 -5.77
C TYR A 84 2.82 3.91 -5.95
N ALA A 85 2.83 4.36 -7.20
CA ALA A 85 2.65 5.77 -7.51
C ALA A 85 1.24 6.24 -7.14
N MET A 86 0.30 5.30 -7.11
CA MET A 86 -1.08 5.59 -6.77
C MET A 86 -1.22 5.85 -5.28
N ILE A 87 -0.95 4.82 -4.48
CA ILE A 87 -1.04 4.94 -3.03
C ILE A 87 -0.20 6.09 -2.51
N SER A 88 0.90 6.39 -3.22
CA SER A 88 1.78 7.47 -2.83
C SER A 88 1.05 8.81 -2.83
N ARG A 89 0.39 9.11 -3.95
CA ARG A 89 -0.36 10.36 -4.08
C ARG A 89 -1.44 10.47 -3.01
N ASN A 90 -1.84 9.33 -2.45
CA ASN A 90 -2.86 9.29 -1.42
C ASN A 90 -2.25 9.29 -0.02
N LEU A 91 -1.17 10.05 0.14
CA LEU A 91 -0.48 10.13 1.43
C LEU A 91 -0.38 11.59 1.89
N VAL A 92 -1.03 11.91 3.00
CA VAL A 92 -1.01 13.26 3.53
C VAL A 92 0.43 13.77 3.72
N SER A 93 1.06 13.40 4.83
CA SER A 93 2.43 13.82 5.11
C SER A 93 3.39 12.65 4.96
N ALA A 94 4.12 12.62 3.84
CA ALA A 94 5.07 11.55 3.59
C ALA A 94 6.51 12.04 3.71
N ASN A 95 7.40 11.14 4.12
CA ASN A 95 8.81 11.47 4.29
C ASN A 95 9.54 11.42 2.95
N VAL A 96 10.70 12.07 2.89
CA VAL A 96 11.49 12.12 1.67
C VAL A 96 12.01 10.73 1.29
N LYS A 97 12.21 10.53 -0.01
CA LYS A 97 12.69 9.26 -0.52
C LYS A 97 14.21 9.30 -0.73
N GLU A 98 14.84 8.14 -0.63
CA GLU A 98 16.29 8.03 -0.81
C GLU A 98 16.63 6.93 -1.81
N SER A 99 17.21 7.32 -2.95
CA SER A 99 17.58 6.37 -3.99
C SER A 99 18.83 5.60 -3.58
N SER A 100 18.78 4.27 -3.75
CA SER A 100 19.92 3.43 -3.41
C SER A 100 20.18 2.41 -4.51
N GLU A 101 21.45 2.07 -4.71
CA GLU A 101 21.84 1.12 -5.74
C GLU A 101 21.24 -0.26 -5.45
N ASP A 102 20.37 -0.71 -6.34
CA ASP A 102 19.72 -2.01 -6.19
C ASP A 102 20.30 -3.02 -7.18
N ILE A 103 20.33 -4.29 -6.77
CA ILE A 103 20.82 -5.35 -7.62
C ILE A 103 19.69 -6.26 -8.05
N PHE A 104 19.25 -6.07 -9.28
CA PHE A 104 18.17 -6.86 -9.85
C PHE A 104 18.59 -8.31 -10.04
N GLY A 105 19.88 -8.53 -10.22
CA GLY A 105 20.40 -9.88 -10.41
C GLY A 105 21.05 -10.06 -11.77
N ASN A 106 21.76 -9.04 -12.23
CA ASN A 106 22.44 -9.10 -13.52
C ASN A 106 23.95 -9.11 -13.34
N VAL A 107 24.61 -10.06 -13.98
CA VAL A 107 26.06 -10.18 -13.90
C VAL A 107 26.76 -9.23 -14.87
C1 IMY B . -0.48 -8.88 -4.52
N2 IMY B . -0.82 -8.63 -3.26
C3 IMY B . -0.18 -7.35 -2.84
C4 IMY B . 1.05 -7.35 -3.80
N5 IMY B . 0.53 -8.12 -4.93
C13 IMY B . -1.10 -6.16 -2.97
C14 IMY B . -0.92 -5.05 -2.13
C15 IMY B . -1.68 -3.88 -2.30
C16 IMY B . -2.61 -3.80 -3.32
C17 IMY B . -2.84 -4.90 -4.12
C18 IMY B . -2.10 -6.07 -3.95
CL16 IMY B . -3.49 -2.35 -3.57
C20 IMY B . 2.72 -5.48 -3.45
C21 IMY B . 3.34 -4.30 -3.81
C22 IMY B . 2.96 -3.65 -4.98
C23 IMY B . 1.97 -4.18 -5.78
C24 IMY B . 1.38 -5.41 -5.44
C19 IMY B . 1.72 -6.06 -4.25
CL22 IMY B . 3.73 -2.19 -5.44
C28 IMY B . -2.82 -11.24 -6.38
C29 IMY B . -2.32 -10.44 -5.33
C34 IMY B . -1.05 -9.85 -5.47
C25 IMY B . -0.31 -10.10 -6.65
C26 IMY B . -0.82 -10.89 -7.67
C27 IMY B . -2.09 -11.47 -7.54
O3 IMY B . -3.02 -10.18 -4.17
C31 IMY B . -4.46 -10.36 -4.15
C32 IMY B . -5.08 -9.71 -2.92
C33 IMY B . -5.01 -9.68 -5.40
O2 IMY B . -2.73 -12.23 -8.50
C30 IMY B . -1.90 -12.77 -9.54
H3 IMY B . 0.16 -7.46 -1.79
H4 IMY B . 1.82 -8.00 -3.35
H14 IMY B . -0.18 -5.07 -1.33
H15 IMY B . -1.55 -3.04 -1.63
H17 IMY B . -3.62 -4.85 -4.87
H18 IMY B . -2.33 -6.90 -4.62
H20 IMY B . 3.03 -5.96 -2.51
H21 IMY B . 4.13 -3.88 -3.18
H23 IMY B . 1.65 -3.67 -6.68
H24 IMY B . 0.64 -5.82 -6.12
H28 IMY B . -3.79 -11.73 -6.32
H25 IMY B . 0.67 -9.66 -6.80
H26 IMY B . -0.22 -11.03 -8.57
H31 IMY B . -4.73 -11.41 -4.22
H321 IMY B . -4.90 -8.63 -2.90
H322 IMY B . -6.16 -9.88 -2.89
H323 IMY B . -4.66 -10.10 -1.99
H331 IMY B . -4.60 -10.15 -6.30
H332 IMY B . -6.10 -9.76 -5.45
H333 IMY B . -4.73 -8.62 -5.43
H30 IMY B . -1.15 -13.46 -9.13
H301 IMY B . -1.41 -11.97 -10.11
H302 IMY B . -2.55 -13.33 -10.22
N ASN A 1 -13.50 9.79 17.22
CA ASN A 1 -12.25 10.58 17.10
C ASN A 1 -12.45 11.80 16.22
N HIS A 2 -11.53 12.75 16.31
CA HIS A 2 -11.61 13.98 15.52
C HIS A 2 -10.64 13.91 14.33
N ILE A 3 -11.16 13.48 13.18
CA ILE A 3 -10.34 13.36 11.97
C ILE A 3 -9.24 12.33 12.15
N SER A 4 -8.18 12.69 12.87
CA SER A 4 -7.06 11.79 13.10
C SER A 4 -6.39 11.39 11.79
N THR A 5 -6.98 10.42 11.09
CA THR A 5 -6.44 9.95 9.82
C THR A 5 -7.24 10.51 8.64
N SER A 6 -8.50 10.85 8.90
CA SER A 6 -9.36 11.40 7.86
C SER A 6 -8.72 12.60 7.17
N ASP A 7 -9.11 12.86 5.93
CA ASP A 7 -8.57 13.97 5.16
C ASP A 7 -7.07 13.79 4.92
N GLN A 8 -6.65 14.05 3.69
CA GLN A 8 -5.24 13.91 3.33
C GLN A 8 -4.35 14.71 4.27
N GLU A 9 -3.32 14.06 4.79
CA GLU A 9 -2.38 14.72 5.70
C GLU A 9 -0.97 14.16 5.50
N LYS A 10 -0.70 13.03 6.12
CA LYS A 10 0.61 12.39 6.01
C LYS A 10 0.75 11.71 4.65
N LEU A 11 1.99 11.61 4.17
CA LEU A 11 2.25 10.98 2.87
C LEU A 11 3.24 9.83 3.02
N VAL A 12 3.17 8.89 2.09
CA VAL A 12 4.06 7.74 2.09
C VAL A 12 4.98 7.77 0.87
N GLN A 13 6.07 7.02 0.91
CA GLN A 13 7.03 6.99 -0.19
C GLN A 13 7.30 5.56 -0.67
N PRO A 14 6.58 5.09 -1.69
CA PRO A 14 6.76 3.74 -2.24
C PRO A 14 8.16 3.56 -2.83
N THR A 15 8.81 2.45 -2.48
CA THR A 15 10.14 2.16 -2.99
C THR A 15 10.19 2.33 -4.51
N PRO A 16 11.40 2.46 -5.08
CA PRO A 16 11.56 2.63 -6.53
C PRO A 16 10.74 1.63 -7.33
N LEU A 17 10.50 0.46 -6.74
CA LEU A 17 9.71 -0.58 -7.40
C LEU A 17 8.24 -0.19 -7.44
N LEU A 18 7.64 -0.07 -6.25
CA LEU A 18 6.23 0.31 -6.15
C LEU A 18 6.01 1.70 -6.76
N LEU A 19 7.04 2.53 -6.67
CA LEU A 19 6.99 3.89 -7.21
C LEU A 19 6.62 3.87 -8.69
N SER A 20 7.40 3.16 -9.49
CA SER A 20 7.17 3.06 -10.92
C SER A 20 5.75 2.58 -11.23
N LEU A 21 5.29 1.57 -10.48
CA LEU A 21 3.95 1.05 -10.68
C LEU A 21 2.93 2.18 -10.68
N LEU A 22 3.03 3.05 -9.68
CA LEU A 22 2.15 4.20 -9.57
C LEU A 22 2.39 5.13 -10.75
N LYS A 23 3.67 5.42 -10.99
CA LYS A 23 4.08 6.28 -12.08
C LYS A 23 3.39 5.89 -13.38
N SER A 24 3.27 4.59 -13.60
CA SER A 24 2.61 4.07 -14.79
C SER A 24 1.10 3.92 -14.59
N ALA A 25 0.70 3.81 -13.32
CA ALA A 25 -0.71 3.67 -12.98
C ALA A 25 -1.47 4.99 -13.14
N GLY A 26 -0.74 6.06 -13.45
CA GLY A 26 -1.36 7.36 -13.60
C GLY A 26 -0.90 8.36 -12.57
N ALA A 27 0.11 7.98 -11.79
CA ALA A 27 0.65 8.85 -10.76
C ALA A 27 1.75 9.75 -11.34
N GLN A 28 1.89 10.97 -10.81
CA GLN A 28 2.91 11.89 -11.31
C GLN A 28 4.00 12.14 -10.28
N LYS A 29 3.65 12.82 -9.19
CA LYS A 29 4.62 13.12 -8.13
C LYS A 29 5.41 11.89 -7.71
N GLU A 30 6.37 12.07 -6.82
CA GLU A 30 7.19 10.98 -6.33
C GLU A 30 6.63 10.39 -5.05
N THR A 31 5.96 11.23 -4.26
CA THR A 31 5.37 10.79 -3.00
C THR A 31 3.85 10.90 -3.05
N PHE A 32 3.16 9.91 -2.51
CA PHE A 32 1.71 9.91 -2.50
C PHE A 32 1.17 9.51 -1.13
N THR A 33 0.00 10.04 -0.78
CA THR A 33 -0.63 9.71 0.48
C THR A 33 -1.30 8.35 0.39
N MET A 34 -1.41 7.67 1.53
CA MET A 34 -2.01 6.34 1.58
C MET A 34 -3.28 6.24 0.71
N LYS A 35 -3.98 7.35 0.56
CA LYS A 35 -5.19 7.37 -0.26
C LYS A 35 -4.85 7.32 -1.75
N GLU A 36 -4.00 8.25 -2.18
CA GLU A 36 -3.59 8.30 -3.58
C GLU A 36 -2.78 7.06 -3.94
N VAL A 37 -1.90 6.66 -3.04
CA VAL A 37 -1.06 5.48 -3.26
C VAL A 37 -1.94 4.27 -3.55
N LEU A 38 -2.79 3.93 -2.57
CA LEU A 38 -3.70 2.80 -2.69
C LEU A 38 -4.64 3.00 -3.87
N TYR A 39 -4.77 4.23 -4.33
CA TYR A 39 -5.66 4.54 -5.46
C TYR A 39 -5.04 4.11 -6.79
N HIS A 40 -3.86 4.66 -7.12
CA HIS A 40 -3.21 4.32 -8.38
C HIS A 40 -2.78 2.85 -8.39
N LEU A 41 -2.53 2.31 -7.21
CA LEU A 41 -2.12 0.91 -7.09
C LEU A 41 -3.23 0.00 -7.61
N GLY A 42 -4.47 0.32 -7.26
CA GLY A 42 -5.59 -0.48 -7.71
C GLY A 42 -5.73 -0.41 -9.21
N GLN A 43 -5.46 0.77 -9.76
CA GLN A 43 -5.53 0.98 -11.21
C GLN A 43 -4.34 0.31 -11.90
N TYR A 44 -3.27 0.09 -11.14
CA TYR A 44 -2.07 -0.55 -11.68
C TYR A 44 -2.36 -2.00 -12.02
N ILE A 45 -3.22 -2.63 -11.21
CA ILE A 45 -3.59 -4.02 -11.43
C ILE A 45 -4.48 -4.17 -12.65
N MET A 46 -5.58 -3.42 -12.67
CA MET A 46 -6.51 -3.47 -13.79
C MET A 46 -5.80 -3.06 -15.08
N ALA A 47 -4.79 -2.20 -14.96
CA ALA A 47 -4.02 -1.75 -16.10
C ALA A 47 -3.05 -2.83 -16.56
N LYS A 48 -2.17 -3.25 -15.66
CA LYS A 48 -1.19 -4.29 -15.97
C LYS A 48 -1.90 -5.61 -16.30
N GLN A 49 -3.11 -5.77 -15.77
CA GLN A 49 -3.90 -6.98 -15.99
C GLN A 49 -3.28 -8.17 -15.28
N LEU A 50 -3.34 -8.16 -13.95
CA LEU A 50 -2.80 -9.25 -13.15
C LEU A 50 -3.90 -10.01 -12.41
N TYR A 51 -5.15 -9.60 -12.61
CA TYR A 51 -6.28 -10.24 -11.97
C TYR A 51 -6.65 -11.53 -12.69
N ASP A 52 -7.29 -12.45 -11.97
CA ASP A 52 -7.72 -13.72 -12.54
C ASP A 52 -9.05 -13.58 -13.28
N GLU A 53 -9.16 -14.25 -14.42
CA GLU A 53 -10.38 -14.20 -15.21
C GLU A 53 -11.56 -14.81 -14.45
N LYS A 54 -11.34 -16.00 -13.89
CA LYS A 54 -12.38 -16.69 -13.13
C LYS A 54 -12.86 -15.82 -11.97
N GLN A 55 -11.92 -15.32 -11.19
CA GLN A 55 -12.23 -14.46 -10.04
C GLN A 55 -11.50 -13.14 -10.15
N GLN A 56 -12.26 -12.04 -10.13
CA GLN A 56 -11.68 -10.70 -10.23
C GLN A 56 -11.08 -10.26 -8.90
N HIS A 57 -11.46 -10.93 -7.81
CA HIS A 57 -10.95 -10.59 -6.49
C HIS A 57 -9.64 -11.32 -6.19
N ILE A 58 -9.09 -11.99 -7.20
CA ILE A 58 -7.84 -12.72 -7.03
C ILE A 58 -6.78 -12.21 -8.00
N VAL A 59 -5.57 -12.00 -7.49
CA VAL A 59 -4.47 -11.49 -8.30
C VAL A 59 -3.25 -12.40 -8.18
N HIS A 60 -3.00 -13.21 -9.22
CA HIS A 60 -1.87 -14.12 -9.22
C HIS A 60 -1.03 -13.95 -10.48
N CYS A 61 0.07 -13.19 -10.35
CA CYS A 61 0.97 -12.95 -11.47
C CYS A 61 2.42 -13.23 -11.06
N SER A 62 2.93 -14.39 -11.46
CA SER A 62 4.30 -14.75 -11.11
C SER A 62 5.31 -13.75 -11.68
N ASN A 63 5.16 -13.42 -12.95
CA ASN A 63 6.07 -12.45 -13.53
C ASN A 63 5.40 -11.08 -13.54
N ASP A 64 5.65 -10.32 -12.49
CA ASP A 64 5.07 -8.99 -12.37
C ASP A 64 5.83 -8.16 -11.33
N PRO A 65 6.04 -6.86 -11.61
CA PRO A 65 6.75 -5.98 -10.68
C PRO A 65 6.06 -5.94 -9.32
N LEU A 66 4.79 -6.30 -9.28
CA LEU A 66 4.02 -6.32 -8.04
C LEU A 66 4.37 -7.55 -7.23
N GLY A 67 4.39 -8.71 -7.88
CA GLY A 67 4.72 -9.94 -7.20
C GLY A 67 6.10 -9.90 -6.59
N GLU A 68 7.05 -9.30 -7.32
CA GLU A 68 8.41 -9.19 -6.85
C GLU A 68 8.49 -8.19 -5.70
N LEU A 69 7.58 -7.22 -5.69
CA LEU A 69 7.53 -6.21 -4.65
C LEU A 69 7.08 -6.81 -3.33
N PHE A 70 5.86 -7.34 -3.32
CA PHE A 70 5.30 -7.96 -2.12
C PHE A 70 6.04 -9.24 -1.76
N GLY A 71 6.61 -9.90 -2.78
CA GLY A 71 7.33 -11.13 -2.55
C GLY A 71 6.45 -12.35 -2.63
N VAL A 72 5.37 -12.25 -3.41
CA VAL A 72 4.44 -13.36 -3.58
C VAL A 72 4.03 -13.52 -5.04
N GLN A 73 3.36 -14.63 -5.33
CA GLN A 73 2.91 -14.90 -6.69
C GLN A 73 1.40 -14.76 -6.80
N GLU A 74 0.70 -15.03 -5.71
CA GLU A 74 -0.75 -14.93 -5.68
C GLU A 74 -1.24 -14.39 -4.34
N PHE A 75 -2.26 -13.55 -4.40
CA PHE A 75 -2.82 -12.96 -3.17
C PHE A 75 -4.22 -12.41 -3.43
N SER A 76 -5.14 -12.72 -2.54
CA SER A 76 -6.52 -12.26 -2.66
C SER A 76 -6.65 -10.83 -2.15
N VAL A 77 -7.51 -10.04 -2.79
CA VAL A 77 -7.72 -8.66 -2.39
C VAL A 77 -8.81 -8.53 -1.33
N LYS A 78 -9.22 -9.66 -0.75
CA LYS A 78 -10.26 -9.68 0.27
C LYS A 78 -9.69 -9.21 1.60
N GLU A 79 -8.44 -9.58 1.87
CA GLU A 79 -7.77 -9.20 3.11
C GLU A 79 -7.16 -7.82 2.98
N HIS A 80 -8.00 -6.79 2.99
CA HIS A 80 -7.54 -5.41 2.88
C HIS A 80 -6.47 -5.09 3.90
N ARG A 81 -6.50 -5.79 5.03
CA ARG A 81 -5.53 -5.58 6.10
C ARG A 81 -4.14 -6.05 5.68
N ARG A 82 -4.11 -7.12 4.89
CA ARG A 82 -2.84 -7.68 4.42
C ARG A 82 -2.17 -6.75 3.40
N ILE A 83 -2.93 -6.39 2.37
CA ILE A 83 -2.42 -5.50 1.32
C ILE A 83 -1.86 -4.21 1.91
N TYR A 84 -2.68 -3.52 2.71
CA TYR A 84 -2.26 -2.28 3.35
C TYR A 84 -0.94 -2.46 4.08
N ALA A 85 -0.75 -3.64 4.67
CA ALA A 85 0.48 -3.95 5.39
C ALA A 85 1.60 -4.29 4.43
N MET A 86 1.25 -4.96 3.33
CA MET A 86 2.23 -5.34 2.32
C MET A 86 2.93 -4.12 1.75
N ILE A 87 2.16 -3.29 1.05
CA ILE A 87 2.69 -2.07 0.45
C ILE A 87 3.40 -1.21 1.49
N SER A 88 2.87 -1.19 2.71
CA SER A 88 3.45 -0.42 3.80
C SER A 88 4.91 -0.80 4.02
N ARG A 89 5.18 -2.09 4.10
CA ARG A 89 6.53 -2.59 4.31
C ARG A 89 7.48 -2.09 3.22
N ASN A 90 6.92 -1.82 2.05
CA ASN A 90 7.72 -1.34 0.92
C ASN A 90 7.69 0.18 0.82
N LEU A 91 7.81 0.86 1.96
CA LEU A 91 7.79 2.31 1.99
C LEU A 91 8.99 2.86 2.74
N VAL A 92 9.88 3.54 2.02
CA VAL A 92 11.07 4.11 2.63
C VAL A 92 10.71 5.19 3.65
N SER A 93 9.91 6.16 3.22
CA SER A 93 9.47 7.23 4.10
C SER A 93 7.99 7.08 4.44
N ALA A 94 7.72 6.56 5.63
CA ALA A 94 6.34 6.35 6.07
C ALA A 94 5.98 7.27 7.22
N ASN A 95 5.21 8.31 6.92
CA ASN A 95 4.79 9.27 7.95
C ASN A 95 3.48 8.83 8.60
N VAL A 96 3.59 8.24 9.78
CA VAL A 96 2.42 7.77 10.51
C VAL A 96 2.38 8.35 11.93
N LYS A 97 1.19 8.35 12.52
CA LYS A 97 1.01 8.87 13.87
C LYS A 97 1.63 7.92 14.90
N GLU A 98 2.52 8.46 15.72
CA GLU A 98 3.18 7.66 16.75
C GLU A 98 3.45 8.50 18.00
N SER A 99 2.67 8.26 19.04
CA SER A 99 2.82 8.98 20.30
C SER A 99 4.04 8.49 21.07
N SER A 100 4.74 9.42 21.71
CA SER A 100 5.93 9.09 22.49
C SER A 100 5.55 8.59 23.88
N GLU A 101 5.92 7.35 24.17
CA GLU A 101 5.62 6.75 25.46
C GLU A 101 6.89 6.62 26.32
N ASP A 102 6.83 7.13 27.54
CA ASP A 102 7.97 7.07 28.44
C ASP A 102 7.66 6.19 29.65
N ILE A 103 8.63 5.35 30.03
CA ILE A 103 8.47 4.47 31.16
C ILE A 103 9.37 4.91 32.30
N PHE A 104 8.78 5.56 33.28
CA PHE A 104 9.50 6.05 34.44
C PHE A 104 9.15 5.25 35.68
N GLY A 105 8.84 3.96 35.48
CA GLY A 105 8.49 3.11 36.59
C GLY A 105 7.15 3.45 37.20
N ASN A 106 6.20 3.85 36.36
CA ASN A 106 4.87 4.22 36.82
C ASN A 106 3.96 3.00 36.88
N VAL A 107 3.46 2.69 38.07
CA VAL A 107 2.58 1.55 38.26
C VAL A 107 1.17 2.01 38.66
C1 IMY B . -10.04 -3.44 -5.46
N2 IMY B . -9.35 -2.55 -6.17
C3 IMY B . -8.47 -1.79 -5.24
C4 IMY B . -9.30 -1.93 -3.91
N5 IMY B . -9.99 -3.20 -4.15
C13 IMY B . -7.05 -2.34 -5.18
C14 IMY B . -6.02 -1.52 -4.71
C15 IMY B . -4.73 -2.03 -4.53
C16 IMY B . -4.46 -3.36 -4.80
C17 IMY B . -5.46 -4.17 -5.30
C18 IMY B . -6.75 -3.68 -5.50
CL16 IMY B . -2.90 -4.01 -4.51
C20 IMY B . -8.28 -0.64 -2.00
C21 IMY B . -7.66 -0.57 -0.75
C22 IMY B . -7.38 -1.73 -0.04
C23 IMY B . -7.72 -2.97 -0.58
C24 IMY B . -8.38 -3.04 -1.80
C19 IMY B . -8.65 -1.89 -2.55
CL22 IMY B . -6.62 -1.64 1.49
C28 IMY B . -11.55 -6.23 -7.57
C29 IMY B . -10.88 -5.04 -7.26
C34 IMY B . -10.84 -4.59 -5.93
C25 IMY B . -11.49 -5.36 -4.93
C26 IMY B . -12.15 -6.54 -5.25
C27 IMY B . -12.17 -6.98 -6.57
O3 IMY B . -10.23 -4.26 -8.21
C31 IMY B . -9.85 -4.86 -9.48
C32 IMY B . -8.90 -3.95 -10.26
C33 IMY B . -9.14 -6.18 -9.15
O2 IMY B . -12.76 -8.17 -7.01
C30 IMY B . -13.70 -8.78 -6.12
H3 IMY B . -8.45 -0.73 -5.55
H4 IMY B . -10.09 -1.18 -3.94
H14 IMY B . -6.20 -0.47 -4.47
H15 IMY B . -3.92 -1.38 -4.20
H17 IMY B . -5.23 -5.19 -5.57
H18 IMY B . -7.49 -4.35 -5.90
H20 IMY B . -8.48 0.28 -2.53
H21 IMY B . -7.41 0.40 -0.33
H23 IMY B . -7.46 -3.89 -0.04
H24 IMY B . -8.66 -4.03 -2.16
H28 IMY B . -11.63 -6.62 -8.58
H25 IMY B . -11.47 -5.05 -3.88
H26 IMY B . -12.61 -7.11 -4.45
H31 IMY B . -10.73 -5.12 -10.07
H321 IMY B . -7.97 -3.80 -9.71
H322 IMY B . -8.64 -4.40 -11.23
H323 IMY B . -9.33 -2.96 -10.44
H331 IMY B . -9.81 -6.85 -8.62
H332 IMY B . -8.80 -6.67 -10.06
H333 IMY B . -8.27 -6.00 -8.49
H30 IMY B . -14.48 -8.07 -5.82
H301 IMY B . -13.18 -9.20 -5.24
H302 IMY B . -14.16 -9.61 -6.65
N ASN A 1 -9.84 26.91 16.59
CA ASN A 1 -9.18 26.11 15.53
C ASN A 1 -9.78 24.72 15.43
N HIS A 2 -10.64 24.52 14.44
CA HIS A 2 -11.28 23.22 14.24
C HIS A 2 -10.26 22.16 13.83
N ILE A 3 -10.50 20.93 14.27
CA ILE A 3 -9.61 19.82 13.94
C ILE A 3 -8.26 19.97 14.66
N SER A 4 -7.49 20.98 14.25
CA SER A 4 -6.18 21.23 14.85
C SER A 4 -5.29 20.00 14.75
N THR A 5 -4.07 20.11 15.27
CA THR A 5 -3.11 19.00 15.23
C THR A 5 -2.81 18.59 13.79
N SER A 6 -1.78 17.77 13.62
CA SER A 6 -1.39 17.31 12.30
C SER A 6 -2.44 16.38 11.70
N ASP A 7 -3.20 16.90 10.75
CA ASP A 7 -4.24 16.11 10.09
C ASP A 7 -3.65 15.02 9.23
N GLN A 8 -2.43 15.24 8.75
CA GLN A 8 -1.75 14.27 7.90
C GLN A 8 -1.62 12.91 8.61
N GLU A 9 -2.11 11.87 7.96
CA GLU A 9 -2.05 10.52 8.52
C GLU A 9 -0.70 9.86 8.24
N LYS A 10 -0.52 8.66 8.78
CA LYS A 10 0.73 7.92 8.59
C LYS A 10 1.04 7.77 7.10
N LEU A 11 2.29 8.04 6.73
CA LEU A 11 2.73 7.93 5.34
C LEU A 11 3.75 6.82 5.17
N VAL A 12 3.79 6.26 3.97
CA VAL A 12 4.75 5.20 3.65
C VAL A 12 5.45 5.52 2.33
N GLN A 13 6.71 5.12 2.18
CA GLN A 13 7.46 5.42 0.97
C GLN A 13 7.59 4.18 0.08
N PRO A 14 6.81 4.12 -1.03
CA PRO A 14 6.87 2.99 -1.97
C PRO A 14 8.16 2.99 -2.79
N THR A 15 8.79 1.83 -2.91
CA THR A 15 10.03 1.73 -3.68
C THR A 15 9.81 2.29 -5.08
N PRO A 16 10.90 2.74 -5.75
CA PRO A 16 10.81 3.32 -7.09
C PRO A 16 9.90 2.49 -8.01
N LEU A 17 9.86 1.18 -7.78
CA LEU A 17 9.02 0.30 -8.58
C LEU A 17 7.56 0.50 -8.23
N LEU A 18 7.23 0.36 -6.94
CA LEU A 18 5.86 0.56 -6.49
C LEU A 18 5.39 1.97 -6.81
N LEU A 19 6.31 2.92 -6.65
CA LEU A 19 6.04 4.33 -6.93
C LEU A 19 5.32 4.49 -8.27
N SER A 20 5.97 4.05 -9.34
CA SER A 20 5.40 4.15 -10.69
C SER A 20 4.00 3.55 -10.74
N LEU A 21 3.82 2.37 -10.15
CA LEU A 21 2.51 1.73 -10.13
C LEU A 21 1.47 2.70 -9.58
N LEU A 22 1.81 3.34 -8.47
CA LEU A 22 0.93 4.31 -7.86
C LEU A 22 0.78 5.50 -8.80
N LYS A 23 1.91 6.00 -9.27
CA LYS A 23 1.94 7.13 -10.20
C LYS A 23 0.92 6.93 -11.32
N SER A 24 0.80 5.70 -11.78
CA SER A 24 -0.15 5.36 -12.85
C SER A 24 -1.54 5.07 -12.28
N ALA A 25 -1.59 4.69 -11.00
CA ALA A 25 -2.85 4.38 -10.35
C ALA A 25 -3.54 5.64 -9.83
N GLY A 26 -2.99 6.81 -10.16
CA GLY A 26 -3.59 8.06 -9.72
C GLY A 26 -2.89 8.63 -8.49
N ALA A 27 -1.56 8.47 -8.45
CA ALA A 27 -0.77 8.97 -7.33
C ALA A 27 0.22 10.04 -7.81
N GLN A 28 0.53 11.02 -6.96
CA GLN A 28 1.46 12.09 -7.33
C GLN A 28 2.60 12.21 -6.32
N LYS A 29 2.24 12.45 -5.06
CA LYS A 29 3.23 12.60 -4.00
C LYS A 29 4.18 11.41 -3.97
N GLU A 30 5.25 11.54 -3.18
CA GLU A 30 6.24 10.47 -3.05
C GLU A 30 5.84 9.49 -1.96
N THR A 31 5.16 9.99 -0.93
CA THR A 31 4.72 9.14 0.17
C THR A 31 3.20 9.12 0.24
N PHE A 32 2.65 7.94 0.51
CA PHE A 32 1.22 7.78 0.61
C PHE A 32 0.84 7.02 1.87
N THR A 33 -0.34 7.28 2.40
CA THR A 33 -0.81 6.59 3.60
C THR A 33 -1.28 5.19 3.22
N MET A 34 -1.09 4.24 4.13
CA MET A 34 -1.48 2.85 3.87
C MET A 34 -2.84 2.75 3.18
N LYS A 35 -3.71 3.72 3.43
CA LYS A 35 -5.03 3.72 2.81
C LYS A 35 -4.93 4.06 1.32
N GLU A 36 -4.20 5.12 1.02
CA GLU A 36 -4.02 5.55 -0.37
C GLU A 36 -3.27 4.48 -1.15
N VAL A 37 -2.16 4.01 -0.58
CA VAL A 37 -1.35 2.98 -1.22
C VAL A 37 -2.21 1.78 -1.58
N LEU A 38 -2.67 1.07 -0.55
CA LEU A 38 -3.52 -0.11 -0.74
C LEU A 38 -4.65 0.19 -1.71
N TYR A 39 -5.07 1.45 -1.76
CA TYR A 39 -6.15 1.87 -2.64
C TYR A 39 -5.71 1.90 -4.10
N HIS A 40 -4.65 2.65 -4.41
CA HIS A 40 -4.16 2.76 -5.77
C HIS A 40 -3.96 1.38 -6.39
N LEU A 41 -3.53 0.41 -5.58
CA LEU A 41 -3.30 -0.94 -6.06
C LEU A 41 -4.56 -1.46 -6.75
N GLY A 42 -5.69 -1.38 -6.05
CA GLY A 42 -6.94 -1.84 -6.64
C GLY A 42 -7.19 -1.21 -7.99
N GLN A 43 -6.79 0.04 -8.13
CA GLN A 43 -6.94 0.77 -9.38
C GLN A 43 -5.81 0.39 -10.34
N TYR A 44 -4.67 0.00 -9.78
CA TYR A 44 -3.51 -0.39 -10.59
C TYR A 44 -3.75 -1.74 -11.27
N ILE A 45 -4.00 -2.76 -10.46
CA ILE A 45 -4.25 -4.10 -10.97
C ILE A 45 -5.37 -4.11 -12.01
N MET A 46 -6.49 -3.47 -11.66
CA MET A 46 -7.63 -3.40 -12.57
C MET A 46 -7.25 -2.73 -13.88
N ALA A 47 -6.30 -1.82 -13.82
CA ALA A 47 -5.84 -1.11 -15.01
C ALA A 47 -5.07 -2.04 -15.94
N LYS A 48 -3.99 -2.61 -15.42
CA LYS A 48 -3.18 -3.53 -16.20
C LYS A 48 -3.94 -4.83 -16.50
N GLN A 49 -4.84 -5.19 -15.60
CA GLN A 49 -5.64 -6.40 -15.74
C GLN A 49 -4.82 -7.64 -15.44
N LEU A 50 -4.32 -7.73 -14.21
CA LEU A 50 -3.51 -8.87 -13.79
C LEU A 50 -4.38 -9.96 -13.16
N TYR A 51 -5.66 -9.65 -12.95
CA TYR A 51 -6.58 -10.61 -12.35
C TYR A 51 -7.07 -11.62 -13.38
N ASP A 52 -7.43 -12.82 -12.90
CA ASP A 52 -7.91 -13.87 -13.77
C ASP A 52 -9.38 -13.69 -14.10
N GLU A 53 -9.77 -14.05 -15.32
CA GLU A 53 -11.16 -13.92 -15.75
C GLU A 53 -12.08 -14.74 -14.86
N LYS A 54 -11.77 -16.02 -14.68
CA LYS A 54 -12.56 -16.91 -13.85
C LYS A 54 -12.69 -16.32 -12.44
N GLN A 55 -11.58 -16.28 -11.72
CA GLN A 55 -11.56 -15.72 -10.38
C GLN A 55 -11.12 -14.27 -10.41
N GLN A 56 -11.95 -13.38 -9.89
CA GLN A 56 -11.63 -11.96 -9.86
C GLN A 56 -10.76 -11.60 -8.66
N HIS A 57 -10.77 -12.47 -7.65
CA HIS A 57 -9.97 -12.23 -6.46
C HIS A 57 -8.59 -12.89 -6.58
N ILE A 58 -8.24 -13.30 -7.80
CA ILE A 58 -6.95 -13.95 -8.04
C ILE A 58 -6.08 -13.10 -8.96
N VAL A 59 -4.83 -12.93 -8.57
CA VAL A 59 -3.89 -12.14 -9.35
C VAL A 59 -2.62 -12.92 -9.65
N HIS A 60 -2.49 -13.42 -10.88
CA HIS A 60 -1.31 -14.19 -11.26
C HIS A 60 -0.69 -13.63 -12.53
N CYS A 61 0.36 -12.82 -12.36
CA CYS A 61 1.06 -12.22 -13.49
C CYS A 61 2.57 -12.43 -13.35
N SER A 62 3.11 -13.37 -14.11
CA SER A 62 4.53 -13.66 -14.05
C SER A 62 5.35 -12.48 -14.52
N ASN A 63 4.99 -11.90 -15.65
CA ASN A 63 5.71 -10.74 -16.12
C ASN A 63 4.88 -9.50 -15.85
N ASP A 64 5.12 -8.89 -14.70
CA ASP A 64 4.41 -7.69 -14.31
C ASP A 64 5.15 -6.95 -13.19
N PRO A 65 5.37 -5.63 -13.33
CA PRO A 65 6.05 -4.84 -12.31
C PRO A 65 5.58 -5.19 -10.90
N LEU A 66 4.32 -5.58 -10.79
CA LEU A 66 3.74 -5.95 -9.51
C LEU A 66 4.31 -7.27 -9.03
N GLY A 67 4.02 -8.35 -9.75
CA GLY A 67 4.52 -9.66 -9.38
C GLY A 67 6.03 -9.67 -9.29
N GLU A 68 6.67 -8.84 -10.10
CA GLU A 68 8.13 -8.74 -10.11
C GLU A 68 8.61 -8.03 -8.86
N LEU A 69 7.77 -7.13 -8.33
CA LEU A 69 8.11 -6.39 -7.13
C LEU A 69 7.98 -7.26 -5.89
N PHE A 70 6.78 -7.81 -5.69
CA PHE A 70 6.51 -8.67 -4.54
C PHE A 70 7.36 -9.94 -4.60
N GLY A 71 7.73 -10.34 -5.82
CA GLY A 71 8.53 -11.53 -5.99
C GLY A 71 7.70 -12.81 -6.03
N VAL A 72 6.49 -12.69 -6.56
CA VAL A 72 5.60 -13.84 -6.65
C VAL A 72 5.02 -13.97 -8.05
N GLN A 73 4.46 -15.14 -8.35
CA GLN A 73 3.88 -15.40 -9.66
C GLN A 73 2.35 -15.37 -9.58
N GLU A 74 1.80 -15.68 -8.41
CA GLU A 74 0.36 -15.69 -8.21
C GLU A 74 0.01 -15.59 -6.73
N PHE A 75 -1.07 -14.89 -6.42
CA PHE A 75 -1.51 -14.72 -5.04
C PHE A 75 -2.97 -14.29 -4.98
N SER A 76 -3.66 -14.72 -3.93
CA SER A 76 -5.07 -14.37 -3.75
C SER A 76 -5.21 -13.20 -2.79
N VAL A 77 -5.88 -12.14 -3.23
CA VAL A 77 -6.08 -10.96 -2.40
C VAL A 77 -6.90 -11.27 -1.16
N LYS A 78 -7.56 -12.44 -1.15
CA LYS A 78 -8.37 -12.85 -0.01
C LYS A 78 -7.58 -12.72 1.30
N GLU A 79 -6.27 -12.91 1.21
CA GLU A 79 -5.41 -12.81 2.37
C GLU A 79 -4.90 -11.38 2.56
N HIS A 80 -5.77 -10.51 3.07
CA HIS A 80 -5.42 -9.11 3.30
C HIS A 80 -4.19 -8.99 4.18
N ARG A 81 -3.99 -9.96 5.07
CA ARG A 81 -2.85 -9.94 5.98
C ARG A 81 -1.54 -10.14 5.22
N ARG A 82 -1.59 -10.96 4.17
CA ARG A 82 -0.40 -11.23 3.36
C ARG A 82 0.03 -9.99 2.58
N ILE A 83 -0.92 -9.37 1.88
CA ILE A 83 -0.64 -8.17 1.10
C ILE A 83 -0.05 -7.07 1.97
N TYR A 84 -0.73 -6.75 3.07
CA TYR A 84 -0.28 -5.72 3.99
C TYR A 84 1.19 -5.90 4.34
N ALA A 85 1.60 -7.15 4.54
CA ALA A 85 2.98 -7.47 4.88
C ALA A 85 3.87 -7.36 3.65
N MET A 86 3.37 -7.84 2.52
CA MET A 86 4.12 -7.80 1.26
C MET A 86 4.52 -6.37 0.92
N ILE A 87 3.52 -5.54 0.64
CA ILE A 87 3.77 -4.14 0.29
C ILE A 87 4.60 -3.44 1.36
N SER A 88 4.43 -3.87 2.61
CA SER A 88 5.16 -3.28 3.72
C SER A 88 6.67 -3.45 3.53
N ARG A 89 7.09 -4.68 3.27
CA ARG A 89 8.50 -4.98 3.06
C ARG A 89 9.06 -4.19 1.88
N ASN A 90 8.17 -3.73 1.00
CA ASN A 90 8.59 -2.97 -0.18
C ASN A 90 8.50 -1.47 0.08
N LEU A 91 8.83 -1.06 1.30
CA LEU A 91 8.79 0.36 1.66
C LEU A 91 10.19 0.87 1.99
N VAL A 92 10.74 1.67 1.10
CA VAL A 92 12.08 2.23 1.29
C VAL A 92 12.21 2.92 2.66
N SER A 93 11.74 4.16 2.75
CA SER A 93 11.81 4.91 4.01
C SER A 93 10.43 5.04 4.62
N ALA A 94 10.24 4.47 5.81
CA ALA A 94 8.97 4.53 6.51
C ALA A 94 8.72 5.93 7.06
N ASN A 95 7.64 6.57 6.61
CA ASN A 95 7.30 7.90 7.06
C ASN A 95 6.58 7.86 8.40
N VAL A 96 7.22 8.39 9.43
CA VAL A 96 6.64 8.42 10.77
C VAL A 96 6.63 9.85 11.33
N LYS A 97 5.77 10.08 12.32
CA LYS A 97 5.65 11.38 12.95
C LYS A 97 6.92 11.73 13.73
N GLU A 98 7.39 12.97 13.58
CA GLU A 98 8.58 13.43 14.27
C GLU A 98 8.40 13.36 15.78
N SER A 99 7.18 13.66 16.24
CA SER A 99 6.87 13.64 17.67
C SER A 99 6.26 12.30 18.07
N SER A 100 6.58 11.85 19.28
CA SER A 100 6.06 10.58 19.79
C SER A 100 5.47 10.76 21.18
N GLU A 101 4.14 10.87 21.24
CA GLU A 101 3.45 11.04 22.50
C GLU A 101 3.45 9.74 23.31
N ASP A 102 3.54 9.88 24.63
CA ASP A 102 3.56 8.72 25.51
C ASP A 102 2.17 8.45 26.09
N ILE A 103 1.88 7.18 26.35
CA ILE A 103 0.60 6.80 26.92
C ILE A 103 0.79 6.31 28.35
N PHE A 104 0.44 7.18 29.28
CA PHE A 104 0.56 6.87 30.70
C PHE A 104 -0.44 5.78 31.10
N GLY A 105 -1.56 5.72 30.39
CA GLY A 105 -2.57 4.72 30.69
C GLY A 105 -3.64 5.24 31.64
N ASN A 106 -3.33 6.31 32.37
CA ASN A 106 -4.27 6.90 33.31
C ASN A 106 -4.81 8.23 32.78
N VAL A 107 -6.08 8.24 32.41
CA VAL A 107 -6.72 9.44 31.89
C VAL A 107 -6.02 9.94 30.64
C1 IMY B . -9.68 -6.17 -4.30
N2 IMY B . -9.21 -5.07 -4.88
C3 IMY B . -8.25 -4.41 -3.95
C4 IMY B . -8.78 -4.95 -2.58
N5 IMY B . -9.39 -6.22 -2.99
C13 IMY B . -6.80 -4.77 -4.26
C14 IMY B . -5.78 -3.86 -3.95
C15 IMY B . -4.44 -4.19 -4.12
C16 IMY B . -4.08 -5.45 -4.56
C17 IMY B . -5.07 -6.36 -4.91
C18 IMY B . -6.42 -6.03 -4.76
CL16 IMY B . -2.43 -5.90 -4.69
C20 IMY B . -7.80 -4.07 -0.43
C21 IMY B . -6.97 -4.18 0.68
C22 IMY B . -6.21 -5.33 0.87
C23 IMY B . -6.27 -6.37 -0.05
C24 IMY B . -7.14 -6.28 -1.13
C19 IMY B . -7.89 -5.12 -1.37
CL22 IMY B . -5.19 -5.47 2.25
C28 IMY B . -11.27 -8.64 -6.73
C29 IMY B . -10.66 -7.46 -6.27
C34 IMY B . -10.43 -7.29 -4.88
C25 IMY B . -10.84 -8.32 -4.00
C26 IMY B . -11.45 -9.48 -4.47
C27 IMY B . -11.65 -9.64 -5.84
O3 IMY B . -10.24 -6.43 -7.11
C31 IMY B . -10.03 -6.71 -8.51
C32 IMY B . -9.25 -5.59 -9.18
C33 IMY B . -9.22 -8.01 -8.60
O2 IMY B . -12.19 -10.77 -6.44
C30 IMY B . -12.91 -11.67 -5.58
H3 IMY B . -8.38 -3.32 -4.00
H4 IMY B . -9.63 -4.32 -2.29
H14 IMY B . -6.02 -2.85 -3.59
H15 IMY B . -3.65 -3.46 -3.92
H17 IMY B . -4.79 -7.32 -5.31
H18 IMY B . -7.15 -6.78 -5.03
H20 IMY B . -8.37 -3.15 -0.56
H21 IMY B . -6.92 -3.37 1.40
H23 IMY B . -5.65 -7.25 0.08
H24 IMY B . -7.19 -7.13 -1.80
H28 IMY B . -11.47 -8.81 -7.78
H25 IMY B . -10.67 -8.23 -2.93
H26 IMY B . -11.72 -10.25 -3.76
H31 IMY B . -10.97 -6.90 -9.03
H321 IMY B . -8.24 -5.48 -8.74
H322 IMY B . -9.11 -5.79 -10.25
H323 IMY B . -9.74 -4.62 -9.08
H331 IMY B . -9.78 -8.83 -8.14
H332 IMY B . -9.00 -8.28 -9.63
H333 IMY B . -8.28 -7.92 -8.05
H30 IMY B . -13.62 -11.12 -4.94
H301 IMY B . -12.22 -12.26 -4.97
H302 IMY B . -13.47 -12.35 -6.21
N ASN A 1 -8.37 15.29 20.68
CA ASN A 1 -9.57 14.80 19.96
C ASN A 1 -10.01 15.79 18.87
N HIS A 2 -9.03 16.50 18.31
CA HIS A 2 -9.32 17.48 17.27
C HIS A 2 -9.77 16.78 15.99
N ILE A 3 -11.08 16.67 15.81
CA ILE A 3 -11.64 16.02 14.63
C ILE A 3 -12.87 16.77 14.12
N SER A 4 -13.32 16.41 12.92
CA SER A 4 -14.50 17.04 12.33
C SER A 4 -15.09 16.17 11.22
N THR A 5 -16.35 15.81 11.38
CA THR A 5 -17.05 14.98 10.40
C THR A 5 -16.44 13.58 10.34
N SER A 6 -15.26 13.47 9.75
CA SER A 6 -14.56 12.19 9.63
C SER A 6 -13.31 12.16 10.49
N ASP A 7 -12.86 10.96 10.83
CA ASP A 7 -11.66 10.81 11.64
C ASP A 7 -10.57 10.08 10.87
N GLN A 8 -9.36 10.66 10.87
CA GLN A 8 -8.24 10.07 10.17
C GLN A 8 -7.65 8.90 10.95
N GLU A 9 -6.93 8.03 10.26
CA GLU A 9 -6.32 6.86 10.90
C GLU A 9 -4.83 6.79 10.57
N LYS A 10 -4.14 5.82 11.17
CA LYS A 10 -2.71 5.64 10.95
C LYS A 10 -2.42 5.50 9.46
N LEU A 11 -1.44 6.28 8.98
CA LEU A 11 -1.06 6.24 7.58
C LEU A 11 0.23 5.45 7.37
N VAL A 12 0.31 4.76 6.24
CA VAL A 12 1.50 3.99 5.90
C VAL A 12 2.23 4.63 4.73
N GLN A 13 3.51 4.30 4.55
CA GLN A 13 4.29 4.88 3.47
C GLN A 13 4.91 3.80 2.58
N PRO A 14 4.23 3.46 1.47
CA PRO A 14 4.74 2.44 0.52
C PRO A 14 6.16 2.72 0.06
N THR A 15 6.76 1.74 -0.59
CA THR A 15 8.12 1.89 -1.10
C THR A 15 8.11 2.68 -2.41
N PRO A 16 9.26 3.25 -2.80
CA PRO A 16 9.38 4.04 -4.04
C PRO A 16 8.74 3.32 -5.22
N LEU A 17 8.91 2.00 -5.27
CA LEU A 17 8.36 1.20 -6.36
C LEU A 17 6.84 1.16 -6.26
N LEU A 18 6.33 0.69 -5.12
CA LEU A 18 4.89 0.61 -4.90
C LEU A 18 4.26 1.98 -5.11
N LEU A 19 4.95 3.02 -4.65
CA LEU A 19 4.48 4.40 -4.79
C LEU A 19 3.99 4.67 -6.21
N SER A 20 4.88 4.54 -7.18
CA SER A 20 4.53 4.78 -8.59
C SER A 20 3.28 4.00 -8.97
N LEU A 21 3.17 2.76 -8.50
CA LEU A 21 1.99 1.97 -8.81
C LEU A 21 0.74 2.71 -8.35
N LEU A 22 0.88 3.47 -7.27
CA LEU A 22 -0.20 4.28 -6.74
C LEU A 22 -0.37 5.52 -7.60
N LYS A 23 0.74 5.99 -8.16
CA LYS A 23 0.75 7.16 -9.02
C LYS A 23 -0.18 6.96 -10.21
N SER A 24 -0.24 5.72 -10.70
CA SER A 24 -1.09 5.37 -11.83
C SER A 24 -2.46 4.91 -11.35
N ALA A 25 -2.53 4.44 -10.10
CA ALA A 25 -3.77 3.96 -9.53
C ALA A 25 -4.67 5.11 -9.07
N GLY A 26 -4.19 6.34 -9.25
CA GLY A 26 -4.96 7.49 -8.84
C GLY A 26 -4.48 8.07 -7.52
N ALA A 27 -3.17 8.05 -7.33
CA ALA A 27 -2.57 8.57 -6.10
C ALA A 27 -1.79 9.87 -6.37
N GLN A 28 -1.76 10.77 -5.38
CA GLN A 28 -1.04 12.04 -5.54
C GLN A 28 0.02 12.20 -4.46
N LYS A 29 -0.37 11.99 -3.21
CA LYS A 29 0.55 12.12 -2.09
C LYS A 29 1.54 10.96 -2.06
N GLU A 30 2.43 10.96 -1.07
CA GLU A 30 3.43 9.92 -0.93
C GLU A 30 3.01 8.88 0.11
N THR A 31 2.24 9.33 1.10
CA THR A 31 1.78 8.43 2.16
C THR A 31 0.28 8.16 2.03
N PHE A 32 -0.14 6.97 2.46
CA PHE A 32 -1.54 6.59 2.39
C PHE A 32 -1.92 5.64 3.53
N THR A 33 -3.17 5.69 3.95
CA THR A 33 -3.65 4.80 5.01
C THR A 33 -3.90 3.42 4.44
N MET A 34 -3.77 2.39 5.28
CA MET A 34 -3.96 1.01 4.85
C MET A 34 -5.17 0.87 3.94
N LYS A 35 -6.18 1.72 4.13
CA LYS A 35 -7.38 1.68 3.31
C LYS A 35 -7.09 2.20 1.90
N GLU A 36 -6.64 3.46 1.82
CA GLU A 36 -6.32 4.07 0.54
C GLU A 36 -5.24 3.25 -0.18
N VAL A 37 -4.22 2.84 0.57
CA VAL A 37 -3.13 2.05 0.01
C VAL A 37 -3.69 0.81 -0.68
N LEU A 38 -4.25 -0.10 0.12
CA LEU A 38 -4.83 -1.33 -0.39
C LEU A 38 -5.88 -1.05 -1.46
N TYR A 39 -6.43 0.17 -1.45
CA TYR A 39 -7.44 0.56 -2.43
C TYR A 39 -6.85 0.77 -3.81
N HIS A 40 -5.82 1.60 -3.90
CA HIS A 40 -5.19 1.89 -5.19
C HIS A 40 -4.77 0.59 -5.89
N LEU A 41 -4.33 -0.40 -5.12
CA LEU A 41 -3.93 -1.68 -5.69
C LEU A 41 -5.04 -2.24 -6.56
N GLY A 42 -6.25 -2.31 -6.01
CA GLY A 42 -7.38 -2.81 -6.77
C GLY A 42 -7.53 -2.08 -8.08
N GLN A 43 -7.21 -0.80 -8.07
CA GLN A 43 -7.29 0.03 -9.27
C GLN A 43 -6.04 -0.15 -10.11
N TYR A 44 -4.93 -0.49 -9.45
CA TYR A 44 -3.66 -0.70 -10.14
C TYR A 44 -3.68 -1.99 -10.94
N ILE A 45 -4.07 -3.08 -10.27
CA ILE A 45 -4.14 -4.39 -10.91
C ILE A 45 -5.09 -4.35 -12.12
N MET A 46 -6.30 -3.84 -11.90
CA MET A 46 -7.28 -3.75 -12.97
C MET A 46 -6.76 -2.87 -14.10
N ALA A 47 -6.10 -1.78 -13.74
CA ALA A 47 -5.55 -0.86 -14.74
C ALA A 47 -4.41 -1.52 -15.50
N LYS A 48 -3.38 -1.95 -14.77
CA LYS A 48 -2.24 -2.61 -15.37
C LYS A 48 -2.66 -3.89 -16.08
N GLN A 49 -3.80 -4.46 -15.65
CA GLN A 49 -4.33 -5.68 -16.24
C GLN A 49 -3.42 -6.87 -15.94
N LEU A 50 -3.35 -7.25 -14.67
CA LEU A 50 -2.52 -8.37 -14.25
C LEU A 50 -3.38 -9.58 -13.88
N TYR A 51 -4.70 -9.41 -13.90
CA TYR A 51 -5.62 -10.50 -13.57
C TYR A 51 -5.79 -11.45 -14.76
N ASP A 52 -6.26 -12.66 -14.48
CA ASP A 52 -6.48 -13.66 -15.52
C ASP A 52 -7.89 -13.55 -16.08
N GLU A 53 -8.02 -13.82 -17.38
CA GLU A 53 -9.32 -13.74 -18.05
C GLU A 53 -10.30 -14.75 -17.44
N LYS A 54 -9.95 -16.03 -17.48
CA LYS A 54 -10.81 -17.07 -16.93
C LYS A 54 -11.14 -16.79 -15.48
N GLN A 55 -10.12 -16.63 -14.65
CA GLN A 55 -10.31 -16.34 -13.23
C GLN A 55 -9.87 -14.92 -12.91
N GLN A 56 -10.80 -14.14 -12.36
CA GLN A 56 -10.51 -12.75 -12.01
C GLN A 56 -9.84 -12.64 -10.64
N HIS A 57 -9.90 -13.72 -9.86
CA HIS A 57 -9.31 -13.73 -8.53
C HIS A 57 -7.84 -14.19 -8.59
N ILE A 58 -7.29 -14.28 -9.79
CA ILE A 58 -5.90 -14.71 -9.97
C ILE A 58 -5.10 -13.62 -10.68
N VAL A 59 -3.92 -13.33 -10.14
CA VAL A 59 -3.05 -12.31 -10.73
C VAL A 59 -1.66 -12.86 -10.95
N HIS A 60 -1.34 -13.21 -12.20
CA HIS A 60 -0.03 -13.73 -12.54
C HIS A 60 0.60 -12.96 -13.68
N CYS A 61 1.48 -12.03 -13.34
CA CYS A 61 2.18 -11.22 -14.34
C CYS A 61 3.68 -11.22 -14.07
N SER A 62 4.42 -11.99 -14.86
CA SER A 62 5.86 -12.08 -14.68
C SER A 62 6.54 -10.74 -14.90
N ASN A 63 6.20 -10.06 -15.98
CA ASN A 63 6.80 -8.76 -16.23
C ASN A 63 5.85 -7.68 -15.78
N ASP A 64 6.01 -7.26 -14.52
CA ASP A 64 5.18 -6.20 -13.96
C ASP A 64 5.82 -5.59 -12.71
N PRO A 65 5.92 -4.25 -12.64
CA PRO A 65 6.51 -3.57 -11.49
C PRO A 65 6.05 -4.18 -10.17
N LEU A 66 4.82 -4.71 -10.17
CA LEU A 66 4.27 -5.34 -8.99
C LEU A 66 5.00 -6.63 -8.66
N GLY A 67 5.19 -7.46 -9.69
CA GLY A 67 5.88 -8.72 -9.50
C GLY A 67 7.30 -8.54 -8.99
N GLU A 68 8.03 -7.62 -9.60
CA GLU A 68 9.41 -7.35 -9.19
C GLU A 68 9.45 -6.86 -7.75
N LEU A 69 8.34 -6.28 -7.28
CA LEU A 69 8.25 -5.76 -5.92
C LEU A 69 8.00 -6.90 -4.94
N PHE A 70 6.87 -7.58 -5.10
CA PHE A 70 6.51 -8.69 -4.23
C PHE A 70 7.49 -9.85 -4.39
N GLY A 71 8.10 -9.96 -5.57
CA GLY A 71 9.04 -11.02 -5.82
C GLY A 71 8.37 -12.32 -6.23
N VAL A 72 7.20 -12.20 -6.84
CA VAL A 72 6.45 -13.38 -7.29
C VAL A 72 5.91 -13.19 -8.69
N GLN A 73 5.54 -14.29 -9.34
CA GLN A 73 5.01 -14.26 -10.69
C GLN A 73 3.49 -14.47 -10.69
N GLU A 74 2.99 -15.15 -9.67
CA GLU A 74 1.56 -15.42 -9.56
C GLU A 74 1.12 -15.43 -8.10
N PHE A 75 -0.09 -14.93 -7.84
CA PHE A 75 -0.62 -14.90 -6.48
C PHE A 75 -2.13 -14.70 -6.50
N SER A 76 -2.84 -15.58 -5.80
CA SER A 76 -4.29 -15.51 -5.72
C SER A 76 -4.73 -14.53 -4.65
N VAL A 77 -5.57 -13.57 -5.03
CA VAL A 77 -6.07 -12.57 -4.09
C VAL A 77 -6.98 -13.19 -3.04
N LYS A 78 -7.40 -14.43 -3.27
CA LYS A 78 -8.29 -15.12 -2.34
C LYS A 78 -7.72 -15.09 -0.92
N GLU A 79 -6.40 -15.16 -0.82
CA GLU A 79 -5.73 -15.13 0.48
C GLU A 79 -5.44 -13.70 0.91
N HIS A 80 -6.46 -13.02 1.42
CA HIS A 80 -6.31 -11.64 1.87
C HIS A 80 -5.25 -11.51 2.96
N ARG A 81 -5.09 -12.58 3.74
CA ARG A 81 -4.11 -12.59 4.82
C ARG A 81 -2.69 -12.39 4.29
N ARG A 82 -2.45 -12.87 3.06
CA ARG A 82 -1.14 -12.75 2.45
C ARG A 82 -0.90 -11.35 1.91
N ILE A 83 -1.88 -10.84 1.16
CA ILE A 83 -1.79 -9.51 0.58
C ILE A 83 -1.60 -8.44 1.65
N TYR A 84 -2.45 -8.50 2.68
CA TYR A 84 -2.39 -7.54 3.77
C TYR A 84 -1.00 -7.52 4.40
N ALA A 85 -0.48 -8.70 4.73
CA ALA A 85 0.84 -8.82 5.34
C ALA A 85 1.95 -8.55 4.32
N MET A 86 1.63 -8.77 3.04
CA MET A 86 2.58 -8.55 1.97
C MET A 86 2.84 -7.06 1.76
N ILE A 87 1.80 -6.35 1.36
CA ILE A 87 1.91 -4.91 1.13
C ILE A 87 2.43 -4.19 2.37
N SER A 88 2.20 -4.79 3.54
CA SER A 88 2.65 -4.22 4.79
C SER A 88 4.17 -4.25 4.88
N ARG A 89 4.76 -5.34 4.41
CA ARG A 89 6.21 -5.49 4.43
C ARG A 89 6.88 -4.56 3.43
N ASN A 90 6.09 -4.00 2.52
CA ASN A 90 6.62 -3.09 1.50
C ASN A 90 6.42 -1.63 1.91
N LEU A 91 6.50 -1.38 3.22
CA LEU A 91 6.33 -0.02 3.73
C LEU A 91 7.62 0.49 4.35
N VAL A 92 8.07 1.66 3.89
CA VAL A 92 9.30 2.25 4.40
C VAL A 92 9.03 3.09 5.65
N SER A 93 8.04 3.98 5.56
CA SER A 93 7.68 4.85 6.68
C SER A 93 6.37 4.42 7.31
N ALA A 94 6.39 4.12 8.61
CA ALA A 94 5.18 3.70 9.32
C ALA A 94 4.79 4.74 10.36
N ASN A 95 3.49 5.00 10.47
CA ASN A 95 2.98 5.97 11.43
C ASN A 95 3.42 5.63 12.85
N VAL A 96 4.45 6.32 13.32
CA VAL A 96 4.97 6.08 14.66
C VAL A 96 3.97 6.48 15.74
N LYS A 97 4.06 5.81 16.88
CA LYS A 97 3.16 6.10 18.00
C LYS A 97 3.95 6.57 19.22
N GLU A 98 4.11 7.88 19.34
CA GLU A 98 4.84 8.47 20.46
C GLU A 98 5.02 9.97 20.26
N SER A 99 5.33 10.67 21.35
CA SER A 99 5.52 12.12 21.30
C SER A 99 6.97 12.46 20.97
N SER A 100 7.20 12.96 19.76
CA SER A 100 8.54 13.33 19.33
C SER A 100 8.86 14.77 19.70
N GLU A 101 10.10 15.02 20.10
CA GLU A 101 10.53 16.35 20.48
C GLU A 101 11.41 16.98 19.40
N ASP A 102 11.51 18.30 19.41
CA ASP A 102 12.32 19.01 18.42
C ASP A 102 13.75 19.18 18.92
N ILE A 103 14.65 19.52 18.00
CA ILE A 103 16.05 19.73 18.33
C ILE A 103 16.40 21.20 18.20
N PHE A 104 16.47 21.87 19.34
CA PHE A 104 16.81 23.29 19.38
C PHE A 104 18.27 23.51 19.03
N GLY A 105 19.11 22.52 19.31
CA GLY A 105 20.52 22.64 19.00
C GLY A 105 21.29 23.37 20.09
N ASN A 106 20.91 23.14 21.34
CA ASN A 106 21.57 23.77 22.47
C ASN A 106 22.91 23.10 22.77
N VAL A 107 23.91 23.91 23.13
CA VAL A 107 25.24 23.40 23.44
C VAL A 107 25.51 23.47 24.93
C1 IMY B . -10.07 -7.34 -5.33
N2 IMY B . -9.62 -6.14 -5.68
C3 IMY B . -8.87 -5.55 -4.53
C4 IMY B . -9.57 -6.32 -3.35
N5 IMY B . -9.99 -7.55 -4.01
C13 IMY B . -7.38 -5.77 -4.64
C14 IMY B . -6.50 -4.96 -3.88
C15 IMY B . -5.13 -5.20 -3.86
C16 IMY B . -4.60 -6.27 -4.57
C17 IMY B . -5.43 -7.04 -5.36
C18 IMY B . -6.80 -6.80 -5.40
CL16 IMY B . -2.92 -6.60 -4.50
C20 IMY B . -8.98 -5.66 -0.99
C21 IMY B . -8.33 -5.87 0.23
C22 IMY B . -7.53 -7.00 0.41
C23 IMY B . -7.38 -7.91 -0.62
C24 IMY B . -8.08 -7.74 -1.82
C19 IMY B . -8.86 -6.60 -2.03
CL22 IMY B . -6.74 -7.26 1.91
C28 IMY B . -11.04 -9.54 -8.28
C29 IMY B . -10.63 -8.40 -7.58
C34 IMY B . -10.61 -8.42 -6.17
C25 IMY B . -11.05 -9.59 -5.51
C26 IMY B . -11.47 -10.72 -6.21
C27 IMY B . -11.45 -10.69 -7.61
O3 IMY B . -10.18 -7.24 -8.20
C31 IMY B . -9.74 -7.30 -9.58
C32 IMY B . -9.05 -6.00 -9.99
C33 IMY B . -8.74 -8.45 -9.67
O2 IMY B . -11.79 -11.76 -8.43
C30 IMY B . -12.54 -12.81 -7.81
H3 IMY B . -9.09 -4.48 -4.46
H4 IMY B . -10.50 -5.78 -3.12
H14 IMY B . -6.89 -4.13 -3.29
H15 IMY B . -4.45 -4.55 -3.31
H17 IMY B . -5.00 -7.83 -5.96
H18 IMY B . -7.41 -7.45 -6.03
H20 IMY B . -9.58 -4.76 -1.10
H21 IMY B . -8.44 -5.14 1.03
H23 IMY B . -6.74 -8.78 -0.49
H24 IMY B . -7.98 -8.51 -2.58
H28 IMY B . -11.07 -9.58 -9.36
H25 IMY B . -11.06 -9.65 -4.42
H26 IMY B . -11.77 -11.59 -5.66
H31 IMY B . -10.56 -7.55 -10.25
H321 IMY B . -8.15 -5.82 -9.39
H322 IMY B . -8.75 -6.04 -11.04
H323 IMY B . -9.70 -5.13 -9.86
H331 IMY B . -9.21 -9.39 -9.41
H332 IMY B . -8.34 -8.54 -10.69
H333 IMY B . -7.90 -8.31 -8.97
H30 IMY B . -13.52 -12.46 -7.48
H301 IMY B . -11.98 -13.27 -7.00
H302 IMY B . -12.71 -13.59 -8.58
N ASN A 1 5.17 22.50 -1.20
CA ASN A 1 4.75 22.45 0.22
C ASN A 1 3.27 22.84 0.37
N HIS A 2 2.39 21.86 0.21
CA HIS A 2 0.96 22.09 0.33
C HIS A 2 0.47 21.74 1.74
N ILE A 3 -0.10 22.73 2.44
CA ILE A 3 -0.60 22.50 3.79
C ILE A 3 0.52 22.01 4.71
N SER A 4 0.28 22.08 6.03
CA SER A 4 1.27 21.64 6.99
C SER A 4 0.62 21.32 8.33
N THR A 5 1.42 20.80 9.27
CA THR A 5 0.92 20.44 10.59
C THR A 5 -0.12 19.32 10.51
N SER A 6 -1.34 19.67 10.13
CA SER A 6 -2.42 18.69 10.02
C SER A 6 -2.83 18.50 8.56
N ASP A 7 -3.40 17.33 8.27
CA ASP A 7 -3.84 17.01 6.92
C ASP A 7 -4.49 15.63 6.87
N GLN A 8 -3.65 14.59 6.83
CA GLN A 8 -4.14 13.22 6.80
C GLN A 8 -3.74 12.48 8.07
N GLU A 9 -4.23 11.25 8.23
CA GLU A 9 -3.92 10.46 9.40
C GLU A 9 -4.01 8.97 9.11
N LYS A 10 -3.14 8.19 9.77
CA LYS A 10 -3.11 6.74 9.58
C LYS A 10 -2.58 6.39 8.19
N LEU A 11 -2.11 7.39 7.47
CA LEU A 11 -1.60 7.18 6.12
C LEU A 11 -0.27 6.42 6.13
N VAL A 12 0.06 5.85 4.97
CA VAL A 12 1.30 5.09 4.82
C VAL A 12 2.16 5.71 3.72
N GLN A 13 3.43 5.34 3.68
CA GLN A 13 4.34 5.90 2.67
C GLN A 13 4.88 4.79 1.75
N PRO A 14 4.24 4.58 0.60
CA PRO A 14 4.66 3.57 -0.38
C PRO A 14 6.05 3.86 -0.94
N THR A 15 6.87 2.82 -1.06
CA THR A 15 8.22 2.98 -1.60
C THR A 15 8.16 3.58 -3.00
N PRO A 16 9.28 4.13 -3.49
CA PRO A 16 9.35 4.73 -4.82
C PRO A 16 8.72 3.84 -5.89
N LEU A 17 8.81 2.54 -5.68
CA LEU A 17 8.23 1.58 -6.62
C LEU A 17 6.71 1.59 -6.53
N LEU A 18 6.20 1.31 -5.34
CA LEU A 18 4.75 1.30 -5.12
C LEU A 18 4.17 2.66 -5.48
N LEU A 19 4.94 3.71 -5.21
CA LEU A 19 4.53 5.08 -5.51
C LEU A 19 4.08 5.21 -6.97
N SER A 20 5.01 4.95 -7.88
CA SER A 20 4.72 5.05 -9.32
C SER A 20 3.42 4.33 -9.67
N LEU A 21 3.21 3.15 -9.11
CA LEU A 21 1.99 2.39 -9.39
C LEU A 21 0.77 3.25 -9.07
N LEU A 22 0.85 3.98 -7.96
CA LEU A 22 -0.23 4.87 -7.55
C LEU A 22 -0.28 6.06 -8.49
N LYS A 23 0.90 6.55 -8.84
CA LYS A 23 1.04 7.69 -9.74
C LYS A 23 0.31 7.41 -11.06
N SER A 24 0.40 6.16 -11.51
CA SER A 24 -0.26 5.75 -12.75
C SER A 24 -1.69 5.30 -12.47
N ALA A 25 -1.97 4.96 -11.22
CA ALA A 25 -3.30 4.50 -10.82
C ALA A 25 -4.22 5.68 -10.48
N GLY A 26 -3.74 6.90 -10.74
CA GLY A 26 -4.55 8.08 -10.43
C GLY A 26 -4.18 8.69 -9.10
N ALA A 27 -2.90 8.68 -8.77
CA ALA A 27 -2.42 9.24 -7.52
C ALA A 27 -1.55 10.48 -7.75
N GLN A 28 -1.59 11.44 -6.83
CA GLN A 28 -0.81 12.67 -6.97
C GLN A 28 0.21 12.81 -5.84
N LYS A 29 -0.29 12.95 -4.61
CA LYS A 29 0.57 13.10 -3.44
C LYS A 29 1.58 11.96 -3.34
N GLU A 30 2.43 12.00 -2.32
CA GLU A 30 3.44 10.97 -2.12
C GLU A 30 2.99 9.96 -1.07
N THR A 31 2.17 10.42 -0.12
CA THR A 31 1.68 9.54 0.94
C THR A 31 0.21 9.21 0.71
N PHE A 32 -0.22 8.05 1.19
CA PHE A 32 -1.60 7.62 1.04
C PHE A 32 -2.03 6.72 2.19
N THR A 33 -3.30 6.85 2.59
CA THR A 33 -3.83 6.03 3.67
C THR A 33 -4.16 4.63 3.15
N MET A 34 -3.99 3.63 4.00
CA MET A 34 -4.22 2.24 3.62
C MET A 34 -5.45 2.08 2.73
N LYS A 35 -6.45 2.92 2.93
CA LYS A 35 -7.67 2.86 2.13
C LYS A 35 -7.39 3.33 0.70
N GLU A 36 -6.67 4.44 0.57
CA GLU A 36 -6.34 4.98 -0.74
C GLU A 36 -5.33 4.08 -1.44
N VAL A 37 -4.28 3.69 -0.72
CA VAL A 37 -3.25 2.83 -1.28
C VAL A 37 -3.86 1.55 -1.85
N LEU A 38 -4.52 0.79 -0.98
CA LEU A 38 -5.16 -0.45 -1.39
C LEU A 38 -6.19 -0.20 -2.49
N TYR A 39 -6.66 1.03 -2.59
CA TYR A 39 -7.65 1.40 -3.61
C TYR A 39 -7.02 1.49 -5.00
N HIS A 40 -6.02 2.37 -5.14
CA HIS A 40 -5.35 2.53 -6.43
C HIS A 40 -4.84 1.20 -6.93
N LEU A 41 -4.22 0.41 -6.04
CA LEU A 41 -3.71 -0.89 -6.39
C LEU A 41 -4.71 -1.69 -7.21
N GLY A 42 -5.95 -1.74 -6.73
CA GLY A 42 -6.98 -2.46 -7.45
C GLY A 42 -7.12 -1.96 -8.87
N GLN A 43 -7.02 -0.64 -9.04
CA GLN A 43 -7.12 -0.02 -10.35
C GLN A 43 -5.80 -0.18 -11.11
N TYR A 44 -4.71 -0.26 -10.36
CA TYR A 44 -3.37 -0.41 -10.94
C TYR A 44 -3.26 -1.76 -11.65
N ILE A 45 -3.63 -2.83 -10.95
CA ILE A 45 -3.56 -4.17 -11.51
C ILE A 45 -4.40 -4.28 -12.77
N MET A 46 -5.68 -3.93 -12.66
CA MET A 46 -6.59 -3.99 -13.79
C MET A 46 -6.06 -3.15 -14.95
N ALA A 47 -5.36 -2.08 -14.62
CA ALA A 47 -4.78 -1.20 -15.63
C ALA A 47 -3.61 -1.87 -16.34
N LYS A 48 -2.60 -2.24 -15.56
CA LYS A 48 -1.42 -2.90 -16.10
C LYS A 48 -1.79 -4.26 -16.70
N GLN A 49 -2.91 -4.81 -16.25
CA GLN A 49 -3.38 -6.11 -16.76
C GLN A 49 -2.46 -7.23 -16.29
N LEU A 50 -2.42 -7.45 -14.98
CA LEU A 50 -1.58 -8.50 -14.41
C LEU A 50 -2.41 -9.69 -13.94
N TYR A 51 -3.71 -9.67 -14.25
CA TYR A 51 -4.61 -10.74 -13.85
C TYR A 51 -4.70 -11.81 -14.94
N ASP A 52 -5.08 -13.02 -14.54
CA ASP A 52 -5.21 -14.13 -15.48
C ASP A 52 -6.59 -14.14 -16.12
N GLU A 53 -6.63 -14.51 -17.40
CA GLU A 53 -7.88 -14.56 -18.14
C GLU A 53 -8.84 -15.58 -17.52
N LYS A 54 -8.39 -16.83 -17.42
CA LYS A 54 -9.21 -17.89 -16.84
C LYS A 54 -9.71 -17.51 -15.46
N GLN A 55 -8.79 -17.11 -14.58
CA GLN A 55 -9.13 -16.71 -13.23
C GLN A 55 -8.78 -15.25 -13.00
N GLN A 56 -9.78 -14.45 -12.61
CA GLN A 56 -9.57 -13.03 -12.37
C GLN A 56 -8.99 -12.78 -10.97
N HIS A 57 -9.09 -13.79 -10.11
CA HIS A 57 -8.58 -13.67 -8.74
C HIS A 57 -7.10 -14.07 -8.66
N ILE A 58 -6.48 -14.29 -9.81
CA ILE A 58 -5.08 -14.67 -9.85
C ILE A 58 -4.25 -13.64 -10.61
N VAL A 59 -3.13 -13.24 -10.02
CA VAL A 59 -2.25 -12.25 -10.64
C VAL A 59 -0.81 -12.77 -10.72
N HIS A 60 -0.37 -13.12 -11.93
CA HIS A 60 0.97 -13.63 -12.14
C HIS A 60 1.72 -12.85 -13.22
N CYS A 61 2.56 -11.91 -12.79
CA CYS A 61 3.34 -11.10 -13.71
C CYS A 61 4.80 -11.09 -13.29
N SER A 62 5.63 -11.85 -13.99
CA SER A 62 7.05 -11.94 -13.67
C SER A 62 7.75 -10.61 -13.89
N ASN A 63 7.52 -9.99 -15.03
CA ASN A 63 8.14 -8.70 -15.29
C ASN A 63 7.11 -7.61 -15.09
N ASP A 64 7.06 -7.09 -13.87
CA ASP A 64 6.14 -6.01 -13.53
C ASP A 64 6.56 -5.32 -12.24
N PRO A 65 6.39 -3.98 -12.15
CA PRO A 65 6.75 -3.23 -10.96
C PRO A 65 6.11 -3.83 -9.71
N LEU A 66 4.95 -4.44 -9.90
CA LEU A 66 4.22 -5.07 -8.79
C LEU A 66 4.97 -6.30 -8.30
N GLY A 67 5.04 -7.32 -9.15
CA GLY A 67 5.75 -8.54 -8.78
C GLY A 67 7.17 -8.25 -8.33
N GLU A 68 7.76 -7.19 -8.90
CA GLU A 68 9.11 -6.81 -8.57
C GLU A 68 9.15 -6.18 -7.18
N LEU A 69 8.05 -5.55 -6.78
CA LEU A 69 7.94 -4.92 -5.47
C LEU A 69 7.77 -5.97 -4.38
N PHE A 70 6.67 -6.71 -4.47
CA PHE A 70 6.38 -7.75 -3.49
C PHE A 70 7.43 -8.86 -3.52
N GLY A 71 8.07 -9.02 -4.68
CA GLY A 71 9.10 -10.04 -4.81
C GLY A 71 8.53 -11.41 -5.12
N VAL A 72 7.45 -11.44 -5.90
CA VAL A 72 6.81 -12.70 -6.26
C VAL A 72 6.37 -12.70 -7.72
N GLN A 73 6.28 -13.89 -8.30
CA GLN A 73 5.87 -14.03 -9.69
C GLN A 73 4.36 -14.16 -9.81
N GLU A 74 3.74 -14.72 -8.77
CA GLU A 74 2.29 -14.89 -8.75
C GLU A 74 1.75 -14.76 -7.34
N PHE A 75 0.49 -14.33 -7.23
CA PHE A 75 -0.14 -14.16 -5.92
C PHE A 75 -1.66 -14.10 -6.06
N SER A 76 -2.35 -15.01 -5.37
CA SER A 76 -3.80 -15.06 -5.41
C SER A 76 -4.38 -14.03 -4.44
N VAL A 77 -5.14 -13.08 -4.99
CA VAL A 77 -5.74 -12.03 -4.18
C VAL A 77 -6.71 -12.62 -3.13
N LYS A 78 -7.11 -13.86 -3.33
CA LYS A 78 -8.03 -14.52 -2.39
C LYS A 78 -7.52 -14.41 -0.97
N GLU A 79 -6.20 -14.31 -0.81
CA GLU A 79 -5.58 -14.19 0.50
C GLU A 79 -5.26 -12.73 0.81
N HIS A 80 -6.25 -12.00 1.28
CA HIS A 80 -6.08 -10.59 1.63
C HIS A 80 -4.97 -10.40 2.67
N ARG A 81 -4.78 -11.42 3.50
CA ARG A 81 -3.76 -11.36 4.55
C ARG A 81 -2.36 -11.24 3.94
N ARG A 82 -2.12 -12.00 2.87
CA ARG A 82 -0.82 -11.99 2.20
C ARG A 82 -0.54 -10.63 1.56
N ILE A 83 -1.49 -10.14 0.78
CA ILE A 83 -1.34 -8.84 0.12
C ILE A 83 -1.07 -7.72 1.12
N TYR A 84 -2.02 -7.51 2.04
CA TYR A 84 -1.89 -6.47 3.04
C TYR A 84 -0.54 -6.56 3.76
N ALA A 85 0.03 -7.76 3.78
CA ALA A 85 1.32 -7.98 4.44
C ALA A 85 2.49 -7.55 3.55
N MET A 86 2.55 -8.11 2.35
CA MET A 86 3.64 -7.79 1.42
C MET A 86 3.67 -6.29 1.12
N ILE A 87 2.50 -5.69 0.98
CA ILE A 87 2.41 -4.25 0.70
C ILE A 87 2.82 -3.44 1.92
N SER A 88 2.53 -3.97 3.10
CA SER A 88 2.88 -3.30 4.35
C SER A 88 4.40 -3.13 4.43
N ARG A 89 5.12 -4.10 3.89
CA ARG A 89 6.58 -4.05 3.90
C ARG A 89 7.11 -3.06 2.86
N ASN A 90 6.27 -2.77 1.86
CA ASN A 90 6.65 -1.83 0.81
C ASN A 90 6.55 -0.37 1.28
N LEU A 91 6.12 -0.18 2.53
CA LEU A 91 5.97 1.16 3.08
C LEU A 91 7.18 1.54 3.94
N VAL A 92 7.64 2.78 3.79
CA VAL A 92 8.80 3.25 4.55
C VAL A 92 8.38 3.88 5.87
N SER A 93 7.39 4.77 5.83
CA SER A 93 6.91 5.44 7.03
C SER A 93 5.52 4.92 7.42
N ALA A 94 5.38 4.50 8.67
CA ALA A 94 4.12 3.99 9.17
C ALA A 94 3.53 4.92 10.23
N ASN A 95 2.45 5.62 9.89
CA ASN A 95 1.80 6.54 10.81
C ASN A 95 1.38 5.83 12.09
N VAL A 96 2.15 6.00 13.15
CA VAL A 96 1.86 5.37 14.43
C VAL A 96 0.57 5.91 15.03
N LYS A 97 -0.09 5.07 15.82
CA LYS A 97 -1.34 5.44 16.48
C LYS A 97 -1.08 6.40 17.63
N GLU A 98 -1.94 7.42 17.74
CA GLU A 98 -1.80 8.41 18.81
C GLU A 98 -2.20 7.82 20.15
N SER A 99 -1.24 7.21 20.85
CA SER A 99 -1.50 6.61 22.14
C SER A 99 -0.92 7.46 23.26
N SER A 100 -1.60 7.48 24.40
CA SER A 100 -1.15 8.26 25.55
C SER A 100 -0.64 7.35 26.66
N GLU A 101 0.67 7.26 26.78
CA GLU A 101 1.29 6.42 27.81
C GLU A 101 0.98 6.95 29.21
N ASP A 102 1.39 6.19 30.22
CA ASP A 102 1.16 6.58 31.61
C ASP A 102 2.36 7.34 32.16
N ILE A 103 2.13 8.15 33.19
CA ILE A 103 3.18 8.90 33.83
C ILE A 103 3.44 8.36 35.23
N PHE A 104 4.52 7.61 35.34
CA PHE A 104 4.90 7.02 36.62
C PHE A 104 6.00 7.84 37.29
N GLY A 105 5.98 9.14 37.04
CA GLY A 105 6.97 10.02 37.64
C GLY A 105 7.91 10.61 36.60
N ASN A 106 7.40 10.84 35.40
CA ASN A 106 8.19 11.40 34.32
C ASN A 106 7.73 12.81 33.97
N VAL A 107 8.40 13.81 34.54
CA VAL A 107 8.06 15.20 34.29
C VAL A 107 9.31 16.04 34.02
C1 IMY B . -9.55 -7.24 -6.19
N2 IMY B . -9.15 -6.05 -6.61
C3 IMY B . -8.43 -5.36 -5.48
C4 IMY B . -9.11 -6.08 -4.27
N5 IMY B . -9.46 -7.37 -4.86
C13 IMY B . -6.92 -5.52 -5.56
C14 IMY B . -6.10 -4.48 -5.12
C15 IMY B . -4.71 -4.63 -5.07
C16 IMY B . -4.12 -5.84 -5.44
C17 IMY B . -4.92 -6.87 -5.92
C18 IMY B . -6.30 -6.72 -5.99
CL16 IMY B . -2.43 -6.06 -5.31
C20 IMY B . -8.69 -5.34 -1.89
C21 IMY B . -8.06 -5.44 -0.66
C22 IMY B . -7.11 -6.43 -0.45
C23 IMY B . -6.80 -7.33 -1.47
C24 IMY B . -7.48 -7.26 -2.69
C19 IMY B . -8.41 -6.24 -2.94
CL22 IMY B . -6.33 -6.57 1.07
C28 IMY B . -10.18 -9.81 -8.94
C29 IMY B . -9.76 -8.61 -8.33
C34 IMY B . -10.04 -8.40 -6.96
C25 IMY B . -10.74 -9.40 -6.25
C26 IMY B . -11.13 -10.58 -6.86
C27 IMY B . -10.84 -10.80 -8.21
O3 IMY B . -9.08 -7.60 -9.01
C31 IMY B . -8.38 -7.93 -10.23
C32 IMY B . -7.40 -6.81 -10.62
C33 IMY B . -7.60 -9.21 -9.98
O2 IMY B . -11.13 -11.94 -8.92
C30 IMY B . -12.11 -12.83 -8.35
H3 IMY B . -8.69 -4.29 -5.50
H4 IMY B . -10.07 -5.57 -4.09
H14 IMY B . -6.52 -3.52 -4.81
H15 IMY B . -4.07 -3.82 -4.76
H17 IMY B . -4.46 -7.77 -6.27
H18 IMY B . -6.88 -7.56 -6.37
H20 IMY B . -9.42 -4.53 -2.04
H21 IMY B . -8.31 -4.74 0.13
H23 IMY B . -6.04 -8.09 -1.32
H24 IMY B . -7.24 -8.00 -3.44
H28 IMY B . -9.98 -10.02 -9.98
H25 IMY B . -10.96 -9.27 -5.20
H26 IMY B . -11.64 -11.34 -6.27
H31 IMY B . -9.09 -8.14 -11.04
H321 IMY B . -6.64 -6.69 -9.85
H322 IMY B . -6.91 -7.05 -11.57
H323 IMY B . -7.91 -5.84 -10.72
H331 IMY B . -8.28 -10.03 -9.72
H332 IMY B . -7.02 -9.50 -10.86
H333 IMY B . -6.91 -9.11 -9.14
H30 IMY B . -12.98 -12.26 -7.98
H301 IMY B . -11.66 -13.43 -7.55
H302 IMY B . -12.45 -13.50 -9.12
N ASN A 1 -4.02 35.14 3.56
CA ASN A 1 -3.18 35.16 2.34
C ASN A 1 -2.81 33.74 1.90
N HIS A 2 -2.00 33.08 2.71
CA HIS A 2 -1.57 31.72 2.40
C HIS A 2 -2.24 30.72 3.34
N ILE A 3 -2.37 29.48 2.88
CA ILE A 3 -3.00 28.42 3.68
C ILE A 3 -2.07 27.96 4.80
N SER A 4 -1.00 27.28 4.43
CA SER A 4 -0.03 26.78 5.40
C SER A 4 1.09 26.00 4.72
N THR A 5 1.90 25.32 5.52
CA THR A 5 3.01 24.53 4.99
C THR A 5 2.75 23.03 5.17
N SER A 6 2.29 22.67 6.35
CA SER A 6 1.99 21.27 6.66
C SER A 6 0.49 21.06 6.84
N ASP A 7 -0.15 20.48 5.82
CA ASP A 7 -1.59 20.23 5.87
C ASP A 7 -1.87 18.73 5.91
N GLN A 8 -1.03 17.96 5.23
CA GLN A 8 -1.20 16.51 5.19
C GLN A 8 -0.63 15.86 6.46
N GLU A 9 -0.94 14.58 6.65
CA GLU A 9 -0.46 13.84 7.81
C GLU A 9 0.85 13.14 7.50
N LYS A 10 1.27 12.24 8.39
CA LYS A 10 2.52 11.51 8.21
C LYS A 10 2.50 10.75 6.89
N LEU A 11 3.45 11.04 6.01
CA LEU A 11 3.53 10.38 4.72
C LEU A 11 4.68 9.37 4.68
N VAL A 12 4.51 8.33 3.87
CA VAL A 12 5.53 7.31 3.73
C VAL A 12 6.28 7.48 2.41
N GLN A 13 7.40 6.79 2.27
CA GLN A 13 8.20 6.89 1.05
C GLN A 13 8.24 5.56 0.29
N PRO A 14 7.36 5.39 -0.71
CA PRO A 14 7.31 4.16 -1.51
C PRO A 14 8.56 3.97 -2.35
N THR A 15 9.14 2.76 -2.29
CA THR A 15 10.34 2.46 -3.06
C THR A 15 10.14 2.78 -4.53
N PRO A 16 11.22 2.94 -5.30
CA PRO A 16 11.14 3.26 -6.73
C PRO A 16 10.13 2.38 -7.46
N LEU A 17 10.04 1.13 -7.05
CA LEU A 17 9.11 0.18 -7.67
C LEU A 17 7.66 0.57 -7.35
N LEU A 18 7.33 0.55 -6.07
CA LEU A 18 5.98 0.91 -5.63
C LEU A 18 5.61 2.29 -6.14
N LEU A 19 6.59 3.19 -6.18
CA LEU A 19 6.39 4.55 -6.67
C LEU A 19 5.68 4.57 -8.02
N SER A 20 6.37 4.06 -9.04
CA SER A 20 5.82 4.02 -10.40
C SER A 20 4.38 3.51 -10.40
N LEU A 21 4.09 2.47 -9.63
CA LEU A 21 2.74 1.94 -9.57
C LEU A 21 1.76 3.07 -9.26
N LEU A 22 2.22 4.02 -8.46
CA LEU A 22 1.43 5.18 -8.10
C LEU A 22 1.41 6.16 -9.27
N LYS A 23 2.54 6.25 -9.97
CA LYS A 23 2.68 7.13 -11.12
C LYS A 23 1.60 6.83 -12.15
N SER A 24 1.26 5.55 -12.31
CA SER A 24 0.24 5.13 -13.25
C SER A 24 -1.13 5.09 -12.60
N ALA A 25 -1.15 4.97 -11.27
CA ALA A 25 -2.41 4.93 -10.52
C ALA A 25 -2.97 6.32 -10.28
N GLY A 26 -2.30 7.34 -10.81
CA GLY A 26 -2.76 8.71 -10.63
C GLY A 26 -1.99 9.44 -9.55
N ALA A 27 -0.69 9.17 -9.48
CA ALA A 27 0.16 9.80 -8.48
C ALA A 27 1.21 10.69 -9.14
N GLN A 28 1.61 11.79 -8.47
CA GLN A 28 2.60 12.70 -9.02
C GLN A 28 3.84 12.75 -8.13
N LYS A 29 3.65 13.25 -6.91
CA LYS A 29 4.76 13.37 -5.96
C LYS A 29 5.44 12.02 -5.74
N GLU A 30 6.48 12.01 -4.90
CA GLU A 30 7.23 10.79 -4.60
C GLU A 30 6.80 10.19 -3.27
N THR A 31 6.33 11.03 -2.37
CA THR A 31 5.89 10.58 -1.05
C THR A 31 4.37 10.52 -0.97
N PHE A 32 3.85 9.62 -0.16
CA PHE A 32 2.41 9.46 0.00
C PHE A 32 2.05 8.88 1.36
N THR A 33 0.89 9.26 1.88
CA THR A 33 0.43 8.75 3.16
C THR A 33 -0.13 7.34 2.99
N MET A 34 -0.03 6.53 4.03
CA MET A 34 -0.52 5.15 3.97
C MET A 34 -1.91 5.08 3.36
N LYS A 35 -2.69 6.15 3.53
CA LYS A 35 -4.05 6.19 2.98
C LYS A 35 -3.99 6.33 1.46
N GLU A 36 -3.14 7.22 0.98
CA GLU A 36 -2.98 7.43 -0.45
C GLU A 36 -2.32 6.21 -1.09
N VAL A 37 -1.24 5.74 -0.47
CA VAL A 37 -0.54 4.57 -0.97
C VAL A 37 -1.49 3.40 -1.19
N LEU A 38 -2.27 3.09 -0.16
CA LEU A 38 -3.24 2.02 -0.22
C LEU A 38 -4.38 2.37 -1.16
N TYR A 39 -4.54 3.65 -1.46
CA TYR A 39 -5.60 4.11 -2.35
C TYR A 39 -5.24 3.88 -3.81
N HIS A 40 -4.10 4.41 -4.25
CA HIS A 40 -3.67 4.25 -5.63
C HIS A 40 -3.57 2.77 -5.98
N LEU A 41 -3.03 1.97 -5.06
CA LEU A 41 -2.89 0.54 -5.26
C LEU A 41 -4.18 -0.07 -5.79
N GLY A 42 -5.28 0.20 -5.11
CA GLY A 42 -6.56 -0.33 -5.55
C GLY A 42 -6.84 0.03 -7.00
N GLN A 43 -6.51 1.27 -7.35
CA GLN A 43 -6.71 1.74 -8.72
C GLN A 43 -5.61 1.19 -9.64
N TYR A 44 -4.45 0.92 -9.05
CA TYR A 44 -3.32 0.38 -9.79
C TYR A 44 -3.64 -1.01 -10.33
N ILE A 45 -4.13 -1.88 -9.45
CA ILE A 45 -4.49 -3.24 -9.84
C ILE A 45 -5.54 -3.24 -10.94
N MET A 46 -6.66 -2.57 -10.69
CA MET A 46 -7.74 -2.50 -11.67
C MET A 46 -7.24 -1.91 -12.98
N ALA A 47 -6.28 -1.00 -12.88
CA ALA A 47 -5.71 -0.36 -14.06
C ALA A 47 -4.85 -1.35 -14.84
N LYS A 48 -3.83 -1.88 -14.18
CA LYS A 48 -2.94 -2.84 -14.81
C LYS A 48 -3.68 -4.13 -15.16
N GLN A 49 -4.80 -4.37 -14.47
CA GLN A 49 -5.60 -5.57 -14.70
C GLN A 49 -4.85 -6.83 -14.26
N LEU A 50 -4.66 -6.96 -12.94
CA LEU A 50 -3.96 -8.11 -12.38
C LEU A 50 -4.93 -9.02 -11.62
N TYR A 51 -6.20 -8.63 -11.55
CA TYR A 51 -7.21 -9.42 -10.84
C TYR A 51 -7.68 -10.59 -11.71
N ASP A 52 -8.12 -11.65 -11.06
CA ASP A 52 -8.60 -12.84 -11.77
C ASP A 52 -10.04 -12.66 -12.21
N GLU A 53 -10.37 -13.19 -13.38
CA GLU A 53 -11.72 -13.08 -13.92
C GLU A 53 -12.71 -13.85 -13.04
N LYS A 54 -12.37 -15.10 -12.73
CA LYS A 54 -13.23 -15.93 -11.90
C LYS A 54 -13.47 -15.26 -10.55
N GLN A 55 -12.39 -15.01 -9.82
CA GLN A 55 -12.48 -14.35 -8.52
C GLN A 55 -11.88 -12.96 -8.59
N GLN A 56 -12.67 -11.96 -8.23
CA GLN A 56 -12.21 -10.57 -8.25
C GLN A 56 -11.37 -10.25 -7.03
N HIS A 57 -11.46 -11.09 -6.00
CA HIS A 57 -10.70 -10.88 -4.78
C HIS A 57 -9.34 -11.59 -4.84
N ILE A 58 -8.98 -12.06 -6.03
CA ILE A 58 -7.70 -12.74 -6.22
C ILE A 58 -6.87 -12.03 -7.28
N VAL A 59 -5.59 -11.82 -6.98
CA VAL A 59 -4.69 -11.15 -7.92
C VAL A 59 -3.43 -11.99 -8.15
N HIS A 60 -3.38 -12.66 -9.30
CA HIS A 60 -2.23 -13.49 -9.65
C HIS A 60 -1.65 -13.11 -11.00
N CYS A 61 -0.59 -12.31 -10.98
CA CYS A 61 0.08 -11.88 -12.20
C CYS A 61 1.57 -12.10 -12.09
N SER A 62 2.07 -13.15 -12.75
CA SER A 62 3.49 -13.47 -12.71
C SER A 62 4.35 -12.33 -13.19
N ASN A 63 4.00 -11.75 -14.33
CA ASN A 63 4.79 -10.64 -14.82
C ASN A 63 4.08 -9.33 -14.49
N ASP A 64 4.44 -8.78 -13.33
CA ASP A 64 3.86 -7.52 -12.89
C ASP A 64 4.71 -6.88 -11.80
N PRO A 65 4.92 -5.54 -11.86
CA PRO A 65 5.70 -4.84 -10.86
C PRO A 65 5.18 -5.10 -9.45
N LEU A 66 3.89 -5.41 -9.36
CA LEU A 66 3.26 -5.70 -8.08
C LEU A 66 3.77 -7.01 -7.50
N GLY A 67 3.47 -8.11 -8.19
CA GLY A 67 3.92 -9.41 -7.74
C GLY A 67 5.43 -9.45 -7.55
N GLU A 68 6.12 -8.64 -8.36
CA GLU A 68 7.58 -8.57 -8.28
C GLU A 68 8.00 -7.79 -7.05
N LEU A 69 7.16 -6.86 -6.62
CA LEU A 69 7.43 -6.04 -5.43
C LEU A 69 7.24 -6.86 -4.16
N PHE A 70 6.02 -7.34 -3.95
CA PHE A 70 5.71 -8.15 -2.77
C PHE A 70 6.59 -9.39 -2.72
N GLY A 71 7.03 -9.86 -3.88
CA GLY A 71 7.87 -11.04 -3.94
C GLY A 71 7.07 -12.31 -4.15
N VAL A 72 5.89 -12.17 -4.75
CA VAL A 72 5.03 -13.33 -5.02
C VAL A 72 4.35 -13.19 -6.37
N GLN A 73 3.73 -14.29 -6.82
CA GLN A 73 3.03 -14.30 -8.11
C GLN A 73 1.53 -14.13 -7.92
N GLU A 74 1.02 -14.61 -6.79
CA GLU A 74 -0.40 -14.52 -6.48
C GLU A 74 -0.62 -14.13 -5.02
N PHE A 75 -1.70 -13.40 -4.77
CA PHE A 75 -2.02 -12.97 -3.42
C PHE A 75 -3.49 -12.56 -3.31
N SER A 76 -4.22 -13.21 -2.41
CA SER A 76 -5.63 -12.91 -2.20
C SER A 76 -5.79 -11.59 -1.44
N VAL A 77 -6.76 -10.77 -1.85
CA VAL A 77 -7.00 -9.49 -1.21
C VAL A 77 -7.97 -9.63 -0.04
N LYS A 78 -8.25 -10.86 0.37
CA LYS A 78 -9.17 -11.12 1.47
C LYS A 78 -8.48 -10.89 2.81
N GLU A 79 -7.18 -11.17 2.85
CA GLU A 79 -6.38 -10.99 4.06
C GLU A 79 -5.70 -9.63 4.06
N HIS A 80 -6.47 -8.59 4.40
CA HIS A 80 -5.93 -7.24 4.44
C HIS A 80 -4.71 -7.13 5.34
N ARG A 81 -4.64 -8.01 6.33
CA ARG A 81 -3.51 -8.02 7.26
C ARG A 81 -2.20 -8.33 6.54
N ARG A 82 -2.22 -9.35 5.70
CA ARG A 82 -1.03 -9.75 4.95
C ARG A 82 -0.58 -8.64 4.00
N ILE A 83 -1.53 -8.07 3.27
CA ILE A 83 -1.22 -6.99 2.32
C ILE A 83 -0.76 -5.74 3.05
N TYR A 84 -1.56 -5.29 4.01
CA TYR A 84 -1.23 -4.09 4.78
C TYR A 84 0.22 -4.12 5.27
N ALA A 85 0.74 -5.33 5.48
CA ALA A 85 2.11 -5.50 5.94
C ALA A 85 3.11 -5.27 4.82
N MET A 86 3.08 -6.13 3.80
CA MET A 86 3.99 -6.03 2.67
C MET A 86 3.99 -4.63 2.07
N ILE A 87 2.82 -4.00 2.00
CA ILE A 87 2.70 -2.66 1.45
C ILE A 87 3.38 -1.65 2.37
N SER A 88 3.33 -1.91 3.67
CA SER A 88 3.95 -1.03 4.65
C SER A 88 5.46 -1.23 4.70
N ARG A 89 5.89 -2.49 4.67
CA ARG A 89 7.32 -2.80 4.71
C ARG A 89 8.00 -2.49 3.38
N ASN A 90 7.21 -2.12 2.37
CA ASN A 90 7.76 -1.80 1.05
C ASN A 90 7.96 -0.29 0.89
N LEU A 91 8.11 0.41 2.02
CA LEU A 91 8.31 1.86 1.98
C LEU A 91 9.70 2.21 2.54
N VAL A 92 10.56 2.74 1.68
CA VAL A 92 11.92 3.11 2.09
C VAL A 92 11.91 3.91 3.40
N SER A 93 11.83 5.24 3.29
CA SER A 93 11.81 6.09 4.48
C SER A 93 10.38 6.53 4.79
N ALA A 94 9.77 5.86 5.77
CA ALA A 94 8.41 6.18 6.18
C ALA A 94 8.38 6.78 7.58
N ASN A 95 7.44 7.70 7.81
CA ASN A 95 7.31 8.34 9.12
C ASN A 95 6.08 7.83 9.85
N VAL A 96 6.28 6.93 10.80
CA VAL A 96 5.19 6.37 11.58
C VAL A 96 5.44 6.53 13.08
N LYS A 97 4.36 6.45 13.86
CA LYS A 97 4.46 6.59 15.31
C LYS A 97 4.25 5.24 16.00
N GLU A 98 5.13 4.91 16.92
CA GLU A 98 5.05 3.65 17.66
C GLU A 98 4.08 3.78 18.83
N SER A 99 3.19 2.79 18.97
CA SER A 99 2.22 2.79 20.06
C SER A 99 2.38 1.55 20.93
N SER A 100 2.14 1.72 22.23
CA SER A 100 2.26 0.61 23.17
C SER A 100 1.02 -0.26 23.16
N GLU A 101 1.23 -1.57 23.15
CA GLU A 101 0.13 -2.53 23.13
C GLU A 101 -0.55 -2.60 24.50
N ASP A 102 -1.88 -2.62 24.49
CA ASP A 102 -2.66 -2.69 25.72
C ASP A 102 -2.65 -4.11 26.29
N ILE A 103 -2.45 -4.21 27.60
CA ILE A 103 -2.43 -5.49 28.27
C ILE A 103 -3.65 -5.64 29.17
N PHE A 104 -4.62 -6.39 28.68
CA PHE A 104 -5.85 -6.63 29.41
C PHE A 104 -5.99 -8.10 29.78
N GLY A 105 -4.85 -8.77 29.99
CA GLY A 105 -4.86 -10.17 30.35
C GLY A 105 -5.54 -11.03 29.30
N ASN A 106 -5.49 -10.58 28.05
CA ASN A 106 -6.09 -11.32 26.95
C ASN A 106 -5.04 -12.07 26.15
N VAL A 107 -4.85 -13.34 26.49
CA VAL A 107 -3.87 -14.19 25.81
C VAL A 107 -4.52 -15.45 25.25
C1 IMY B . -9.77 -3.72 -2.98
N2 IMY B . -9.23 -2.71 -3.66
C3 IMY B . -8.21 -2.04 -2.80
C4 IMY B . -8.77 -2.43 -1.38
N5 IMY B . -9.47 -3.67 -1.68
C13 IMY B . -6.79 -2.54 -3.08
C14 IMY B . -5.71 -1.68 -2.84
C15 IMY B . -4.39 -2.14 -2.99
C16 IMY B . -4.14 -3.45 -3.34
C17 IMY B . -5.20 -4.30 -3.61
C18 IMY B . -6.52 -3.86 -3.49
CL16 IMY B . -2.53 -4.04 -3.43
C20 IMY B . -7.72 -1.43 0.69
C21 IMY B . -6.89 -1.50 1.80
C22 IMY B . -6.19 -2.67 2.08
C23 IMY B . -6.31 -3.77 1.24
C24 IMY B . -7.19 -3.72 0.15
C19 IMY B . -7.88 -2.55 -0.17
CL22 IMY B . -5.17 -2.77 3.46
C28 IMY B . -11.50 -6.33 -5.15
C29 IMY B . -10.80 -5.16 -4.82
C34 IMY B . -10.61 -4.83 -3.45
C25 IMY B . -11.16 -5.68 -2.47
C26 IMY B . -11.86 -6.84 -2.82
C27 IMY B . -12.03 -7.16 -4.16
O3 IMY B . -10.24 -4.30 -5.75
C31 IMY B . -9.99 -4.79 -7.10
C32 IMY B . -9.08 -3.84 -7.87
C33 IMY B . -9.30 -6.15 -6.96
O2 IMY B . -12.66 -8.30 -4.64
C30 IMY B . -13.50 -9.00 -3.71
H3 IMY B . -8.26 -0.96 -2.94
H4 IMY B . -9.57 -1.70 -1.15
H14 IMY B . -5.87 -0.65 -2.56
H15 IMY B . -3.56 -1.46 -2.83
H17 IMY B . -5.00 -5.31 -3.94
H18 IMY B . -7.31 -4.56 -3.71
H20 IMY B . -8.24 -0.50 0.50
H21 IMY B . -6.79 -0.64 2.46
H23 IMY B . -5.74 -4.68 1.44
H24 IMY B . -7.29 -4.62 -0.45
H28 IMY B . -11.67 -6.63 -6.18
H25 IMY B . -11.04 -5.47 -1.41
H26 IMY B . -12.25 -7.48 -2.03
H31 IMY B . -10.93 -4.98 -7.62
H321 IMY B . -8.10 -3.76 -7.39
H322 IMY B . -8.92 -4.20 -8.90
H323 IMY B . -9.48 -2.83 -7.92
H331 IMY B . -9.93 -6.85 -6.43
H332 IMY B . -9.05 -6.57 -7.93
H333 IMY B . -8.37 -6.07 -6.38
H30 IMY B . -14.11 -8.29 -3.13
H301 IMY B . -12.91 -9.65 -3.06
H302 IMY B . -14.18 -9.63 -4.30
N ASN A 1 7.38 21.47 14.21
CA ASN A 1 6.28 22.43 14.49
C ASN A 1 5.23 21.82 15.41
N HIS A 2 4.48 22.68 16.10
CA HIS A 2 3.45 22.23 17.01
C HIS A 2 2.07 22.34 16.35
N ILE A 3 1.61 21.24 15.76
CA ILE A 3 0.30 21.21 15.11
C ILE A 3 -0.81 20.89 16.10
N SER A 4 -0.47 20.12 17.13
CA SER A 4 -1.45 19.74 18.15
C SER A 4 -2.56 18.87 17.55
N THR A 5 -3.50 19.51 16.86
CA THR A 5 -4.61 18.80 16.25
C THR A 5 -4.22 18.27 14.87
N SER A 6 -5.17 17.65 14.19
CA SER A 6 -4.92 17.10 12.86
C SER A 6 -4.67 18.22 11.85
N ASP A 7 -3.47 18.19 11.25
CA ASP A 7 -3.09 19.20 10.27
C ASP A 7 -2.65 18.55 8.96
N GLN A 8 -1.54 17.82 9.02
CA GLN A 8 -1.01 17.14 7.84
C GLN A 8 -1.14 15.63 8.00
N GLU A 9 -1.13 14.93 6.87
CA GLU A 9 -1.25 13.48 6.88
C GLU A 9 0.07 12.82 6.48
N LYS A 10 0.50 11.83 7.27
CA LYS A 10 1.75 11.13 6.99
C LYS A 10 1.77 10.59 5.57
N LEU A 11 2.74 11.04 4.78
CA LEU A 11 2.87 10.60 3.39
C LEU A 11 3.96 9.54 3.25
N VAL A 12 3.73 8.59 2.36
CA VAL A 12 4.71 7.53 2.10
C VAL A 12 5.35 7.73 0.74
N GLN A 13 6.51 7.11 0.51
CA GLN A 13 7.21 7.26 -0.76
C GLN A 13 7.55 5.91 -1.38
N PRO A 14 6.69 5.42 -2.30
CA PRO A 14 6.91 4.14 -2.99
C PRO A 14 8.16 4.16 -3.85
N THR A 15 8.84 3.01 -3.93
CA THR A 15 10.05 2.90 -4.75
C THR A 15 9.73 3.20 -6.21
N PRO A 16 10.77 3.45 -7.03
CA PRO A 16 10.58 3.75 -8.45
C PRO A 16 9.63 2.77 -9.13
N LEU A 17 9.65 1.53 -8.67
CA LEU A 17 8.78 0.49 -9.24
C LEU A 17 7.32 0.75 -8.85
N LEU A 18 7.05 0.71 -7.55
CA LEU A 18 5.70 0.95 -7.05
C LEU A 18 5.17 2.28 -7.57
N LEU A 19 6.06 3.26 -7.68
CA LEU A 19 5.71 4.59 -8.18
C LEU A 19 4.91 4.51 -9.48
N SER A 20 5.58 4.05 -10.54
CA SER A 20 4.94 3.91 -11.86
C SER A 20 3.57 3.25 -11.74
N LEU A 21 3.46 2.23 -10.90
CA LEU A 21 2.18 1.54 -10.71
C LEU A 21 1.10 2.55 -10.37
N LEU A 22 1.50 3.59 -9.62
CA LEU A 22 0.57 4.66 -9.24
C LEU A 22 0.36 5.57 -10.43
N LYS A 23 1.43 5.78 -11.20
CA LYS A 23 1.39 6.63 -12.38
C LYS A 23 0.30 6.15 -13.35
N SER A 24 0.09 4.84 -13.37
CA SER A 24 -0.92 4.23 -14.22
C SER A 24 -2.25 4.09 -13.48
N ALA A 25 -2.20 4.08 -12.16
CA ALA A 25 -3.39 3.95 -11.34
C ALA A 25 -4.04 5.30 -11.07
N GLY A 26 -3.54 6.35 -11.73
CA GLY A 26 -4.09 7.69 -11.54
C GLY A 26 -3.29 8.49 -10.55
N ALA A 27 -1.98 8.33 -10.58
CA ALA A 27 -1.10 9.05 -9.66
C ALA A 27 -0.15 9.98 -10.44
N GLN A 28 0.22 11.11 -9.86
CA GLN A 28 1.11 12.06 -10.53
C GLN A 28 2.39 12.29 -9.72
N LYS A 29 2.25 12.94 -8.57
CA LYS A 29 3.40 13.24 -7.71
C LYS A 29 4.22 11.97 -7.44
N GLU A 30 5.34 12.15 -6.74
CA GLU A 30 6.22 11.03 -6.41
C GLU A 30 5.85 10.41 -5.07
N THR A 31 5.31 11.23 -4.17
CA THR A 31 4.91 10.76 -2.85
C THR A 31 3.39 10.69 -2.73
N PHE A 32 2.91 9.82 -1.86
CA PHE A 32 1.47 9.66 -1.64
C PHE A 32 1.19 9.16 -0.23
N THR A 33 0.05 9.56 0.31
CA THR A 33 -0.35 9.13 1.64
C THR A 33 -0.89 7.71 1.58
N MET A 34 -0.80 6.99 2.69
CA MET A 34 -1.27 5.61 2.76
C MET A 34 -2.62 5.45 2.07
N LYS A 35 -3.51 6.41 2.27
CA LYS A 35 -4.83 6.36 1.64
C LYS A 35 -4.71 6.35 0.13
N GLU A 36 -4.07 7.38 -0.42
CA GLU A 36 -3.88 7.48 -1.87
C GLU A 36 -3.14 6.25 -2.40
N VAL A 37 -2.03 5.90 -1.77
CA VAL A 37 -1.24 4.74 -2.17
C VAL A 37 -2.12 3.50 -2.24
N LEU A 38 -2.62 3.08 -1.08
CA LEU A 38 -3.48 1.91 -1.00
C LEU A 38 -4.66 2.02 -1.95
N TYR A 39 -5.02 3.26 -2.28
CA TYR A 39 -6.14 3.51 -3.18
C TYR A 39 -5.78 3.18 -4.63
N HIS A 40 -4.70 3.79 -5.13
CA HIS A 40 -4.27 3.54 -6.50
C HIS A 40 -4.11 2.04 -6.74
N LEU A 41 -3.47 1.36 -5.79
CA LEU A 41 -3.26 -0.07 -5.88
C LEU A 41 -4.54 -0.79 -6.29
N GLY A 42 -5.64 -0.47 -5.61
CA GLY A 42 -6.91 -1.09 -5.93
C GLY A 42 -7.26 -0.88 -7.39
N GLN A 43 -6.87 0.29 -7.92
CA GLN A 43 -7.12 0.61 -9.32
C GLN A 43 -6.03 0.02 -10.21
N TYR A 44 -4.83 -0.13 -9.65
CA TYR A 44 -3.70 -0.68 -10.38
C TYR A 44 -3.94 -2.16 -10.71
N ILE A 45 -4.45 -2.89 -9.72
CA ILE A 45 -4.72 -4.32 -9.90
C ILE A 45 -5.90 -4.55 -10.84
N MET A 46 -7.03 -3.92 -10.54
CA MET A 46 -8.23 -4.05 -11.36
C MET A 46 -7.96 -3.64 -12.80
N ALA A 47 -7.05 -2.68 -12.97
CA ALA A 47 -6.69 -2.20 -14.30
C ALA A 47 -5.85 -3.22 -15.04
N LYS A 48 -4.71 -3.59 -14.46
CA LYS A 48 -3.82 -4.56 -15.06
C LYS A 48 -4.49 -5.93 -15.14
N GLN A 49 -5.51 -6.14 -14.30
CA GLN A 49 -6.24 -7.40 -14.26
C GLN A 49 -5.41 -8.50 -13.60
N LEU A 50 -4.96 -8.24 -12.38
CA LEU A 50 -4.16 -9.21 -11.63
C LEU A 50 -5.05 -10.13 -10.80
N TYR A 51 -6.33 -9.81 -10.70
CA TYR A 51 -7.27 -10.61 -9.94
C TYR A 51 -7.72 -11.83 -10.72
N ASP A 52 -8.09 -12.90 -10.01
CA ASP A 52 -8.54 -14.12 -10.65
C ASP A 52 -10.01 -14.04 -11.02
N GLU A 53 -10.37 -14.67 -12.15
CA GLU A 53 -11.75 -14.66 -12.61
C GLU A 53 -12.66 -15.38 -11.63
N LYS A 54 -12.23 -16.56 -11.18
CA LYS A 54 -13.01 -17.34 -10.23
C LYS A 54 -13.23 -16.56 -8.94
N GLN A 55 -12.14 -16.08 -8.36
CA GLN A 55 -12.21 -15.30 -7.12
C GLN A 55 -11.65 -13.90 -7.34
N GLN A 56 -12.48 -12.89 -7.06
CA GLN A 56 -12.08 -11.50 -7.24
C GLN A 56 -11.22 -11.03 -6.06
N HIS A 57 -11.24 -11.76 -4.96
CA HIS A 57 -10.46 -11.41 -3.78
C HIS A 57 -9.08 -12.07 -3.80
N ILE A 58 -8.71 -12.62 -4.95
CA ILE A 58 -7.42 -13.28 -5.11
C ILE A 58 -6.61 -12.62 -6.23
N VAL A 59 -5.33 -12.38 -5.97
CA VAL A 59 -4.46 -11.76 -6.95
C VAL A 59 -3.20 -12.60 -7.17
N HIS A 60 -3.16 -13.32 -8.29
CA HIS A 60 -2.02 -14.15 -8.62
C HIS A 60 -1.48 -13.83 -10.02
N CYS A 61 -0.43 -13.03 -10.07
CA CYS A 61 0.19 -12.66 -11.32
C CYS A 61 1.70 -12.86 -11.27
N SER A 62 2.18 -13.95 -11.87
CA SER A 62 3.60 -14.24 -11.87
C SER A 62 4.38 -13.19 -12.62
N ASN A 63 3.94 -12.84 -13.81
CA ASN A 63 4.64 -11.82 -14.56
C ASN A 63 3.90 -10.49 -14.41
N ASP A 64 4.31 -9.71 -13.42
CA ASP A 64 3.72 -8.42 -13.17
C ASP A 64 4.62 -7.56 -12.29
N PRO A 65 4.71 -6.24 -12.56
CA PRO A 65 5.54 -5.34 -11.78
C PRO A 65 5.26 -5.46 -10.28
N LEU A 66 4.03 -5.84 -9.96
CA LEU A 66 3.63 -6.00 -8.57
C LEU A 66 4.26 -7.24 -7.96
N GLY A 67 4.20 -8.35 -8.69
CA GLY A 67 4.79 -9.58 -8.20
C GLY A 67 6.29 -9.47 -7.99
N GLU A 68 6.95 -8.75 -8.89
CA GLU A 68 8.40 -8.55 -8.78
C GLU A 68 8.73 -7.59 -7.65
N LEU A 69 7.78 -6.73 -7.31
CA LEU A 69 7.97 -5.75 -6.24
C LEU A 69 7.81 -6.41 -4.88
N PHE A 70 6.63 -6.94 -4.61
CA PHE A 70 6.34 -7.60 -3.34
C PHE A 70 7.17 -8.87 -3.19
N GLY A 71 7.54 -9.47 -4.32
CA GLY A 71 8.33 -10.69 -4.28
C GLY A 71 7.46 -11.94 -4.19
N VAL A 72 6.24 -11.85 -4.67
CA VAL A 72 5.32 -12.97 -4.64
C VAL A 72 4.58 -13.13 -5.97
N GLN A 73 3.97 -14.29 -6.18
CA GLN A 73 3.24 -14.56 -7.41
C GLN A 73 1.74 -14.62 -7.15
N GLU A 74 1.36 -14.92 -5.91
CA GLU A 74 -0.05 -15.01 -5.54
C GLU A 74 -0.26 -14.71 -4.06
N PHE A 75 -1.32 -13.98 -3.75
CA PHE A 75 -1.64 -13.63 -2.38
C PHE A 75 -3.09 -13.20 -2.25
N SER A 76 -3.71 -13.55 -1.13
CA SER A 76 -5.10 -13.21 -0.87
C SER A 76 -5.21 -11.88 -0.13
N VAL A 77 -5.98 -10.95 -0.70
CA VAL A 77 -6.15 -9.63 -0.10
C VAL A 77 -6.81 -9.73 1.28
N LYS A 78 -7.41 -10.88 1.57
CA LYS A 78 -8.07 -11.08 2.86
C LYS A 78 -7.15 -10.71 4.02
N GLU A 79 -5.85 -10.82 3.79
CA GLU A 79 -4.86 -10.49 4.82
C GLU A 79 -4.34 -9.08 4.63
N HIS A 80 -5.10 -8.10 5.12
CA HIS A 80 -4.70 -6.69 5.02
C HIS A 80 -3.37 -6.44 5.72
N ARG A 81 -3.18 -7.11 6.85
CA ARG A 81 -1.94 -6.95 7.62
C ARG A 81 -0.72 -7.31 6.78
N ARG A 82 -0.91 -8.21 5.81
CA ARG A 82 0.18 -8.62 4.94
C ARG A 82 0.54 -7.52 3.95
N ILE A 83 -0.44 -7.13 3.12
CA ILE A 83 -0.22 -6.08 2.14
C ILE A 83 0.35 -4.81 2.77
N TYR A 84 -0.32 -4.34 3.82
CA TYR A 84 0.13 -3.13 4.52
C TYR A 84 1.61 -3.23 4.89
N ALA A 85 2.02 -4.42 5.31
CA ALA A 85 3.42 -4.64 5.69
C ALA A 85 4.31 -4.77 4.45
N MET A 86 3.80 -5.44 3.43
CA MET A 86 4.54 -5.63 2.18
C MET A 86 4.94 -4.29 1.58
N ILE A 87 3.94 -3.48 1.23
CA ILE A 87 4.19 -2.17 0.65
C ILE A 87 5.05 -1.30 1.57
N SER A 88 4.91 -1.51 2.87
CA SER A 88 5.66 -0.75 3.86
C SER A 88 7.16 -0.88 3.62
N ARG A 89 7.62 -2.10 3.38
CA ARG A 89 9.04 -2.35 3.14
C ARG A 89 9.45 -1.88 1.75
N ASN A 90 8.47 -1.60 0.89
CA ASN A 90 8.76 -1.14 -0.46
C ASN A 90 8.60 0.38 -0.57
N LEU A 91 8.92 1.08 0.51
CA LEU A 91 8.83 2.54 0.54
C LEU A 91 10.14 3.15 0.98
N VAL A 92 10.86 3.77 0.04
CA VAL A 92 12.14 4.39 0.34
C VAL A 92 12.03 5.40 1.48
N SER A 93 11.14 6.38 1.34
CA SER A 93 10.94 7.38 2.36
C SER A 93 9.60 7.18 3.07
N ALA A 94 9.66 6.76 4.32
CA ALA A 94 8.45 6.52 5.11
C ALA A 94 8.34 7.52 6.26
N ASN A 95 7.33 8.38 6.18
CA ASN A 95 7.10 9.38 7.22
C ASN A 95 6.43 8.77 8.44
N VAL A 96 7.07 8.94 9.59
CA VAL A 96 6.54 8.39 10.84
C VAL A 96 6.21 9.50 11.83
N LYS A 97 5.36 9.19 12.80
CA LYS A 97 4.97 10.16 13.82
C LYS A 97 5.49 9.76 15.19
N GLU A 98 5.76 10.75 16.04
CA GLU A 98 6.27 10.49 17.39
C GLU A 98 5.15 10.00 18.30
N SER A 99 3.94 10.53 18.09
CA SER A 99 2.80 10.14 18.90
C SER A 99 2.23 8.80 18.44
N SER A 100 2.18 7.84 19.35
CA SER A 100 1.66 6.52 19.03
C SER A 100 0.71 6.02 20.12
N GLU A 101 -0.36 5.36 19.71
CA GLU A 101 -1.35 4.84 20.65
C GLU A 101 -0.73 3.80 21.58
N ASP A 102 -1.39 3.54 22.70
CA ASP A 102 -0.90 2.57 23.67
C ASP A 102 -1.66 1.25 23.54
N ILE A 103 -0.93 0.15 23.69
CA ILE A 103 -1.51 -1.18 23.60
C ILE A 103 -1.50 -1.85 24.97
N PHE A 104 -2.65 -1.85 25.61
CA PHE A 104 -2.80 -2.44 26.92
C PHE A 104 -3.57 -3.76 26.84
N GLY A 105 -3.41 -4.46 25.71
CA GLY A 105 -4.08 -5.73 25.54
C GLY A 105 -5.34 -5.60 24.70
N ASN A 106 -5.31 -4.71 23.72
CA ASN A 106 -6.46 -4.49 22.85
C ASN A 106 -6.19 -5.01 21.44
N VAL A 107 -6.85 -6.09 21.08
CA VAL A 107 -6.67 -6.70 19.76
C VAL A 107 -5.25 -7.18 19.56
C1 IMY B . -9.77 -4.70 -2.91
N2 IMY B . -9.29 -3.76 -3.71
C3 IMY B . -8.27 -2.96 -2.95
C4 IMY B . -8.80 -3.20 -1.49
N5 IMY B . -9.45 -4.50 -1.63
C13 IMY B . -6.85 -3.44 -3.20
C14 IMY B . -5.78 -2.55 -2.97
C15 IMY B . -4.46 -2.98 -3.08
C16 IMY B . -4.17 -4.29 -3.40
C17 IMY B . -5.21 -5.17 -3.68
C18 IMY B . -6.54 -4.75 -3.59
CL16 IMY B . -2.55 -4.84 -3.47
C20 IMY B . -7.83 -1.98 0.49
C21 IMY B . -6.99 -1.88 1.60
C22 IMY B . -6.16 -2.96 1.92
C23 IMY B . -6.17 -4.11 1.16
C24 IMY B . -7.06 -4.22 0.08
C19 IMY B . -7.88 -3.15 -0.28
CL22 IMY B . -5.12 -2.84 3.29
C28 IMY B . -11.35 -7.67 -4.71
C29 IMY B . -10.67 -6.45 -4.53
C34 IMY B . -10.58 -5.89 -3.24
C25 IMY B . -11.18 -6.58 -2.16
C26 IMY B . -11.85 -7.79 -2.35
C27 IMY B . -11.93 -8.33 -3.64
O3 IMY B . -10.07 -5.75 -5.57
C31 IMY B . -9.74 -6.46 -6.80
C32 IMY B . -8.83 -5.61 -7.69
C33 IMY B . -9.01 -7.74 -6.40
O2 IMY B . -12.53 -9.56 -3.94
C30 IMY B . -13.42 -10.09 -2.97
H3 IMY B . -8.38 -1.91 -3.22
H4 IMY B . -9.62 -2.49 -1.32
H14 IMY B . -5.97 -1.51 -2.70
H15 IMY B . -3.64 -2.28 -2.94
H17 IMY B . -4.99 -6.17 -3.99
H18 IMY B . -7.32 -5.48 -3.81
H20 IMY B . -8.46 -1.12 0.26
H21 IMY B . -6.98 -0.98 2.19
H23 IMY B . -5.50 -4.93 1.39
H24 IMY B . -7.08 -5.16 -0.46
H28 IMY B . -11.46 -8.13 -5.68
H25 IMY B . -11.12 -6.19 -1.15
H26 IMY B . -12.27 -8.29 -1.49
H31 IMY B . -10.64 -6.76 -7.33
H321 IMY B . -7.88 -5.40 -7.18
H322 IMY B . -8.61 -6.13 -8.63
H323 IMY B . -9.27 -4.64 -7.92
H331 IMY B . -9.66 -8.36 -5.78
H332 IMY B . -8.72 -8.31 -7.28
H333 IMY B . -8.12 -7.51 -5.80
H30 IMY B . -14.04 -9.31 -2.52
H301 IMY B . -12.87 -10.64 -2.19
H302 IMY B . -14.07 -10.80 -3.47
N ASN A 1 -11.40 1.03 16.89
CA ASN A 1 -10.82 2.04 15.95
C ASN A 1 -11.58 2.03 14.62
N HIS A 2 -12.79 2.59 14.63
CA HIS A 2 -13.60 2.66 13.42
C HIS A 2 -13.79 4.10 12.97
N ILE A 3 -13.83 4.30 11.66
CA ILE A 3 -14.00 5.64 11.09
C ILE A 3 -14.50 5.57 9.66
N SER A 4 -14.70 6.73 9.05
CA SER A 4 -15.18 6.81 7.67
C SER A 4 -14.66 8.06 6.98
N THR A 5 -14.44 7.96 5.67
CA THR A 5 -13.93 9.08 4.89
C THR A 5 -12.60 9.58 5.45
N SER A 6 -12.16 10.74 4.96
CA SER A 6 -10.90 11.33 5.42
C SER A 6 -11.05 11.90 6.82
N ASP A 7 -10.22 11.42 7.74
CA ASP A 7 -10.26 11.88 9.13
C ASP A 7 -8.91 11.66 9.81
N GLN A 8 -7.84 11.68 9.02
CA GLN A 8 -6.50 11.48 9.55
C GLN A 8 -5.67 12.76 9.40
N GLU A 9 -4.80 13.02 10.38
CA GLU A 9 -3.95 14.20 10.34
C GLU A 9 -2.51 13.82 10.04
N LYS A 10 -2.14 12.59 10.38
CA LYS A 10 -0.79 12.10 10.14
C LYS A 10 -0.70 11.39 8.79
N LEU A 11 0.50 11.31 8.25
CA LEU A 11 0.72 10.67 6.95
C LEU A 11 1.80 9.60 7.04
N VAL A 12 1.89 8.75 6.02
CA VAL A 12 2.90 7.71 5.98
C VAL A 12 3.79 7.88 4.76
N GLN A 13 4.94 7.20 4.76
CA GLN A 13 5.88 7.31 3.65
C GLN A 13 6.06 5.97 2.93
N PRO A 14 5.35 5.76 1.82
CA PRO A 14 5.44 4.52 1.04
C PRO A 14 6.85 4.31 0.48
N THR A 15 7.37 3.09 0.64
CA THR A 15 8.70 2.77 0.14
C THR A 15 8.82 3.14 -1.34
N PRO A 16 10.05 3.33 -1.85
CA PRO A 16 10.28 3.68 -3.25
C PRO A 16 9.47 2.82 -4.21
N LEU A 17 9.29 1.55 -3.85
CA LEU A 17 8.51 0.63 -4.68
C LEU A 17 7.03 0.95 -4.61
N LEU A 18 6.46 0.86 -3.40
CA LEU A 18 5.05 1.16 -3.20
C LEU A 18 4.72 2.53 -3.78
N LEU A 19 5.68 3.44 -3.69
CA LEU A 19 5.52 4.80 -4.21
C LEU A 19 5.08 4.78 -5.67
N SER A 20 5.91 4.18 -6.53
CA SER A 20 5.61 4.11 -7.96
C SER A 20 4.18 3.61 -8.20
N LEU A 21 3.77 2.59 -7.44
CA LEU A 21 2.42 2.05 -7.58
C LEU A 21 1.41 3.17 -7.39
N LEU A 22 1.67 4.02 -6.40
CA LEU A 22 0.81 5.17 -6.14
C LEU A 22 0.96 6.18 -7.26
N LYS A 23 2.21 6.46 -7.61
CA LYS A 23 2.53 7.39 -8.68
C LYS A 23 1.67 7.14 -9.90
N SER A 24 1.51 5.86 -10.25
CA SER A 24 0.70 5.47 -11.41
C SER A 24 -0.76 5.30 -11.01
N ALA A 25 -1.01 5.08 -9.72
CA ALA A 25 -2.37 4.91 -9.21
C ALA A 25 -3.10 6.24 -9.11
N GLY A 26 -2.40 7.34 -9.40
CA GLY A 26 -3.00 8.65 -9.33
C GLY A 26 -2.43 9.49 -8.21
N ALA A 27 -1.15 9.26 -7.91
CA ALA A 27 -0.47 9.99 -6.85
C ALA A 27 0.68 10.83 -7.41
N GLN A 28 0.96 11.99 -6.81
CA GLN A 28 2.04 12.85 -7.28
C GLN A 28 3.15 12.98 -6.23
N LYS A 29 2.79 13.45 -5.05
CA LYS A 29 3.75 13.61 -3.95
C LYS A 29 4.42 12.28 -3.62
N GLU A 30 5.32 12.32 -2.64
CA GLU A 30 6.04 11.12 -2.21
C GLU A 30 5.43 10.54 -0.94
N THR A 31 4.79 11.40 -0.14
CA THR A 31 4.17 10.95 1.11
C THR A 31 2.65 10.97 0.98
N PHE A 32 2.00 10.00 1.62
CA PHE A 32 0.55 9.91 1.58
C PHE A 32 -0.02 9.36 2.88
N THR A 33 -1.22 9.80 3.23
CA THR A 33 -1.89 9.33 4.42
C THR A 33 -2.50 7.96 4.15
N MET A 34 -2.58 7.11 5.18
CA MET A 34 -3.13 5.78 5.01
C MET A 34 -4.41 5.81 4.20
N LYS A 35 -5.15 6.91 4.29
CA LYS A 35 -6.39 7.06 3.55
C LYS A 35 -6.09 7.08 2.06
N GLU A 36 -5.14 7.92 1.66
CA GLU A 36 -4.75 8.03 0.26
C GLU A 36 -3.96 6.81 -0.18
N VAL A 37 -2.99 6.41 0.66
CA VAL A 37 -2.15 5.26 0.37
C VAL A 37 -3.00 4.03 0.05
N LEU A 38 -3.68 3.51 1.08
CA LEU A 38 -4.54 2.34 0.93
C LEU A 38 -5.58 2.56 -0.17
N TYR A 39 -5.88 3.83 -0.47
CA TYR A 39 -6.87 4.15 -1.49
C TYR A 39 -6.32 3.90 -2.90
N HIS A 40 -5.22 4.58 -3.24
CA HIS A 40 -4.63 4.40 -4.57
C HIS A 40 -4.42 2.92 -4.88
N LEU A 41 -3.96 2.16 -3.88
CA LEU A 41 -3.74 0.74 -4.04
C LEU A 41 -4.91 0.08 -4.73
N GLY A 42 -6.12 0.32 -4.23
CA GLY A 42 -7.30 -0.24 -4.85
C GLY A 42 -7.38 0.11 -6.31
N GLN A 43 -6.97 1.34 -6.62
CA GLN A 43 -6.97 1.81 -8.01
C GLN A 43 -5.74 1.29 -8.75
N TYR A 44 -4.68 1.01 -7.99
CA TYR A 44 -3.44 0.50 -8.57
C TYR A 44 -3.66 -0.89 -9.16
N ILE A 45 -4.44 -1.71 -8.46
CA ILE A 45 -4.73 -3.06 -8.92
C ILE A 45 -5.63 -3.04 -10.15
N MET A 46 -6.80 -2.42 -10.03
CA MET A 46 -7.73 -2.33 -11.14
C MET A 46 -7.07 -1.68 -12.35
N ALA A 47 -6.13 -0.78 -12.09
CA ALA A 47 -5.42 -0.09 -13.15
C ALA A 47 -4.40 -1.02 -13.80
N LYS A 48 -3.48 -1.53 -13.00
CA LYS A 48 -2.45 -2.43 -13.49
C LYS A 48 -3.07 -3.73 -14.01
N GLN A 49 -4.28 -4.02 -13.55
CA GLN A 49 -4.99 -5.23 -13.97
C GLN A 49 -4.33 -6.48 -13.41
N LEU A 50 -4.36 -6.62 -12.09
CA LEU A 50 -3.78 -7.78 -11.42
C LEU A 50 -4.86 -8.72 -10.89
N TYR A 51 -6.12 -8.33 -11.03
CA TYR A 51 -7.24 -9.14 -10.56
C TYR A 51 -7.55 -10.26 -11.54
N ASP A 52 -8.05 -11.38 -11.01
CA ASP A 52 -8.40 -12.53 -11.84
C ASP A 52 -9.74 -12.32 -12.53
N GLU A 53 -9.86 -12.81 -13.75
CA GLU A 53 -11.10 -12.68 -14.52
C GLU A 53 -12.22 -13.48 -13.86
N LYS A 54 -11.96 -14.75 -13.57
CA LYS A 54 -12.94 -15.62 -12.94
C LYS A 54 -13.45 -15.01 -11.64
N GLN A 55 -12.51 -14.64 -10.76
CA GLN A 55 -12.86 -14.03 -9.48
C GLN A 55 -12.19 -12.67 -9.34
N GLN A 56 -13.00 -11.64 -9.12
CA GLN A 56 -12.48 -10.29 -8.97
C GLN A 56 -11.88 -10.06 -7.58
N HIS A 57 -12.20 -10.95 -6.65
CA HIS A 57 -11.68 -10.84 -5.29
C HIS A 57 -10.31 -11.52 -5.15
N ILE A 58 -9.74 -11.95 -6.28
CA ILE A 58 -8.43 -12.60 -6.27
C ILE A 58 -7.44 -11.83 -7.13
N VAL A 59 -6.23 -11.66 -6.60
CA VAL A 59 -5.18 -10.95 -7.33
C VAL A 59 -3.91 -11.78 -7.41
N HIS A 60 -3.67 -12.37 -8.58
CA HIS A 60 -2.48 -13.20 -8.78
C HIS A 60 -1.71 -12.75 -10.01
N CYS A 61 -0.66 -11.96 -9.79
CA CYS A 61 0.18 -11.47 -10.87
C CYS A 61 1.66 -11.72 -10.57
N SER A 62 2.23 -12.74 -11.19
CA SER A 62 3.63 -13.08 -10.96
C SER A 62 4.54 -11.94 -11.34
N ASN A 63 4.34 -11.36 -12.52
CA ASN A 63 5.17 -10.24 -12.93
C ASN A 63 4.47 -8.94 -12.58
N ASP A 64 4.77 -8.43 -11.41
CA ASP A 64 4.19 -7.17 -10.95
C ASP A 64 5.01 -6.57 -9.80
N PRO A 65 5.20 -5.23 -9.80
CA PRO A 65 5.96 -4.56 -8.75
C PRO A 65 5.42 -4.92 -7.37
N LEU A 66 4.12 -5.18 -7.30
CA LEU A 66 3.48 -5.54 -6.04
C LEU A 66 3.94 -6.92 -5.58
N GLY A 67 3.99 -7.85 -6.52
CA GLY A 67 4.41 -9.21 -6.20
C GLY A 67 5.81 -9.24 -5.59
N GLU A 68 6.65 -8.31 -6.02
CA GLU A 68 8.01 -8.22 -5.50
C GLU A 68 8.04 -7.50 -4.16
N LEU A 69 7.06 -6.62 -3.96
CA LEU A 69 6.95 -5.86 -2.72
C LEU A 69 6.44 -6.74 -1.58
N PHE A 70 5.22 -7.25 -1.74
CA PHE A 70 4.62 -8.10 -0.73
C PHE A 70 5.34 -9.44 -0.63
N GLY A 71 5.97 -9.86 -1.74
CA GLY A 71 6.70 -11.11 -1.75
C GLY A 71 5.80 -12.31 -1.97
N VAL A 72 4.83 -12.15 -2.86
CA VAL A 72 3.89 -13.24 -3.16
C VAL A 72 3.43 -13.18 -4.61
N GLN A 73 2.99 -14.33 -5.13
CA GLN A 73 2.53 -14.41 -6.51
C GLN A 73 1.01 -14.21 -6.58
N GLU A 74 0.31 -14.62 -5.52
CA GLU A 74 -1.14 -14.48 -5.48
C GLU A 74 -1.61 -14.22 -4.04
N PHE A 75 -2.69 -13.48 -3.91
CA PHE A 75 -3.24 -13.14 -2.60
C PHE A 75 -4.69 -12.68 -2.71
N SER A 76 -5.56 -13.25 -1.89
CA SER A 76 -6.96 -12.89 -1.89
C SER A 76 -7.19 -11.60 -1.11
N VAL A 77 -8.11 -10.77 -1.58
CA VAL A 77 -8.41 -9.51 -0.92
C VAL A 77 -9.51 -9.66 0.12
N LYS A 78 -9.85 -10.91 0.45
CA LYS A 78 -10.88 -11.18 1.45
C LYS A 78 -10.39 -10.87 2.85
N GLU A 79 -9.10 -11.10 3.08
CA GLU A 79 -8.49 -10.85 4.38
C GLU A 79 -7.99 -9.41 4.47
N HIS A 80 -8.91 -8.47 4.66
CA HIS A 80 -8.56 -7.06 4.75
C HIS A 80 -7.61 -6.81 5.92
N ARG A 81 -7.73 -7.62 6.97
CA ARG A 81 -6.89 -7.49 8.14
C ARG A 81 -5.42 -7.77 7.81
N ARG A 82 -5.21 -8.70 6.88
CA ARG A 82 -3.85 -9.07 6.47
C ARG A 82 -3.25 -8.01 5.55
N ILE A 83 -4.07 -7.51 4.63
CA ILE A 83 -3.61 -6.50 3.68
C ILE A 83 -3.20 -5.21 4.39
N TYR A 84 -4.07 -4.75 5.29
CA TYR A 84 -3.80 -3.52 6.04
C TYR A 84 -2.48 -3.63 6.81
N ALA A 85 -2.27 -4.78 7.44
CA ALA A 85 -1.05 -5.01 8.21
C ALA A 85 0.15 -5.23 7.30
N MET A 86 -0.11 -5.62 6.06
CA MET A 86 0.93 -5.87 5.09
C MET A 86 1.48 -4.56 4.53
N ILE A 87 0.60 -3.76 3.93
CA ILE A 87 1.00 -2.48 3.36
C ILE A 87 1.66 -1.60 4.41
N SER A 88 1.27 -1.78 5.67
CA SER A 88 1.82 -1.01 6.77
C SER A 88 3.29 -1.34 6.98
N ARG A 89 3.61 -2.62 7.03
CA ARG A 89 4.99 -3.07 7.22
C ARG A 89 5.88 -2.61 6.07
N ASN A 90 5.26 -2.23 4.95
CA ASN A 90 6.01 -1.77 3.79
C ASN A 90 6.10 -0.25 3.75
N LEU A 91 6.21 0.36 4.93
CA LEU A 91 6.30 1.81 5.02
C LEU A 91 7.61 2.21 5.71
N VAL A 92 8.45 2.94 4.98
CA VAL A 92 9.74 3.39 5.51
C VAL A 92 9.56 4.13 6.83
N SER A 93 9.58 5.46 6.80
CA SER A 93 9.42 6.25 8.02
C SER A 93 8.05 6.92 8.06
N ALA A 94 7.47 6.99 9.26
CA ALA A 94 6.16 7.61 9.45
C ALA A 94 6.29 9.11 9.66
N ASN A 95 5.25 9.85 9.29
CA ASN A 95 5.26 11.31 9.44
C ASN A 95 5.41 11.70 10.91
N VAL A 96 6.62 12.07 11.30
CA VAL A 96 6.89 12.48 12.67
C VAL A 96 7.56 13.86 12.72
N LYS A 97 7.48 14.50 13.87
CA LYS A 97 8.07 15.82 14.04
C LYS A 97 9.59 15.77 13.84
N GLU A 98 10.07 16.48 12.82
CA GLU A 98 11.50 16.51 12.51
C GLU A 98 12.13 15.13 12.60
N SER A 99 12.16 14.41 11.49
CA SER A 99 12.74 13.07 11.45
C SER A 99 13.97 13.04 10.56
N SER A 100 14.82 12.04 10.78
CA SER A 100 16.04 11.89 10.00
C SER A 100 16.13 10.49 9.40
N GLU A 101 15.83 10.36 8.12
CA GLU A 101 15.88 9.08 7.43
C GLU A 101 17.27 8.47 7.52
N ASP A 102 17.36 7.31 8.17
CA ASP A 102 18.63 6.61 8.34
C ASP A 102 18.62 5.29 7.59
N ILE A 103 19.80 4.82 7.21
CA ILE A 103 19.94 3.56 6.49
C ILE A 103 20.61 2.53 7.38
N PHE A 104 19.80 1.65 7.92
CA PHE A 104 20.28 0.59 8.80
C PHE A 104 19.82 -0.79 8.30
N GLY A 105 19.68 -0.92 6.99
CA GLY A 105 19.25 -2.19 6.41
C GLY A 105 17.75 -2.34 6.38
N ASN A 106 17.05 -1.26 6.05
CA ASN A 106 15.60 -1.29 5.98
C ASN A 106 15.10 -0.91 4.59
N VAL A 107 14.15 -1.69 4.06
CA VAL A 107 13.60 -1.43 2.74
C VAL A 107 12.39 -0.50 2.81
C1 IMY B . -11.10 -3.71 -3.32
N2 IMY B . -10.40 -2.72 -3.88
C3 IMY B . -9.57 -2.07 -2.82
C4 IMY B . -10.43 -2.42 -1.56
N5 IMY B . -11.09 -3.66 -1.99
C13 IMY B . -8.14 -2.60 -2.78
C14 IMY B . -7.17 -1.90 -2.05
C15 IMY B . -5.87 -2.41 -1.90
C16 IMY B . -5.54 -3.64 -2.46
C17 IMY B . -6.48 -4.31 -3.22
C18 IMY B . -7.76 -3.81 -3.40
CL16 IMY B . -3.98 -4.30 -2.23
C20 IMY B . -9.51 -1.39 0.55
C21 IMY B . -8.94 -1.46 1.82
C22 IMY B . -8.64 -2.71 2.37
C23 IMY B . -8.93 -3.86 1.66
C24 IMY B . -9.55 -3.79 0.42
C19 IMY B . -9.83 -2.55 -0.17
CL22 IMY B . -7.94 -2.81 3.94
C28 IMY B . -12.40 -6.28 -5.82
C29 IMY B . -11.76 -5.13 -5.34
C34 IMY B . -11.84 -4.81 -3.97
C25 IMY B . -12.59 -5.66 -3.12
C26 IMY B . -13.23 -6.79 -3.60
C27 IMY B . -13.12 -7.12 -4.96
O3 IMY B . -11.01 -4.27 -6.14
C31 IMY B . -10.51 -4.77 -7.41
C32 IMY B . -9.43 -3.84 -7.97
C33 IMY B . -9.90 -6.14 -7.15
O2 IMY B . -13.66 -8.24 -5.56
C30 IMY B . -14.69 -8.92 -4.83
H3 IMY B . -9.56 -0.98 -2.98
H4 IMY B . -11.25 -1.68 -1.51
H14 IMY B . -7.41 -0.95 -1.58
H15 IMY B . -5.13 -1.86 -1.35
H17 IMY B . -6.19 -5.23 -3.71
H18 IMY B . -8.45 -4.38 -4.00
H20 IMY B . -9.72 -0.40 0.14
H21 IMY B . -8.72 -0.55 2.37
H23 IMY B . -8.67 -4.84 2.07
H24 IMY B . -9.80 -4.73 -0.08
H28 IMY B . -12.36 -6.57 -6.86
H25 IMY B . -12.67 -5.44 -2.05
H26 IMY B . -13.77 -7.43 -2.91
H31 IMY B . -11.33 -4.91 -8.12
H321 IMY B . -8.56 -3.78 -7.30
H322 IMY B . -9.08 -4.19 -8.94
H323 IMY B . -9.79 -2.81 -8.09
H331 IMY B . -10.66 -6.84 -6.77
H332 IMY B . -9.47 -6.57 -8.07
H333 IMY B . -9.11 -6.09 -6.39
H30 IMY B . -15.50 -8.24 -4.54
H301 IMY B . -14.26 -9.42 -3.94
H302 IMY B . -15.10 -9.70 -5.48
N ASN A 1 -0.46 22.30 5.45
CA ASN A 1 0.59 21.25 5.41
C ASN A 1 1.42 21.28 6.69
N HIS A 2 0.80 21.68 7.79
CA HIS A 2 1.49 21.75 9.08
C HIS A 2 0.98 20.66 10.02
N ILE A 3 1.87 20.15 10.86
CA ILE A 3 1.51 19.11 11.81
C ILE A 3 1.42 19.67 13.23
N SER A 4 0.76 18.93 14.12
CA SER A 4 0.60 19.37 15.51
C SER A 4 0.15 18.22 16.40
N THR A 5 -1.07 17.75 16.16
CA THR A 5 -1.63 16.65 16.95
C THR A 5 -2.63 15.85 16.13
N SER A 6 -3.81 16.41 15.92
CA SER A 6 -4.86 15.74 15.16
C SER A 6 -4.38 15.44 13.74
N ASP A 7 -4.59 14.21 13.29
CA ASP A 7 -4.19 13.79 11.95
C ASP A 7 -4.57 12.34 11.69
N GLN A 8 -4.72 11.99 10.41
CA GLN A 8 -5.08 10.63 10.03
C GLN A 8 -4.05 9.63 10.55
N GLU A 9 -4.42 8.35 10.59
CA GLU A 9 -3.52 7.31 11.07
C GLU A 9 -3.64 6.05 10.22
N LYS A 10 -2.76 5.08 10.51
CA LYS A 10 -2.75 3.81 9.78
C LYS A 10 -2.25 4.00 8.35
N LEU A 11 -1.82 5.21 8.02
CA LEU A 11 -1.33 5.52 6.68
C LEU A 11 0.09 5.02 6.48
N VAL A 12 0.29 4.20 5.46
CA VAL A 12 1.62 3.68 5.16
C VAL A 12 2.22 4.45 3.98
N GLN A 13 3.53 4.35 3.80
CA GLN A 13 4.20 5.05 2.71
C GLN A 13 4.76 4.09 1.67
N PRO A 14 4.00 3.84 0.59
CA PRO A 14 4.43 2.94 -0.50
C PRO A 14 5.67 3.46 -1.21
N THR A 15 6.64 2.58 -1.44
CA THR A 15 7.86 2.96 -2.13
C THR A 15 7.54 3.67 -3.44
N PRO A 16 8.50 4.42 -4.00
CA PRO A 16 8.30 5.15 -5.26
C PRO A 16 7.66 4.28 -6.33
N LEU A 17 7.92 2.98 -6.27
CA LEU A 17 7.36 2.04 -7.23
C LEU A 17 5.88 1.78 -6.93
N LEU A 18 5.60 1.32 -5.72
CA LEU A 18 4.24 1.04 -5.30
C LEU A 18 3.38 2.30 -5.47
N LEU A 19 3.99 3.45 -5.24
CA LEU A 19 3.32 4.73 -5.37
C LEU A 19 2.68 4.88 -6.76
N SER A 20 3.52 4.85 -7.79
CA SER A 20 3.06 4.99 -9.16
C SER A 20 1.84 4.10 -9.44
N LEU A 21 1.86 2.89 -8.88
CA LEU A 21 0.74 1.96 -9.06
C LEU A 21 -0.54 2.61 -8.53
N LEU A 22 -0.43 3.26 -7.38
CA LEU A 22 -1.56 3.94 -6.77
C LEU A 22 -1.90 5.17 -7.61
N LYS A 23 -0.86 5.84 -8.07
CA LYS A 23 -1.00 7.03 -8.90
C LYS A 23 -1.88 6.73 -10.10
N SER A 24 -1.66 5.58 -10.71
CA SER A 24 -2.44 5.16 -11.87
C SER A 24 -3.74 4.49 -11.43
N ALA A 25 -3.77 4.00 -10.20
CA ALA A 25 -4.95 3.33 -9.66
C ALA A 25 -5.96 4.33 -9.08
N GLY A 26 -5.69 5.63 -9.28
CA GLY A 26 -6.59 6.65 -8.76
C GLY A 26 -6.14 7.17 -7.42
N ALA A 27 -4.83 7.32 -7.26
CA ALA A 27 -4.26 7.82 -6.01
C ALA A 27 -3.59 9.18 -6.22
N GLN A 28 -3.62 10.05 -5.21
CA GLN A 28 -3.01 11.37 -5.32
C GLN A 28 -1.86 11.54 -4.34
N LYS A 29 -2.18 11.56 -3.04
CA LYS A 29 -1.18 11.72 -2.00
C LYS A 29 -0.07 10.68 -2.14
N GLU A 30 0.90 10.73 -1.23
CA GLU A 30 2.03 9.80 -1.26
C GLU A 30 1.84 8.68 -0.22
N THR A 31 1.11 8.98 0.85
CA THR A 31 0.86 8.01 1.90
C THR A 31 -0.59 7.52 1.85
N PHE A 32 -0.78 6.24 2.16
CA PHE A 32 -2.12 5.66 2.13
C PHE A 32 -2.27 4.58 3.21
N THR A 33 -3.47 4.49 3.78
CA THR A 33 -3.74 3.49 4.79
C THR A 33 -3.98 2.14 4.12
N MET A 34 -3.64 1.06 4.82
CA MET A 34 -3.80 -0.29 4.28
C MET A 34 -5.08 -0.45 3.47
N LYS A 35 -6.20 0.03 4.02
CA LYS A 35 -7.48 -0.07 3.33
C LYS A 35 -7.40 0.57 1.95
N GLU A 36 -6.89 1.79 1.90
CA GLU A 36 -6.75 2.50 0.63
C GLU A 36 -5.72 1.80 -0.24
N VAL A 37 -4.59 1.44 0.38
CA VAL A 37 -3.52 0.75 -0.32
C VAL A 37 -4.05 -0.53 -0.98
N LEU A 38 -4.69 -1.36 -0.17
CA LEU A 38 -5.27 -2.62 -0.64
C LEU A 38 -6.42 -2.36 -1.62
N TYR A 39 -6.95 -1.14 -1.60
CA TYR A 39 -8.07 -0.77 -2.48
C TYR A 39 -7.58 -0.47 -3.89
N HIS A 40 -6.64 0.47 -4.02
CA HIS A 40 -6.12 0.84 -5.34
C HIS A 40 -5.53 -0.39 -6.03
N LEU A 41 -4.78 -1.18 -5.28
CA LEU A 41 -4.16 -2.38 -5.81
C LEU A 41 -5.16 -3.19 -6.64
N GLY A 42 -6.33 -3.46 -6.06
CA GLY A 42 -7.34 -4.21 -6.78
C GLY A 42 -7.68 -3.56 -8.10
N GLN A 43 -7.72 -2.22 -8.10
CA GLN A 43 -8.02 -1.46 -9.31
C GLN A 43 -6.77 -1.34 -10.17
N TYR A 44 -5.60 -1.46 -9.56
CA TYR A 44 -4.33 -1.37 -10.27
C TYR A 44 -4.14 -2.60 -11.16
N ILE A 45 -4.33 -3.78 -10.58
CA ILE A 45 -4.18 -5.03 -11.32
C ILE A 45 -5.17 -5.10 -12.48
N MET A 46 -6.45 -4.95 -12.17
CA MET A 46 -7.49 -4.99 -13.19
C MET A 46 -7.24 -3.92 -14.26
N ALA A 47 -6.62 -2.82 -13.84
CA ALA A 47 -6.32 -1.73 -14.76
C ALA A 47 -5.16 -2.10 -15.68
N LYS A 48 -4.01 -2.41 -15.07
CA LYS A 48 -2.83 -2.80 -15.83
C LYS A 48 -3.08 -4.10 -16.58
N GLN A 49 -4.01 -4.90 -16.08
CA GLN A 49 -4.35 -6.18 -16.70
C GLN A 49 -3.23 -7.20 -16.51
N LEU A 50 -2.97 -7.55 -15.25
CA LEU A 50 -1.93 -8.53 -14.94
C LEU A 50 -2.53 -9.91 -14.66
N TYR A 51 -3.86 -9.98 -14.62
CA TYR A 51 -4.54 -11.24 -14.36
C TYR A 51 -4.61 -12.10 -15.61
N ASP A 52 -4.87 -13.39 -15.43
CA ASP A 52 -4.95 -14.33 -16.54
C ASP A 52 -6.40 -14.57 -16.96
N GLU A 53 -6.61 -14.75 -18.27
CA GLU A 53 -7.95 -15.00 -18.79
C GLU A 53 -8.54 -16.27 -18.19
N LYS A 54 -7.78 -17.37 -18.30
CA LYS A 54 -8.22 -18.65 -17.76
C LYS A 54 -8.51 -18.54 -16.27
N GLN A 55 -7.47 -18.22 -15.50
CA GLN A 55 -7.62 -18.06 -14.06
C GLN A 55 -7.73 -16.58 -13.71
N GLN A 56 -8.82 -16.22 -13.04
CA GLN A 56 -9.03 -14.83 -12.65
C GLN A 56 -8.36 -14.51 -11.31
N HIS A 57 -8.14 -15.53 -10.50
CA HIS A 57 -7.50 -15.35 -9.20
C HIS A 57 -5.99 -15.53 -9.30
N ILE A 58 -5.46 -15.56 -10.52
CA ILE A 58 -4.04 -15.71 -10.75
C ILE A 58 -3.47 -14.49 -11.46
N VAL A 59 -2.33 -13.99 -10.97
CA VAL A 59 -1.69 -12.83 -11.55
C VAL A 59 -0.24 -13.12 -11.90
N HIS A 60 0.04 -13.27 -13.20
CA HIS A 60 1.40 -13.56 -13.65
C HIS A 60 1.85 -12.56 -14.73
N CYS A 61 2.62 -11.57 -14.31
CA CYS A 61 3.12 -10.55 -15.23
C CYS A 61 4.62 -10.37 -15.05
N SER A 62 5.40 -10.93 -15.96
CA SER A 62 6.85 -10.83 -15.87
C SER A 62 7.31 -9.39 -16.00
N ASN A 63 6.80 -8.69 -17.00
CA ASN A 63 7.18 -7.29 -17.15
C ASN A 63 6.07 -6.41 -16.62
N ASP A 64 6.18 -6.06 -15.34
CA ASP A 64 5.20 -5.21 -14.69
C ASP A 64 5.76 -4.62 -13.40
N PRO A 65 5.49 -3.33 -13.12
CA PRO A 65 5.96 -2.68 -11.90
C PRO A 65 5.64 -3.51 -10.66
N LEU A 66 4.56 -4.27 -10.74
CA LEU A 66 4.14 -5.12 -9.63
C LEU A 66 5.09 -6.29 -9.47
N GLY A 67 5.11 -7.19 -10.45
CA GLY A 67 6.01 -8.33 -10.39
C GLY A 67 7.45 -7.92 -10.17
N GLU A 68 7.79 -6.72 -10.65
CA GLU A 68 9.13 -6.19 -10.49
C GLU A 68 9.33 -5.69 -9.07
N LEU A 69 8.24 -5.28 -8.42
CA LEU A 69 8.29 -4.78 -7.06
C LEU A 69 8.37 -5.94 -6.07
N PHE A 70 7.32 -6.78 -6.07
CA PHE A 70 7.25 -7.92 -5.18
C PHE A 70 8.45 -8.86 -5.40
N GLY A 71 8.99 -8.84 -6.61
CA GLY A 71 10.13 -9.68 -6.92
C GLY A 71 9.71 -11.07 -7.38
N VAL A 72 8.57 -11.15 -8.07
CA VAL A 72 8.07 -12.42 -8.55
C VAL A 72 7.45 -12.28 -9.94
N GLN A 73 7.15 -13.41 -10.57
CA GLN A 73 6.56 -13.41 -11.90
C GLN A 73 5.06 -13.74 -11.83
N GLU A 74 4.70 -14.56 -10.85
CA GLU A 74 3.31 -14.96 -10.67
C GLU A 74 2.95 -15.03 -9.19
N PHE A 75 1.67 -14.81 -8.89
CA PHE A 75 1.20 -14.85 -7.51
C PHE A 75 -0.31 -15.02 -7.45
N SER A 76 -0.76 -16.07 -6.76
CA SER A 76 -2.19 -16.34 -6.63
C SER A 76 -2.77 -15.53 -5.47
N VAL A 77 -3.74 -14.67 -5.77
CA VAL A 77 -4.37 -13.85 -4.76
C VAL A 77 -5.07 -14.69 -3.70
N LYS A 78 -5.31 -15.97 -4.01
CA LYS A 78 -5.98 -16.87 -3.07
C LYS A 78 -5.31 -16.83 -1.70
N GLU A 79 -4.01 -16.53 -1.69
CA GLU A 79 -3.24 -16.45 -0.45
C GLU A 79 -3.14 -15.00 0.02
N HIS A 80 -4.17 -14.53 0.70
CA HIS A 80 -4.20 -13.15 1.20
C HIS A 80 -3.03 -12.90 2.15
N ARG A 81 -2.71 -13.89 2.97
CA ARG A 81 -1.61 -13.77 3.93
C ARG A 81 -0.30 -13.43 3.22
N ARG A 82 -0.06 -14.10 2.10
CA ARG A 82 1.16 -13.87 1.33
C ARG A 82 1.25 -12.43 0.84
N ILE A 83 0.15 -11.93 0.27
CA ILE A 83 0.10 -10.57 -0.23
C ILE A 83 0.28 -9.56 0.89
N TYR A 84 -0.56 -9.66 1.92
CA TYR A 84 -0.49 -8.75 3.06
C TYR A 84 0.94 -8.56 3.54
N ALA A 85 1.77 -9.58 3.35
CA ALA A 85 3.17 -9.53 3.76
C ALA A 85 4.02 -8.72 2.80
N MET A 86 4.03 -9.11 1.53
CA MET A 86 4.83 -8.41 0.52
C MET A 86 4.41 -6.94 0.40
N ILE A 87 3.11 -6.69 0.47
CA ILE A 87 2.60 -5.33 0.38
C ILE A 87 3.05 -4.49 1.57
N SER A 88 3.13 -5.13 2.74
CA SER A 88 3.56 -4.44 3.95
C SER A 88 5.02 -4.04 3.87
N ARG A 89 5.84 -4.93 3.30
CA ARG A 89 7.26 -4.67 3.16
C ARG A 89 7.52 -3.60 2.10
N ASN A 90 6.49 -3.24 1.35
CA ASN A 90 6.62 -2.23 0.31
C ASN A 90 6.30 -0.83 0.83
N LEU A 91 6.47 -0.64 2.14
CA LEU A 91 6.19 0.65 2.76
C LEU A 91 7.45 1.19 3.45
N VAL A 92 8.00 2.26 2.90
CA VAL A 92 9.21 2.87 3.46
C VAL A 92 9.01 3.24 4.93
N SER A 93 8.19 4.26 5.18
CA SER A 93 7.92 4.71 6.55
C SER A 93 6.51 4.33 6.98
N ALA A 94 6.32 4.17 8.29
CA ALA A 94 5.01 3.81 8.84
C ALA A 94 4.43 4.95 9.67
N ASN A 95 3.11 5.09 9.62
CA ASN A 95 2.43 6.13 10.36
C ASN A 95 2.71 6.04 11.86
N VAL A 96 2.72 7.18 12.53
CA VAL A 96 2.99 7.23 13.97
C VAL A 96 1.77 7.76 14.73
N LYS A 97 1.71 7.46 16.03
CA LYS A 97 0.62 7.89 16.87
C LYS A 97 1.04 9.03 17.78
N GLU A 98 0.09 9.88 18.15
CA GLU A 98 0.36 11.01 19.02
C GLU A 98 -0.52 10.98 20.27
N SER A 99 0.06 11.34 21.41
CA SER A 99 -0.67 11.33 22.67
C SER A 99 -0.71 12.73 23.28
N SER A 100 -1.68 12.96 24.16
CA SER A 100 -1.83 14.27 24.82
C SER A 100 -0.89 14.38 26.00
N GLU A 101 0.16 15.19 25.85
CA GLU A 101 1.13 15.39 26.91
C GLU A 101 0.79 16.62 27.74
N ASP A 102 1.56 16.86 28.79
CA ASP A 102 1.34 18.00 29.67
C ASP A 102 2.08 19.23 29.16
N ILE A 103 1.50 20.41 29.39
CA ILE A 103 2.11 21.65 28.97
C ILE A 103 2.58 22.44 30.18
N PHE A 104 3.87 22.40 30.40
CA PHE A 104 4.48 23.10 31.53
C PHE A 104 5.29 24.29 31.04
N GLY A 105 5.84 24.18 29.82
CA GLY A 105 6.63 25.26 29.26
C GLY A 105 8.10 24.88 29.13
N ASN A 106 8.53 23.86 29.86
CA ASN A 106 9.91 23.41 29.82
C ASN A 106 10.01 22.03 29.18
N VAL A 107 10.94 21.88 28.24
CA VAL A 107 11.14 20.62 27.56
C VAL A 107 12.60 20.19 27.61
C1 IMY B . -9.15 -9.54 -5.72
N2 IMY B . -8.95 -8.26 -6.04
C3 IMY B . -8.21 -7.60 -4.93
C4 IMY B . -8.63 -8.51 -3.73
N5 IMY B . -8.90 -9.78 -4.42
C13 IMY B . -6.71 -7.55 -5.18
C14 IMY B . -5.96 -6.49 -4.62
C15 IMY B . -4.56 -6.47 -4.74
C16 IMY B . -3.90 -7.50 -5.38
C17 IMY B . -4.63 -8.52 -5.97
C18 IMY B . -6.01 -8.55 -5.87
CL16 IMY B . -2.18 -7.51 -5.46
C20 IMY B . -8.05 -7.96 -1.34
C21 IMY B . -7.27 -8.11 -0.19
C22 IMY B . -6.18 -8.97 -0.21
C23 IMY B . -5.88 -9.69 -1.35
C24 IMY B . -6.69 -9.60 -2.48
C19 IMY B . -7.77 -8.71 -2.51
CL22 IMY B . -5.21 -9.15 1.21
C28 IMY B . -9.86 -11.83 -8.67
C29 IMY B . -9.55 -10.65 -7.97
C34 IMY B . -9.58 -10.66 -6.56
C25 IMY B . -9.93 -11.86 -5.90
C26 IMY B . -10.24 -13.02 -6.61
C27 IMY B . -10.19 -13.01 -8.00
O3 IMY B . -9.21 -9.46 -8.59
C31 IMY B . -8.72 -9.49 -9.95
C32 IMY B . -8.08 -8.16 -10.35
C33 IMY B . -7.68 -10.59 -10.04
O2 IMY B . -10.42 -14.10 -8.82
C30 IMY B . -11.09 -15.21 -8.22
H3 IMY B . -8.60 -6.58 -4.78
H4 IMY B . -9.63 -8.17 -3.40
H14 IMY B . -6.44 -5.67 -4.09
H15 IMY B . -3.99 -5.64 -4.34
H17 IMY B . -4.10 -9.28 -6.52
H18 IMY B . -6.53 -9.38 -6.36
H20 IMY B . -8.89 -7.27 -1.31
H21 IMY B . -7.52 -7.54 0.69
H23 IMY B . -5.01 -10.35 -1.36
H24 IMY B . -6.44 -10.22 -3.33
H28 IMY B . -9.86 -11.88 -9.76
H25 IMY B . -9.96 -11.91 -4.81
H26 IMY B . -10.48 -13.92 -6.05
H31 IMY B . -9.53 -9.76 -10.65
H321 IMY B . -7.21 -7.94 -9.71
H322 IMY B . -7.75 -8.17 -11.38
H323 IMY B . -8.77 -7.32 -10.21
H331 IMY B . -8.12 -11.56 -9.79
H332 IMY B . -7.25 -10.66 -11.04
H333 IMY B . -6.86 -10.43 -9.32
H30 IMY B . -12.09 -14.93 -7.87
H301 IMY B . -10.49 -15.65 -7.41
H302 IMY B . -11.21 -15.99 -8.98
N ASN A 1 6.61 26.81 5.76
CA ASN A 1 6.82 25.48 5.13
C ASN A 1 8.31 25.16 5.01
N HIS A 2 8.79 24.24 5.85
CA HIS A 2 10.19 23.84 5.83
C HIS A 2 10.56 23.22 4.50
N ILE A 3 11.82 23.43 4.09
CA ILE A 3 12.30 22.90 2.82
C ILE A 3 13.80 22.59 2.89
N SER A 4 14.15 21.58 3.69
CA SER A 4 15.55 21.19 3.85
C SER A 4 15.83 19.89 3.11
N THR A 5 16.15 20.00 1.83
CA THR A 5 16.45 18.83 0.99
C THR A 5 15.20 18.00 0.76
N SER A 6 14.69 17.38 1.83
CA SER A 6 13.50 16.55 1.74
C SER A 6 12.24 17.41 1.74
N ASP A 7 11.39 17.19 0.74
CA ASP A 7 10.14 17.95 0.61
C ASP A 7 9.13 17.19 -0.24
N GLN A 8 9.23 15.86 -0.23
CA GLN A 8 8.32 15.02 -1.00
C GLN A 8 7.22 14.46 -0.11
N GLU A 9 5.98 14.67 -0.52
CA GLU A 9 4.83 14.17 0.25
C GLU A 9 4.18 12.98 -0.46
N LYS A 10 2.86 12.83 -0.32
CA LYS A 10 2.12 11.73 -0.95
C LYS A 10 2.34 10.41 -0.21
N LEU A 11 3.06 10.47 0.91
CA LEU A 11 3.35 9.26 1.69
C LEU A 11 2.09 8.73 2.39
N VAL A 12 1.89 7.42 2.26
CA VAL A 12 0.76 6.75 2.88
C VAL A 12 1.28 5.76 3.92
N GLN A 13 0.44 5.38 4.89
CA GLN A 13 0.86 4.45 5.93
C GLN A 13 0.03 3.18 5.94
N PRO A 14 0.53 2.09 5.32
CA PRO A 14 -0.16 0.80 5.27
C PRO A 14 -0.43 0.26 6.67
N THR A 15 -1.46 -0.59 6.78
CA THR A 15 -1.80 -1.20 8.06
C THR A 15 -0.64 -2.05 8.56
N PRO A 16 -0.56 -2.28 9.89
CA PRO A 16 0.51 -3.09 10.47
C PRO A 16 0.75 -4.39 9.69
N LEU A 17 -0.31 -4.90 9.07
CA LEU A 17 -0.22 -6.11 8.28
C LEU A 17 0.52 -5.86 6.98
N LEU A 18 0.00 -4.92 6.19
CA LEU A 18 0.63 -4.57 4.92
C LEU A 18 2.07 -4.12 5.15
N LEU A 19 2.27 -3.39 6.24
CA LEU A 19 3.60 -2.90 6.61
C LEU A 19 4.64 -4.01 6.53
N SER A 20 4.46 -5.04 7.35
CA SER A 20 5.40 -6.18 7.37
C SER A 20 5.67 -6.69 5.97
N LEU A 21 4.63 -6.79 5.15
CA LEU A 21 4.80 -7.26 3.77
C LEU A 21 5.85 -6.42 3.06
N LEU A 22 5.79 -5.11 3.28
CA LEU A 22 6.76 -4.19 2.69
C LEU A 22 8.10 -4.37 3.37
N LYS A 23 8.05 -4.51 4.69
CA LYS A 23 9.26 -4.71 5.50
C LYS A 23 10.11 -5.83 4.92
N SER A 24 9.46 -6.93 4.53
CA SER A 24 10.16 -8.07 3.96
C SER A 24 10.33 -7.92 2.45
N ALA A 25 9.48 -7.08 1.84
CA ALA A 25 9.54 -6.85 0.40
C ALA A 25 10.67 -5.89 0.03
N GLY A 26 11.39 -5.40 1.04
CA GLY A 26 12.48 -4.47 0.79
C GLY A 26 12.17 -3.07 1.28
N ALA A 27 11.20 -2.96 2.19
CA ALA A 27 10.80 -1.68 2.74
C ALA A 27 11.37 -1.51 4.17
N GLN A 28 11.70 -0.27 4.56
CA GLN A 28 12.26 -0.03 5.89
C GLN A 28 11.31 0.80 6.75
N LYS A 29 11.21 2.10 6.44
CA LYS A 29 10.35 3.01 7.18
C LYS A 29 8.95 2.43 7.38
N GLU A 30 8.12 3.15 8.14
CA GLU A 30 6.76 2.71 8.40
C GLU A 30 5.79 3.27 7.37
N THR A 31 6.13 4.42 6.80
CA THR A 31 5.28 5.05 5.79
C THR A 31 5.91 4.95 4.41
N PHE A 32 5.08 4.96 3.39
CA PHE A 32 5.55 4.87 2.01
C PHE A 32 4.57 5.54 1.06
N THR A 33 5.09 6.11 -0.03
CA THR A 33 4.24 6.76 -1.02
C THR A 33 3.57 5.70 -1.89
N MET A 34 2.39 6.02 -2.40
CA MET A 34 1.64 5.08 -3.23
C MET A 34 2.54 4.39 -4.26
N LYS A 35 3.61 5.07 -4.66
CA LYS A 35 4.55 4.50 -5.63
C LYS A 35 5.38 3.41 -4.97
N GLU A 36 6.04 3.76 -3.87
CA GLU A 36 6.87 2.81 -3.14
C GLU A 36 6.02 1.68 -2.58
N VAL A 37 4.88 2.04 -1.99
CA VAL A 37 3.97 1.04 -1.42
C VAL A 37 3.62 0.00 -2.47
N LEU A 38 3.03 0.45 -3.56
CA LEU A 38 2.64 -0.44 -4.66
C LEU A 38 3.88 -1.11 -5.26
N TYR A 39 5.06 -0.56 -4.99
CA TYR A 39 6.30 -1.12 -5.52
C TYR A 39 6.73 -2.36 -4.73
N HIS A 40 6.91 -2.21 -3.43
CA HIS A 40 7.31 -3.34 -2.59
C HIS A 40 6.21 -4.38 -2.53
N LEU A 41 4.96 -3.93 -2.66
CA LEU A 41 3.82 -4.81 -2.61
C LEU A 41 3.85 -5.78 -3.80
N GLY A 42 4.19 -5.25 -4.97
CA GLY A 42 4.28 -6.10 -6.15
C GLY A 42 5.39 -7.12 -6.01
N GLN A 43 6.49 -6.71 -5.40
CA GLN A 43 7.62 -7.59 -5.17
C GLN A 43 7.29 -8.59 -4.08
N TYR A 44 6.39 -8.19 -3.18
CA TYR A 44 5.97 -9.06 -2.08
C TYR A 44 5.32 -10.33 -2.63
N ILE A 45 4.58 -10.17 -3.73
CA ILE A 45 3.90 -11.28 -4.36
C ILE A 45 4.90 -12.23 -5.03
N MET A 46 5.75 -11.67 -5.88
CA MET A 46 6.77 -12.47 -6.57
C MET A 46 7.70 -13.14 -5.57
N ALA A 47 7.85 -12.51 -4.40
CA ALA A 47 8.72 -13.06 -3.36
C ALA A 47 8.00 -14.16 -2.59
N LYS A 48 6.86 -13.82 -2.00
CA LYS A 48 6.08 -14.80 -1.25
C LYS A 48 5.59 -15.91 -2.16
N GLN A 49 5.48 -15.60 -3.46
CA GLN A 49 5.02 -16.57 -4.45
C GLN A 49 3.54 -16.87 -4.30
N LEU A 50 2.71 -15.85 -4.54
CA LEU A 50 1.26 -16.00 -4.43
C LEU A 50 0.60 -16.07 -5.81
N TYR A 51 1.41 -15.90 -6.86
CA TYR A 51 0.90 -15.94 -8.22
C TYR A 51 0.71 -17.38 -8.69
N ASP A 52 -0.20 -17.59 -9.63
CA ASP A 52 -0.48 -18.91 -10.17
C ASP A 52 0.46 -19.24 -11.33
N GLU A 53 0.87 -20.50 -11.41
CA GLU A 53 1.76 -20.93 -12.48
C GLU A 53 1.11 -20.72 -13.84
N LYS A 54 -0.08 -21.28 -14.02
CA LYS A 54 -0.81 -21.14 -15.28
C LYS A 54 -1.00 -19.67 -15.60
N GLN A 55 -1.81 -18.99 -14.80
CA GLN A 55 -2.06 -17.57 -14.99
C GLN A 55 -1.11 -16.75 -14.13
N GLN A 56 -0.34 -15.87 -14.77
CA GLN A 56 0.61 -15.03 -14.05
C GLN A 56 -0.06 -13.78 -13.50
N HIS A 57 -1.17 -13.37 -14.12
CA HIS A 57 -1.89 -12.19 -13.69
C HIS A 57 -2.94 -12.54 -12.63
N ILE A 58 -2.85 -13.74 -12.07
CA ILE A 58 -3.78 -14.18 -11.04
C ILE A 58 -3.04 -14.55 -9.76
N VAL A 59 -3.55 -14.07 -8.64
CA VAL A 59 -2.94 -14.34 -7.35
C VAL A 59 -3.96 -14.92 -6.37
N HIS A 60 -3.87 -16.22 -6.11
CA HIS A 60 -4.80 -16.87 -5.19
C HIS A 60 -4.06 -17.66 -4.11
N CYS A 61 -3.93 -17.05 -2.93
CA CYS A 61 -3.27 -17.69 -1.81
C CYS A 61 -4.12 -17.59 -0.56
N SER A 62 -4.79 -18.69 -0.20
CA SER A 62 -5.65 -18.71 0.98
C SER A 62 -4.87 -18.41 2.23
N ASN A 63 -3.74 -19.07 2.42
CA ASN A 63 -2.94 -18.80 3.59
C ASN A 63 -1.83 -17.83 3.23
N ASP A 64 -2.11 -16.55 3.43
CA ASP A 64 -1.15 -15.50 3.13
C ASP A 64 -1.51 -14.19 3.83
N PRO A 65 -0.53 -13.48 4.39
CA PRO A 65 -0.76 -12.21 5.08
C PRO A 65 -1.47 -11.21 4.17
N LEU A 66 -1.35 -11.42 2.86
CA LEU A 66 -1.97 -10.53 1.88
C LEU A 66 -3.46 -10.85 1.75
N GLY A 67 -3.77 -12.14 1.61
CA GLY A 67 -5.16 -12.55 1.48
C GLY A 67 -5.98 -12.17 2.69
N GLU A 68 -5.36 -12.25 3.87
CA GLU A 68 -6.04 -11.91 5.10
C GLU A 68 -6.22 -10.39 5.22
N LEU A 69 -5.30 -9.65 4.61
CA LEU A 69 -5.35 -8.20 4.62
C LEU A 69 -6.51 -7.68 3.77
N PHE A 70 -6.46 -7.99 2.49
CA PHE A 70 -7.51 -7.58 1.55
C PHE A 70 -8.84 -8.24 1.90
N GLY A 71 -8.77 -9.41 2.52
CA GLY A 71 -9.98 -10.12 2.89
C GLY A 71 -10.50 -11.01 1.77
N VAL A 72 -9.59 -11.50 0.94
CA VAL A 72 -9.97 -12.36 -0.18
C VAL A 72 -8.95 -13.47 -0.39
N GLN A 73 -9.39 -14.57 -1.00
CA GLN A 73 -8.52 -15.70 -1.25
C GLN A 73 -7.77 -15.52 -2.57
N GLU A 74 -8.42 -14.89 -3.54
CA GLU A 74 -7.81 -14.65 -4.84
C GLU A 74 -8.18 -13.27 -5.37
N PHE A 75 -7.34 -12.74 -6.26
CA PHE A 75 -7.56 -11.42 -6.84
C PHE A 75 -6.75 -11.24 -8.11
N SER A 76 -7.43 -10.93 -9.21
CA SER A 76 -6.77 -10.73 -10.49
C SER A 76 -6.18 -9.33 -10.58
N VAL A 77 -4.86 -9.25 -10.72
CA VAL A 77 -4.18 -7.97 -10.81
C VAL A 77 -4.63 -7.17 -12.04
N LYS A 78 -5.27 -7.85 -12.98
CA LYS A 78 -5.76 -7.20 -14.20
C LYS A 78 -6.57 -5.95 -13.87
N GLU A 79 -7.31 -6.02 -12.77
CA GLU A 79 -8.14 -4.89 -12.34
C GLU A 79 -7.36 -3.99 -11.37
N HIS A 80 -6.54 -3.11 -11.91
CA HIS A 80 -5.74 -2.20 -11.11
C HIS A 80 -6.62 -1.36 -10.19
N ARG A 81 -7.83 -1.05 -10.65
CA ARG A 81 -8.77 -0.25 -9.86
C ARG A 81 -9.11 -0.94 -8.54
N ARG A 82 -9.17 -2.27 -8.57
CA ARG A 82 -9.49 -3.05 -7.38
C ARG A 82 -8.34 -3.00 -6.38
N ILE A 83 -7.13 -3.28 -6.86
CA ILE A 83 -5.94 -3.27 -6.00
C ILE A 83 -5.74 -1.91 -5.36
N TYR A 84 -5.52 -0.89 -6.19
CA TYR A 84 -5.31 0.47 -5.71
C TYR A 84 -6.41 0.89 -4.74
N ALA A 85 -7.59 0.28 -4.88
CA ALA A 85 -8.72 0.59 -4.02
C ALA A 85 -8.62 -0.13 -2.68
N MET A 86 -8.45 -1.44 -2.74
CA MET A 86 -8.35 -2.25 -1.52
C MET A 86 -7.13 -1.86 -0.70
N ILE A 87 -6.02 -1.57 -1.39
CA ILE A 87 -4.79 -1.17 -0.72
C ILE A 87 -4.91 0.22 -0.12
N SER A 88 -5.72 1.06 -0.76
CA SER A 88 -5.93 2.42 -0.29
C SER A 88 -6.69 2.43 1.04
N ARG A 89 -7.71 1.58 1.12
CA ARG A 89 -8.52 1.48 2.33
C ARG A 89 -7.72 0.84 3.47
N ASN A 90 -6.61 0.20 3.13
CA ASN A 90 -5.77 -0.45 4.13
C ASN A 90 -4.64 0.46 4.59
N LEU A 91 -4.90 1.77 4.59
CA LEU A 91 -3.90 2.75 5.01
C LEU A 91 -4.34 3.44 6.29
N VAL A 92 -3.68 3.11 7.40
CA VAL A 92 -4.01 3.70 8.68
C VAL A 92 -3.68 5.20 8.73
N SER A 93 -2.43 5.54 8.42
CA SER A 93 -2.00 6.93 8.42
C SER A 93 -1.79 7.46 7.00
N ALA A 94 -2.77 8.20 6.50
CA ALA A 94 -2.68 8.77 5.16
C ALA A 94 -2.61 10.30 5.24
N ASN A 95 -1.51 10.87 4.78
CA ASN A 95 -1.35 12.32 4.81
C ASN A 95 -2.44 13.01 4.00
N VAL A 96 -3.44 13.53 4.70
CA VAL A 96 -4.56 14.21 4.05
C VAL A 96 -4.10 15.49 3.35
N LYS A 97 -4.82 15.86 2.30
CA LYS A 97 -4.50 17.06 1.54
C LYS A 97 -5.51 18.17 1.82
N GLU A 98 -5.20 19.01 2.80
CA GLU A 98 -6.09 20.11 3.17
C GLU A 98 -5.41 21.04 4.16
N SER A 99 -6.13 22.09 4.57
CA SER A 99 -5.61 23.05 5.52
C SER A 99 -6.32 22.96 6.86
N SER A 100 -5.64 22.39 7.85
CA SER A 100 -6.22 22.24 9.19
C SER A 100 -6.00 23.49 10.03
N GLU A 101 -7.10 24.18 10.35
CA GLU A 101 -7.03 25.40 11.15
C GLU A 101 -7.34 25.12 12.61
N ASP A 102 -7.11 26.10 13.47
CA ASP A 102 -7.38 25.96 14.89
C ASP A 102 -8.77 26.46 15.24
N ILE A 103 -9.31 25.97 16.35
CA ILE A 103 -10.64 26.38 16.80
C ILE A 103 -10.52 27.20 18.07
N PHE A 104 -10.66 28.51 17.90
CA PHE A 104 -10.57 29.44 19.02
C PHE A 104 -11.78 29.29 19.93
N GLY A 105 -12.91 28.88 19.36
CA GLY A 105 -14.12 28.71 20.15
C GLY A 105 -15.23 29.64 19.71
N ASN A 106 -15.33 29.88 18.42
CA ASN A 106 -16.35 30.76 17.87
C ASN A 106 -17.33 29.98 16.99
N VAL A 107 -18.62 30.09 17.30
CA VAL A 107 -19.65 29.39 16.55
C VAL A 107 -19.81 30.00 15.16
C1 IMY B . 2.23 -6.41 -11.31
N2 IMY B . 3.03 -6.31 -10.26
C3 IMY B . 2.63 -5.11 -9.45
C4 IMY B . 1.96 -4.25 -10.58
N5 IMY B . 1.51 -5.30 -11.51
C13 IMY B . 1.72 -5.47 -8.29
C14 IMY B . 1.84 -4.76 -7.09
C15 IMY B . 0.94 -4.99 -6.03
C16 IMY B . -0.09 -5.89 -6.18
C17 IMY B . -0.20 -6.62 -7.35
C18 IMY B . 0.69 -6.43 -8.39
CL16 IMY B . -1.23 -6.11 -4.92
C20 IMY B . 1.22 -1.91 -10.00
C21 IMY B . 0.25 -0.96 -9.71
C22 IMY B . -1.09 -1.33 -9.67
C23 IMY B . -1.46 -2.64 -9.94
C24 IMY B . -0.49 -3.59 -10.28
C19 IMY B . 0.87 -3.24 -10.30
CL22 IMY B . -2.30 -0.16 -9.32
C28 IMY B . 2.21 -9.85 -12.93
C29 IMY B . 2.58 -8.82 -12.05
C34 IMY B . 2.03 -7.53 -12.23
C25 IMY B . 1.14 -7.32 -13.32
C26 IMY B . 0.79 -8.36 -14.18
C27 IMY B . 1.32 -9.63 -13.97
O3 IMY B . 3.45 -8.99 -10.98
C31 IMY B . 3.68 -10.33 -10.47
C32 IMY B . 4.40 -10.28 -9.13
C33 IMY B . 2.31 -10.97 -10.27
O2 IMY B . 1.01 -10.76 -14.73
C30 IMY B . 0.40 -10.52 -16.00
H3 IMY B . 3.53 -4.60 -9.09
H4 IMY B . 2.77 -3.74 -11.12
H14 IMY B . 2.63 -4.03 -6.94
H15 IMY B . 1.06 -4.46 -5.09
H17 IMY B . -0.97 -7.37 -7.43
H18 IMY B . 0.56 -7.03 -9.28
H20 IMY B . 2.26 -1.60 -10.01
H21 IMY B . 0.55 0.06 -9.51
H23 IMY B . -2.51 -2.93 -9.88
H24 IMY B . -0.83 -4.59 -10.53
H28 IMY B . 2.61 -10.86 -12.83
H25 IMY B . 0.69 -6.35 -13.49
H26 IMY B . 0.08 -8.15 -14.98
H31 IMY B . 4.21 -10.94 -11.20
H321 IMY B . 3.81 -9.76 -8.37
H322 IMY B . 4.61 -11.29 -8.75
H323 IMY B . 5.35 -9.74 -9.20
H331 IMY B . 1.77 -11.04 -11.22
H332 IMY B . 2.40 -11.98 -9.86
H333 IMY B . 1.68 -10.38 -9.60
H30 IMY B . 0.94 -9.76 -16.57
H301 IMY B . -0.66 -10.25 -15.88
H302 IMY B . 0.44 -11.46 -16.57
N ASN A 1 1.45 14.97 18.45
CA ASN A 1 0.36 14.09 18.95
C ASN A 1 -0.18 13.19 17.84
N HIS A 2 -0.70 13.81 16.79
CA HIS A 2 -1.26 13.08 15.66
C HIS A 2 -0.24 12.97 14.53
N ILE A 3 -0.32 11.87 13.78
CA ILE A 3 0.60 11.64 12.67
C ILE A 3 2.05 11.57 13.16
N SER A 4 2.94 11.05 12.33
CA SER A 4 4.35 10.94 12.68
C SER A 4 5.09 12.24 12.37
N THR A 5 5.29 12.51 11.09
CA THR A 5 5.99 13.71 10.66
C THR A 5 5.71 14.01 9.19
N SER A 6 5.95 13.03 8.34
CA SER A 6 5.73 13.18 6.91
C SER A 6 4.28 12.86 6.55
N ASP A 7 3.56 13.86 6.05
CA ASP A 7 2.17 13.68 5.67
C ASP A 7 1.86 14.40 4.36
N GLN A 8 2.40 13.87 3.26
CA GLN A 8 2.19 14.47 1.94
C GLN A 8 0.88 13.96 1.33
N GLU A 9 -0.02 14.88 1.02
CA GLU A 9 -1.30 14.50 0.43
C GLU A 9 -2.04 13.51 1.33
N LYS A 10 -3.14 12.97 0.82
CA LYS A 10 -3.92 12.01 1.58
C LYS A 10 -3.16 10.69 1.69
N LEU A 11 -2.75 10.35 2.91
CA LEU A 11 -2.01 9.11 3.13
C LEU A 11 -2.81 8.12 3.96
N VAL A 12 -2.49 6.84 3.80
CA VAL A 12 -3.16 5.78 4.53
C VAL A 12 -2.18 5.10 5.49
N GLN A 13 -2.69 4.34 6.44
CA GLN A 13 -1.85 3.66 7.41
C GLN A 13 -1.92 2.14 7.26
N PRO A 14 -0.99 1.54 6.50
CA PRO A 14 -0.96 0.08 6.30
C PRO A 14 -0.74 -0.67 7.59
N THR A 15 -1.64 -1.62 7.89
CA THR A 15 -1.53 -2.42 9.10
C THR A 15 -0.12 -2.99 9.25
N PRO A 16 0.27 -3.38 10.47
CA PRO A 16 1.60 -3.94 10.73
C PRO A 16 2.01 -4.98 9.70
N LEU A 17 1.04 -5.74 9.22
CA LEU A 17 1.29 -6.77 8.21
C LEU A 17 1.65 -6.13 6.88
N LEU A 18 0.74 -5.32 6.35
CA LEU A 18 0.97 -4.64 5.09
C LEU A 18 2.26 -3.82 5.16
N LEU A 19 2.50 -3.25 6.34
CA LEU A 19 3.69 -2.44 6.57
C LEU A 19 4.95 -3.19 6.18
N SER A 20 5.15 -4.38 6.76
CA SER A 20 6.32 -5.20 6.48
C SER A 20 6.51 -5.38 4.98
N LEU A 21 5.42 -5.66 4.26
CA LEU A 21 5.51 -5.83 2.81
C LEU A 21 6.14 -4.59 2.18
N LEU A 22 5.66 -3.42 2.61
CA LEU A 22 6.20 -2.16 2.12
C LEU A 22 7.64 -2.02 2.58
N LYS A 23 7.85 -2.27 3.87
CA LYS A 23 9.17 -2.18 4.48
C LYS A 23 10.20 -2.92 3.63
N SER A 24 9.80 -4.06 3.09
CA SER A 24 10.67 -4.87 2.24
C SER A 24 10.58 -4.42 0.77
N ALA A 25 9.46 -3.79 0.42
CA ALA A 25 9.25 -3.32 -0.94
C ALA A 25 10.04 -2.03 -1.21
N GLY A 26 10.70 -1.50 -0.18
CA GLY A 26 11.47 -0.29 -0.35
C GLY A 26 10.85 0.89 0.36
N ALA A 27 10.26 0.63 1.53
CA ALA A 27 9.61 1.67 2.31
C ALA A 27 10.31 1.85 3.66
N GLN A 28 10.32 3.09 4.18
CA GLN A 28 10.96 3.36 5.47
C GLN A 28 9.95 3.84 6.50
N LYS A 29 9.21 4.90 6.16
CA LYS A 29 8.21 5.45 7.05
C LYS A 29 7.14 4.42 7.39
N GLU A 30 6.17 4.83 8.21
CA GLU A 30 5.08 3.94 8.62
C GLU A 30 3.81 4.23 7.83
N THR A 31 3.66 5.48 7.40
CA THR A 31 2.48 5.88 6.63
C THR A 31 2.86 6.20 5.18
N PHE A 32 2.01 5.79 4.25
CA PHE A 32 2.26 6.03 2.83
C PHE A 32 0.98 6.43 2.11
N THR A 33 1.13 7.24 1.07
CA THR A 33 0.00 7.68 0.28
C THR A 33 -0.43 6.56 -0.66
N MET A 34 -1.73 6.51 -0.98
CA MET A 34 -2.26 5.48 -1.86
C MET A 34 -1.36 5.24 -3.07
N LYS A 35 -0.66 6.28 -3.50
CA LYS A 35 0.26 6.16 -4.64
C LYS A 35 1.47 5.33 -4.27
N GLU A 36 2.12 5.68 -3.17
CA GLU A 36 3.29 4.95 -2.71
C GLU A 36 2.91 3.54 -2.30
N VAL A 37 1.84 3.42 -1.51
CA VAL A 37 1.36 2.12 -1.06
C VAL A 37 1.15 1.19 -2.25
N LEU A 38 0.19 1.54 -3.10
CA LEU A 38 -0.11 0.76 -4.28
C LEU A 38 1.13 0.56 -5.15
N TYR A 39 2.09 1.46 -5.00
CA TYR A 39 3.33 1.39 -5.78
C TYR A 39 4.25 0.28 -5.28
N HIS A 40 4.64 0.36 -4.00
CA HIS A 40 5.51 -0.67 -3.42
C HIS A 40 4.95 -2.06 -3.67
N LEU A 41 3.63 -2.19 -3.49
CA LEU A 41 2.97 -3.47 -3.71
C LEU A 41 3.41 -4.09 -5.03
N GLY A 42 3.41 -3.29 -6.09
CA GLY A 42 3.84 -3.80 -7.38
C GLY A 42 5.25 -4.36 -7.30
N GLN A 43 6.08 -3.69 -6.51
CA GLN A 43 7.46 -4.13 -6.32
C GLN A 43 7.52 -5.27 -5.31
N TYR A 44 6.56 -5.29 -4.40
CA TYR A 44 6.49 -6.33 -3.37
C TYR A 44 6.19 -7.69 -4.00
N ILE A 45 5.15 -7.74 -4.83
CA ILE A 45 4.76 -8.97 -5.50
C ILE A 45 5.89 -9.51 -6.37
N MET A 46 6.39 -8.67 -7.27
CA MET A 46 7.48 -9.08 -8.16
C MET A 46 8.71 -9.48 -7.34
N ALA A 47 8.90 -8.81 -6.20
CA ALA A 47 10.03 -9.11 -5.34
C ALA A 47 9.83 -10.45 -4.64
N LYS A 48 8.73 -10.57 -3.90
CA LYS A 48 8.43 -11.80 -3.18
C LYS A 48 8.18 -12.95 -4.18
N GLN A 49 7.83 -12.59 -5.41
CA GLN A 49 7.57 -13.56 -6.46
C GLN A 49 6.29 -14.34 -6.19
N LEU A 50 5.16 -13.62 -6.21
CA LEU A 50 3.86 -14.24 -5.99
C LEU A 50 3.09 -14.39 -7.29
N TYR A 51 3.64 -13.85 -8.38
CA TYR A 51 2.99 -13.93 -9.68
C TYR A 51 3.22 -15.29 -10.33
N ASP A 52 2.31 -15.68 -11.21
CA ASP A 52 2.42 -16.97 -11.90
C ASP A 52 3.29 -16.85 -13.15
N GLU A 53 4.04 -17.90 -13.45
CA GLU A 53 4.90 -17.91 -14.63
C GLU A 53 4.07 -17.79 -15.90
N LYS A 54 3.14 -18.71 -16.08
CA LYS A 54 2.27 -18.69 -17.26
C LYS A 54 1.59 -17.33 -17.39
N GLN A 55 0.73 -17.02 -16.43
CA GLN A 55 0.03 -15.75 -16.41
C GLN A 55 0.75 -14.77 -15.50
N GLN A 56 1.13 -13.62 -16.05
CA GLN A 56 1.83 -12.61 -15.27
C GLN A 56 0.85 -11.73 -14.51
N HIS A 57 -0.41 -11.73 -14.93
CA HIS A 57 -1.44 -10.93 -14.26
C HIS A 57 -2.15 -11.74 -13.17
N ILE A 58 -1.57 -12.88 -12.81
CA ILE A 58 -2.15 -13.74 -11.79
C ILE A 58 -1.22 -13.87 -10.59
N VAL A 59 -1.78 -13.76 -9.39
CA VAL A 59 -1.00 -13.86 -8.17
C VAL A 59 -1.59 -14.90 -7.22
N HIS A 60 -1.00 -16.09 -7.19
CA HIS A 60 -1.48 -17.15 -6.32
C HIS A 60 -0.35 -17.71 -5.46
N CYS A 61 -0.27 -17.24 -4.23
CA CYS A 61 0.76 -17.70 -3.30
C CYS A 61 0.14 -18.09 -1.95
N SER A 62 -0.01 -19.38 -1.72
CA SER A 62 -0.60 -19.86 -0.48
C SER A 62 0.21 -19.41 0.71
N ASN A 63 1.52 -19.61 0.65
CA ASN A 63 2.37 -19.18 1.75
C ASN A 63 2.95 -17.81 1.42
N ASP A 64 2.25 -16.78 1.87
CA ASP A 64 2.69 -15.40 1.64
C ASP A 64 2.00 -14.44 2.60
N PRO A 65 2.75 -13.45 3.12
CA PRO A 65 2.18 -12.46 4.05
C PRO A 65 0.97 -11.75 3.44
N LEU A 66 0.94 -11.69 2.12
CA LEU A 66 -0.17 -11.05 1.42
C LEU A 66 -1.42 -11.92 1.46
N GLY A 67 -1.25 -13.19 1.14
CA GLY A 67 -2.37 -14.12 1.15
C GLY A 67 -3.04 -14.19 2.50
N GLU A 68 -2.25 -14.04 3.56
CA GLU A 68 -2.77 -14.08 4.91
C GLU A 68 -3.45 -12.75 5.27
N LEU A 69 -3.03 -11.69 4.60
CA LEU A 69 -3.60 -10.36 4.84
C LEU A 69 -4.94 -10.21 4.13
N PHE A 70 -4.92 -10.33 2.81
CA PHE A 70 -6.14 -10.21 2.02
C PHE A 70 -7.11 -11.35 2.33
N GLY A 71 -6.57 -12.47 2.76
CA GLY A 71 -7.41 -13.62 3.09
C GLY A 71 -7.77 -14.44 1.88
N VAL A 72 -6.81 -14.62 0.97
CA VAL A 72 -7.04 -15.39 -0.24
C VAL A 72 -5.79 -16.15 -0.66
N GLN A 73 -5.98 -17.23 -1.41
CA GLN A 73 -4.87 -18.05 -1.88
C GLN A 73 -4.47 -17.65 -3.28
N GLU A 74 -5.42 -17.14 -4.05
CA GLU A 74 -5.16 -16.72 -5.43
C GLU A 74 -6.11 -15.61 -5.85
N PHE A 75 -5.62 -14.68 -6.66
CA PHE A 75 -6.44 -13.57 -7.13
C PHE A 75 -5.81 -12.92 -8.36
N SER A 76 -6.66 -12.46 -9.27
CA SER A 76 -6.20 -11.81 -10.49
C SER A 76 -6.17 -10.30 -10.32
N VAL A 77 -5.09 -9.67 -10.78
CA VAL A 77 -4.95 -8.23 -10.67
C VAL A 77 -5.82 -7.50 -11.69
N LYS A 78 -6.49 -8.24 -12.56
CA LYS A 78 -7.35 -7.65 -13.57
C LYS A 78 -8.41 -6.74 -12.93
N GLU A 79 -8.86 -7.13 -11.74
CA GLU A 79 -9.86 -6.36 -11.02
C GLU A 79 -9.20 -5.32 -10.12
N HIS A 80 -8.79 -4.20 -10.71
CA HIS A 80 -8.15 -3.12 -9.97
C HIS A 80 -9.05 -2.62 -8.85
N ARG A 81 -10.36 -2.69 -9.06
CA ARG A 81 -11.33 -2.24 -8.06
C ARG A 81 -11.28 -3.12 -6.83
N ARG A 82 -10.96 -4.40 -7.02
CA ARG A 82 -10.90 -5.35 -5.92
C ARG A 82 -9.71 -5.05 -5.01
N ILE A 83 -8.53 -4.90 -5.61
CA ILE A 83 -7.32 -4.61 -4.87
C ILE A 83 -7.48 -3.35 -4.03
N TYR A 84 -7.82 -2.24 -4.69
CA TYR A 84 -8.01 -0.96 -4.00
C TYR A 84 -8.92 -1.14 -2.79
N ALA A 85 -10.00 -1.88 -2.96
CA ALA A 85 -10.94 -2.13 -1.88
C ALA A 85 -10.31 -3.03 -0.83
N MET A 86 -9.58 -4.04 -1.29
CA MET A 86 -8.91 -4.98 -0.39
C MET A 86 -7.91 -4.24 0.50
N ILE A 87 -6.93 -3.62 -0.14
CA ILE A 87 -5.90 -2.87 0.58
C ILE A 87 -6.53 -1.79 1.47
N SER A 88 -7.71 -1.33 1.08
CA SER A 88 -8.41 -0.29 1.83
C SER A 88 -8.77 -0.80 3.22
N ARG A 89 -9.27 -2.03 3.29
CA ARG A 89 -9.65 -2.63 4.56
C ARG A 89 -8.42 -2.91 5.43
N ASN A 90 -7.24 -2.90 4.80
CA ASN A 90 -5.99 -3.16 5.52
C ASN A 90 -5.35 -1.85 5.98
N LEU A 91 -6.17 -0.86 6.28
CA LEU A 91 -5.67 0.43 6.75
C LEU A 91 -6.21 0.76 8.14
N VAL A 92 -5.35 0.66 9.15
CA VAL A 92 -5.74 0.94 10.52
C VAL A 92 -6.40 2.32 10.64
N SER A 93 -5.61 3.36 10.42
CA SER A 93 -6.11 4.73 10.49
C SER A 93 -6.20 5.34 9.10
N ALA A 94 -7.19 6.21 8.89
CA ALA A 94 -7.38 6.87 7.60
C ALA A 94 -7.10 8.36 7.70
N ASN A 95 -6.00 8.80 7.12
CA ASN A 95 -5.62 10.21 7.15
C ASN A 95 -6.59 11.04 6.32
N VAL A 96 -7.50 11.74 7.01
CA VAL A 96 -8.48 12.57 6.34
C VAL A 96 -7.83 13.74 5.61
N LYS A 97 -8.49 14.20 4.55
CA LYS A 97 -7.99 15.31 3.76
C LYS A 97 -8.33 16.65 4.42
N GLU A 98 -7.32 17.47 4.67
CA GLU A 98 -7.52 18.77 5.29
C GLU A 98 -6.54 19.80 4.73
N SER A 99 -6.97 21.06 4.70
CA SER A 99 -6.14 22.15 4.20
C SER A 99 -5.88 23.19 5.27
N SER A 100 -4.67 23.19 5.81
CA SER A 100 -4.31 24.15 6.85
C SER A 100 -3.34 25.19 6.31
N GLU A 101 -3.48 26.43 6.78
CA GLU A 101 -2.61 27.53 6.35
C GLU A 101 -1.53 27.80 7.38
N ASP A 102 -0.46 28.47 6.95
CA ASP A 102 0.64 28.80 7.85
C ASP A 102 0.68 30.30 8.12
N ILE A 103 1.27 30.69 9.25
CA ILE A 103 1.40 32.07 9.62
C ILE A 103 2.85 32.51 9.55
N PHE A 104 3.17 33.21 8.48
CA PHE A 104 4.53 33.71 8.26
C PHE A 104 4.63 35.19 8.59
N GLY A 105 3.52 35.90 8.41
CA GLY A 105 3.50 37.33 8.69
C GLY A 105 4.24 38.14 7.65
N ASN A 106 4.28 37.62 6.42
CA ASN A 106 4.97 38.30 5.33
C ASN A 106 3.97 38.89 4.34
N VAL A 107 4.25 40.10 3.88
CA VAL A 107 3.37 40.78 2.94
C VAL A 107 4.15 41.22 1.69
C1 IMY B . 0.63 -4.78 -12.05
N2 IMY B . 1.57 -4.45 -11.17
C3 IMY B . 0.97 -3.55 -10.14
C4 IMY B . -0.22 -2.95 -10.98
N5 IMY B . -0.46 -4.03 -11.94
C13 IMY B . 0.55 -4.29 -8.90
C14 IMY B . 0.51 -3.61 -7.66
C15 IMY B . 0.02 -4.23 -6.50
C16 IMY B . -0.45 -5.52 -6.56
C17 IMY B . -0.38 -6.23 -7.75
C18 IMY B . 0.12 -5.63 -8.91
CL16 IMY B . -1.12 -6.26 -5.16
C20 IMY B . -1.62 -1.09 -10.04
C21 IMY B . -2.78 -0.59 -9.42
C22 IMY B . -3.81 -1.47 -9.08
C23 IMY B . -3.69 -2.82 -9.36
C24 IMY B . -2.56 -3.31 -10.02
C19 IMY B . -1.49 -2.45 -10.35
CL22 IMY B . -5.23 -0.87 -8.34
C28 IMY B . 1.32 -7.99 -13.99
C29 IMY B . 1.49 -6.97 -13.04
C34 IMY B . 0.63 -5.85 -13.07
C25 IMY B . -0.36 -5.77 -14.07
C26 IMY B . -0.51 -6.79 -15.01
C27 IMY B . 0.32 -7.91 -14.97
O3 IMY B . 2.46 -7.02 -12.03
C31 IMY B . 3.03 -8.29 -11.67
C32 IMY B . 3.82 -8.18 -10.36
C33 IMY B . 1.87 -9.27 -11.48
O2 IMY B . 0.23 -9.01 -15.80
C30 IMY B . -0.52 -8.83 -17.02
H3 IMY B . 1.69 -2.76 -9.89
H4 IMY B . 0.20 -2.13 -11.59
H14 IMY B . 0.86 -2.58 -7.59
H15 IMY B . 0.03 -3.70 -5.56
H17 IMY B . -0.70 -7.26 -7.76
H18 IMY B . 0.14 -6.23 -9.81
H20 IMY B . -0.83 -0.37 -10.28
H21 IMY B . -2.87 0.46 -9.22
H23 IMY B . -4.47 -3.51 -9.06
H24 IMY B . -2.53 -4.37 -10.25
H28 IMY B . 1.95 -8.87 -14.01
H25 IMY B . -1.03 -4.93 -14.12
H26 IMY B . -1.31 -6.70 -15.76
H31 IMY B . 3.65 -8.69 -12.48
H321 IMY B . 3.16 -7.88 -9.54
H322 IMY B . 4.29 -9.14 -10.10
H323 IMY B . 4.60 -7.42 -10.42
H331 IMY B . 1.32 -9.38 -12.41
H332 IMY B . 2.24 -10.25 -11.18
H333 IMY B . 1.17 -8.90 -10.72
H30 IMY B . -0.10 -8.02 -17.62
H301 IMY B . -1.58 -8.66 -16.80
H302 IMY B . -0.44 -9.75 -17.59
N ASN A 1 9.42 12.26 10.12
CA ASN A 1 8.05 12.82 10.09
C ASN A 1 8.06 14.31 9.83
N HIS A 2 9.07 14.78 9.09
CA HIS A 2 9.19 16.19 8.77
C HIS A 2 8.77 16.46 7.32
N ILE A 3 8.34 17.69 7.06
CA ILE A 3 7.90 18.06 5.72
C ILE A 3 8.61 19.33 5.24
N SER A 4 8.74 20.31 6.14
CA SER A 4 9.41 21.58 5.80
C SER A 4 8.89 22.14 4.48
N THR A 5 7.89 23.01 4.56
CA THR A 5 7.31 23.61 3.36
C THR A 5 6.65 22.55 2.49
N SER A 6 6.37 22.91 1.24
CA SER A 6 5.73 21.99 0.31
C SER A 6 6.53 20.69 0.19
N ASP A 7 5.98 19.61 0.73
CA ASP A 7 6.63 18.31 0.70
C ASP A 7 6.55 17.70 -0.71
N GLN A 8 7.02 16.46 -0.83
CA GLN A 8 7.00 15.76 -2.10
C GLN A 8 6.05 14.56 -2.05
N GLU A 9 5.06 14.57 -2.93
CA GLU A 9 4.07 13.48 -2.99
C GLU A 9 3.38 13.30 -1.64
N LYS A 10 2.36 12.45 -1.62
CA LYS A 10 1.62 12.18 -0.39
C LYS A 10 2.00 10.81 0.18
N LEU A 11 2.60 10.83 1.36
CA LEU A 11 3.01 9.59 2.02
C LEU A 11 1.89 9.02 2.88
N VAL A 12 1.51 7.77 2.59
CA VAL A 12 0.46 7.11 3.34
C VAL A 12 1.05 6.17 4.38
N GLN A 13 0.22 5.71 5.31
CA GLN A 13 0.69 4.82 6.37
C GLN A 13 0.06 3.43 6.25
N PRO A 14 0.79 2.45 5.70
CA PRO A 14 0.30 1.08 5.53
C PRO A 14 0.04 0.41 6.87
N THR A 15 -1.12 -0.22 7.02
CA THR A 15 -1.47 -0.91 8.26
C THR A 15 -0.33 -1.84 8.70
N PRO A 16 -0.26 -2.18 9.99
CA PRO A 16 0.78 -3.06 10.53
C PRO A 16 1.01 -4.28 9.65
N LEU A 17 -0.08 -4.80 9.07
CA LEU A 17 0.02 -5.97 8.21
C LEU A 17 0.71 -5.61 6.89
N LEU A 18 0.13 -4.65 6.17
CA LEU A 18 0.71 -4.20 4.91
C LEU A 18 2.15 -3.77 5.11
N LEU A 19 2.41 -3.13 6.26
CA LEU A 19 3.74 -2.66 6.60
C LEU A 19 4.79 -3.76 6.42
N SER A 20 4.68 -4.80 7.23
CA SER A 20 5.62 -5.93 7.18
C SER A 20 5.87 -6.37 5.74
N LEU A 21 4.82 -6.46 4.94
CA LEU A 21 4.96 -6.86 3.54
C LEU A 21 6.02 -6.01 2.86
N LEU A 22 6.08 -4.74 3.27
CA LEU A 22 7.06 -3.81 2.73
C LEU A 22 8.42 -4.07 3.38
N LYS A 23 8.37 -4.44 4.66
CA LYS A 23 9.58 -4.74 5.42
C LYS A 23 10.40 -5.82 4.73
N SER A 24 9.70 -6.79 4.15
CA SER A 24 10.34 -7.89 3.45
C SER A 24 10.51 -7.58 1.97
N ALA A 25 9.70 -6.66 1.46
CA ALA A 25 9.77 -6.27 0.06
C ALA A 25 10.88 -5.26 -0.20
N GLY A 26 11.62 -4.90 0.86
CA GLY A 26 12.71 -3.95 0.71
C GLY A 26 12.33 -2.57 1.22
N ALA A 27 11.57 -2.53 2.31
CA ALA A 27 11.14 -1.28 2.90
C ALA A 27 11.73 -1.09 4.30
N GLN A 28 12.00 0.16 4.70
CA GLN A 28 12.57 0.42 6.02
C GLN A 28 11.60 1.24 6.87
N LYS A 29 11.34 2.48 6.45
CA LYS A 29 10.44 3.36 7.18
C LYS A 29 9.07 2.72 7.36
N GLU A 30 8.16 3.44 8.02
CA GLU A 30 6.82 2.95 8.27
C GLU A 30 5.81 3.56 7.30
N THR A 31 6.14 4.73 6.76
CA THR A 31 5.26 5.41 5.82
C THR A 31 5.80 5.31 4.40
N PHE A 32 4.89 5.30 3.43
CA PHE A 32 5.27 5.21 2.02
C PHE A 32 4.21 5.82 1.12
N THR A 33 4.65 6.42 0.02
CA THR A 33 3.73 7.02 -0.93
C THR A 33 3.10 5.94 -1.81
N MET A 34 1.91 6.20 -2.34
CA MET A 34 1.23 5.23 -3.18
C MET A 34 2.17 4.66 -4.24
N LYS A 35 3.16 5.45 -4.64
CA LYS A 35 4.12 5.01 -5.64
C LYS A 35 5.05 3.95 -5.06
N GLU A 36 5.53 4.20 -3.85
CA GLU A 36 6.42 3.27 -3.17
C GLU A 36 5.63 2.09 -2.60
N VAL A 37 4.48 2.38 -2.01
CA VAL A 37 3.63 1.35 -1.41
C VAL A 37 3.34 0.24 -2.42
N LEU A 38 2.80 0.63 -3.57
CA LEU A 38 2.48 -0.32 -4.62
C LEU A 38 3.74 -0.91 -5.25
N TYR A 39 4.85 -0.17 -5.13
CA TYR A 39 6.12 -0.62 -5.69
C TYR A 39 6.60 -1.89 -4.99
N HIS A 40 6.73 -1.82 -3.67
CA HIS A 40 7.18 -2.97 -2.89
C HIS A 40 6.19 -4.11 -3.03
N LEU A 41 4.91 -3.79 -3.06
CA LEU A 41 3.86 -4.78 -3.20
C LEU A 41 4.11 -5.66 -4.42
N GLY A 42 4.38 -5.03 -5.56
CA GLY A 42 4.65 -5.79 -6.77
C GLY A 42 5.77 -6.79 -6.56
N GLN A 43 6.80 -6.35 -5.83
CA GLN A 43 7.93 -7.22 -5.54
C GLN A 43 7.57 -8.19 -4.42
N TYR A 44 6.66 -7.77 -3.54
CA TYR A 44 6.22 -8.60 -2.43
C TYR A 44 5.54 -9.86 -2.95
N ILE A 45 4.69 -9.70 -3.95
CA ILE A 45 3.98 -10.83 -4.55
C ILE A 45 4.96 -11.80 -5.21
N MET A 46 5.74 -11.29 -6.16
CA MET A 46 6.71 -12.12 -6.86
C MET A 46 7.71 -12.73 -5.87
N ALA A 47 7.99 -12.00 -4.79
CA ALA A 47 8.90 -12.47 -3.76
C ALA A 47 8.25 -13.55 -2.92
N LYS A 48 7.13 -13.20 -2.29
CA LYS A 48 6.40 -14.14 -1.45
C LYS A 48 5.92 -15.33 -2.28
N GLN A 49 5.73 -15.12 -3.58
CA GLN A 49 5.28 -16.16 -4.49
C GLN A 49 3.82 -16.53 -4.23
N LEU A 50 2.92 -15.58 -4.47
CA LEU A 50 1.49 -15.81 -4.26
C LEU A 50 0.74 -15.85 -5.59
N TYR A 51 1.48 -15.88 -6.70
CA TYR A 51 0.88 -15.91 -8.03
C TYR A 51 0.67 -17.35 -8.49
N ASP A 52 -0.41 -17.58 -9.24
CA ASP A 52 -0.73 -18.91 -9.74
C ASP A 52 0.28 -19.33 -10.82
N GLU A 53 0.59 -20.62 -10.85
CA GLU A 53 1.53 -21.17 -11.82
C GLU A 53 1.01 -20.98 -13.24
N LYS A 54 -0.16 -21.54 -13.53
CA LYS A 54 -0.76 -21.44 -14.85
C LYS A 54 -0.86 -19.98 -15.29
N GLN A 55 -1.49 -19.16 -14.45
CA GLN A 55 -1.64 -17.74 -14.74
C GLN A 55 -0.83 -16.89 -13.76
N GLN A 56 0.07 -16.07 -14.29
CA GLN A 56 0.90 -15.22 -13.46
C GLN A 56 0.18 -13.93 -13.07
N HIS A 57 -0.91 -13.63 -13.77
CA HIS A 57 -1.68 -12.43 -13.49
C HIS A 57 -2.76 -12.68 -12.42
N ILE A 58 -2.70 -13.86 -11.80
CA ILE A 58 -3.66 -14.22 -10.76
C ILE A 58 -2.95 -14.52 -9.45
N VAL A 59 -3.47 -13.98 -8.35
CA VAL A 59 -2.90 -14.20 -7.04
C VAL A 59 -3.94 -14.71 -6.06
N HIS A 60 -3.89 -16.01 -5.76
CA HIS A 60 -4.84 -16.62 -4.83
C HIS A 60 -4.12 -17.33 -3.69
N CYS A 61 -4.03 -16.66 -2.55
CA CYS A 61 -3.39 -17.23 -1.37
C CYS A 61 -4.30 -17.08 -0.15
N SER A 62 -4.95 -18.18 0.24
CA SER A 62 -5.85 -18.14 1.39
C SER A 62 -5.10 -17.83 2.66
N ASN A 63 -3.99 -18.52 2.91
CA ASN A 63 -3.23 -18.22 4.10
C ASN A 63 -2.01 -17.39 3.73
N ASP A 64 -2.19 -16.09 3.79
CA ASP A 64 -1.10 -15.15 3.48
C ASP A 64 -1.40 -13.77 4.03
N PRO A 65 -0.36 -13.04 4.49
CA PRO A 65 -0.54 -11.70 5.02
C PRO A 65 -1.27 -10.79 4.03
N LEU A 66 -1.09 -11.10 2.74
CA LEU A 66 -1.74 -10.33 1.68
C LEU A 66 -3.24 -10.59 1.68
N GLY A 67 -3.62 -11.84 1.43
CA GLY A 67 -5.03 -12.20 1.42
C GLY A 67 -5.71 -11.84 2.72
N GLU A 68 -4.96 -11.94 3.81
CA GLU A 68 -5.47 -11.61 5.13
C GLU A 68 -5.59 -10.09 5.28
N LEU A 69 -4.72 -9.37 4.58
CA LEU A 69 -4.71 -7.92 4.62
C LEU A 69 -5.97 -7.36 3.94
N PHE A 70 -6.10 -7.65 2.66
CA PHE A 70 -7.25 -7.19 1.88
C PHE A 70 -8.52 -7.91 2.32
N GLY A 71 -8.38 -9.11 2.85
CA GLY A 71 -9.54 -9.88 3.30
C GLY A 71 -10.17 -10.67 2.18
N VAL A 72 -9.35 -11.14 1.25
CA VAL A 72 -9.84 -11.92 0.12
C VAL A 72 -9.02 -13.19 -0.08
N GLN A 73 -9.59 -14.17 -0.77
CA GLN A 73 -8.90 -15.43 -1.04
C GLN A 73 -8.05 -15.33 -2.29
N GLU A 74 -8.52 -14.54 -3.27
CA GLU A 74 -7.79 -14.36 -4.51
C GLU A 74 -8.16 -13.02 -5.16
N PHE A 75 -7.30 -12.55 -6.05
CA PHE A 75 -7.54 -11.28 -6.73
C PHE A 75 -6.69 -11.17 -8.00
N SER A 76 -7.34 -10.96 -9.13
CA SER A 76 -6.65 -10.83 -10.41
C SER A 76 -6.12 -9.41 -10.58
N VAL A 77 -4.82 -9.28 -10.84
CA VAL A 77 -4.21 -7.97 -11.02
C VAL A 77 -4.82 -7.22 -12.21
N LYS A 78 -5.56 -7.95 -13.05
CA LYS A 78 -6.20 -7.34 -14.22
C LYS A 78 -6.99 -6.11 -13.82
N GLU A 79 -7.85 -6.25 -12.80
CA GLU A 79 -8.66 -5.15 -12.32
C GLU A 79 -7.82 -4.18 -11.50
N HIS A 80 -7.14 -3.25 -12.19
CA HIS A 80 -6.29 -2.28 -11.53
C HIS A 80 -7.05 -1.48 -10.48
N ARG A 81 -8.18 -0.89 -10.88
CA ARG A 81 -9.00 -0.10 -9.96
C ARG A 81 -9.22 -0.83 -8.65
N ARG A 82 -9.43 -2.13 -8.73
CA ARG A 82 -9.66 -2.95 -7.54
C ARG A 82 -8.39 -3.12 -6.72
N ILE A 83 -7.24 -2.97 -7.37
CA ILE A 83 -5.96 -3.11 -6.68
C ILE A 83 -5.64 -1.89 -5.83
N TYR A 84 -5.42 -0.75 -6.48
CA TYR A 84 -5.10 0.49 -5.77
C TYR A 84 -6.18 0.83 -4.74
N ALA A 85 -7.38 0.30 -4.95
CA ALA A 85 -8.50 0.55 -4.04
C ALA A 85 -8.38 -0.27 -2.76
N MET A 86 -8.02 -1.54 -2.88
CA MET A 86 -7.90 -2.41 -1.72
C MET A 86 -6.69 -2.03 -0.86
N ILE A 87 -5.61 -1.62 -1.51
CA ILE A 87 -4.40 -1.23 -0.79
C ILE A 87 -4.59 0.13 -0.11
N SER A 88 -5.43 0.98 -0.70
CA SER A 88 -5.70 2.29 -0.15
C SER A 88 -6.59 2.18 1.09
N ARG A 89 -7.46 1.17 1.10
CA ARG A 89 -8.35 0.96 2.22
C ARG A 89 -7.58 0.45 3.44
N ASN A 90 -6.42 -0.16 3.20
CA ASN A 90 -5.60 -0.69 4.29
C ASN A 90 -4.56 0.34 4.74
N LEU A 91 -4.95 1.60 4.76
CA LEU A 91 -4.06 2.68 5.18
C LEU A 91 -4.54 3.29 6.49
N VAL A 92 -3.82 3.01 7.58
CA VAL A 92 -4.18 3.53 8.89
C VAL A 92 -4.36 5.05 8.86
N SER A 93 -3.25 5.79 9.00
CA SER A 93 -3.31 7.25 8.98
C SER A 93 -2.72 7.80 7.69
N ALA A 94 -3.45 8.71 7.06
CA ALA A 94 -3.01 9.32 5.82
C ALA A 94 -2.47 10.72 6.06
N ASN A 95 -1.26 10.98 5.55
CA ASN A 95 -0.63 12.28 5.70
C ASN A 95 -0.94 13.19 4.52
N VAL A 96 -1.89 14.10 4.72
CA VAL A 96 -2.28 15.03 3.66
C VAL A 96 -1.16 15.98 3.31
N LYS A 97 -1.16 16.44 2.05
CA LYS A 97 -0.15 17.36 1.57
C LYS A 97 -0.31 18.74 2.20
N GLU A 98 0.64 19.12 3.04
CA GLU A 98 0.60 20.41 3.72
C GLU A 98 -0.61 20.50 4.65
N SER A 99 -0.40 21.04 5.84
CA SER A 99 -1.47 21.19 6.81
C SER A 99 -2.04 22.61 6.79
N SER A 100 -3.33 22.71 6.50
CA SER A 100 -4.00 24.01 6.44
C SER A 100 -4.51 24.42 7.81
N GLU A 101 -4.75 25.71 7.99
CA GLU A 101 -5.25 26.23 9.26
C GLU A 101 -6.58 25.58 9.64
N ASP A 102 -6.62 24.97 10.81
CA ASP A 102 -7.83 24.31 11.29
C ASP A 102 -8.70 25.27 12.10
N ILE A 103 -10.00 25.06 12.05
CA ILE A 103 -10.93 25.90 12.79
C ILE A 103 -11.56 25.11 13.92
N PHE A 104 -11.07 25.36 15.12
CA PHE A 104 -11.56 24.69 16.31
C PHE A 104 -12.91 25.26 16.74
N GLY A 105 -13.14 26.52 16.43
CA GLY A 105 -14.39 27.17 16.79
C GLY A 105 -14.22 28.26 17.83
N ASN A 106 -13.05 28.91 17.80
CA ASN A 106 -12.75 29.98 18.74
C ASN A 106 -12.41 31.28 18.00
N VAL A 107 -13.42 32.11 17.81
CA VAL A 107 -13.23 33.38 17.11
C VAL A 107 -13.20 34.54 18.10
C1 IMY B . 1.93 -7.60 -12.25
N2 IMY B . 2.76 -7.42 -11.23
C3 IMY B . 2.36 -6.19 -10.49
C4 IMY B . 1.63 -5.42 -11.64
N5 IMY B . 1.18 -6.52 -12.49
C13 IMY B . 1.48 -6.50 -9.29
C14 IMY B . 1.41 -5.57 -8.23
C15 IMY B . 0.54 -5.76 -7.15
C16 IMY B . -0.30 -6.87 -7.13
C17 IMY B . -0.22 -7.81 -8.14
C18 IMY B . 0.66 -7.64 -9.20
CL16 IMY B . -1.42 -7.07 -5.85
C20 IMY B . 0.83 -3.04 -11.37
C21 IMY B . -0.16 -2.09 -11.11
C22 IMY B . -1.46 -2.49 -10.83
C23 IMY B . -1.78 -3.85 -10.81
C24 IMY B . -0.80 -4.79 -11.13
C19 IMY B . 0.53 -4.42 -11.38
CL22 IMY B . -2.68 -1.33 -10.52
C28 IMY B . 1.72 -11.17 -13.57
C29 IMY B . 2.08 -10.10 -12.73
C34 IMY B . 1.73 -8.78 -13.11
C25 IMY B . 1.04 -8.59 -14.33
C26 IMY B . 0.69 -9.66 -15.15
C27 IMY B . 1.03 -10.95 -14.77
O3 IMY B . 2.75 -10.26 -11.53
C31 IMY B . 2.74 -11.55 -10.89
C32 IMY B . 3.29 -11.46 -9.45
C33 IMY B . 1.30 -12.02 -10.84
O2 IMY B . 0.69 -12.11 -15.46
C30 IMY B . 0.31 -11.93 -16.83
H3 IMY B . 3.25 -5.65 -10.17
H4 IMY B . 2.41 -4.91 -12.24
H14 IMY B . 2.05 -4.69 -8.22
H15 IMY B . 0.52 -5.06 -6.32
H17 IMY B . -0.83 -8.70 -8.07
H18 IMY B . 0.67 -8.41 -9.98
H20 IMY B . 1.84 -2.69 -11.56
H21 IMY B . 0.10 -1.04 -11.13
H23 IMY B . -2.79 -4.18 -10.57
H24 IMY B . -1.11 -5.84 -11.15
H28 IMY B . 1.97 -12.19 -13.34
H25 IMY B . 0.75 -7.59 -14.64
H26 IMY B . 0.14 -9.46 -16.06
H31 IMY B . 3.30 -12.29 -11.48
H321 IMY B . 2.67 -10.80 -8.84
H322 IMY B . 3.31 -12.45 -8.98
H323 IMY B . 4.30 -11.04 -9.43
H331 IMY B . 0.89 -12.12 -11.85
H332 IMY B . 1.20 -12.99 -10.34
H333 IMY B . 0.66 -11.29 -10.32
H30 IMY B . 1.10 -11.44 -17.41
H301 IMY B . -0.63 -11.36 -16.89
H302 IMY B . 0.13 -12.92 -17.25
N ASN A 1 7.42 26.42 4.87
CA ASN A 1 8.78 26.51 5.46
C ASN A 1 8.88 25.73 6.77
N HIS A 2 7.84 25.83 7.59
CA HIS A 2 7.80 25.14 8.87
C HIS A 2 7.25 23.74 8.70
N ILE A 3 7.75 22.81 9.52
CA ILE A 3 7.31 21.42 9.46
C ILE A 3 7.09 20.86 10.87
N SER A 4 6.36 19.74 10.95
CA SER A 4 6.08 19.11 12.25
C SER A 4 6.46 17.64 12.22
N THR A 5 7.74 17.36 12.51
CA THR A 5 8.24 15.99 12.52
C THR A 5 8.20 15.37 11.12
N SER A 6 7.00 15.06 10.65
CA SER A 6 6.83 14.47 9.31
C SER A 6 6.15 15.45 8.37
N ASP A 7 6.88 15.90 7.36
CA ASP A 7 6.34 16.85 6.38
C ASP A 7 5.11 16.27 5.68
N GLN A 8 5.09 14.95 5.54
CA GLN A 8 3.98 14.26 4.90
C GLN A 8 2.87 13.96 5.89
N GLU A 9 1.62 14.14 5.46
CA GLU A 9 0.47 13.88 6.32
C GLU A 9 -0.58 13.05 5.59
N LYS A 10 -1.65 12.70 6.29
CA LYS A 10 -2.73 11.89 5.71
C LYS A 10 -2.24 10.49 5.37
N LEU A 11 -1.05 10.15 5.86
CA LEU A 11 -0.46 8.84 5.61
C LEU A 11 -1.24 7.73 6.29
N VAL A 12 -0.90 6.50 5.96
CA VAL A 12 -1.54 5.32 6.54
C VAL A 12 -0.51 4.48 7.29
N GLN A 13 -0.98 3.59 8.16
CA GLN A 13 -0.08 2.75 8.94
C GLN A 13 -0.44 1.27 8.77
N PRO A 14 0.22 0.57 7.83
CA PRO A 14 -0.03 -0.85 7.59
C PRO A 14 0.26 -1.71 8.82
N THR A 15 -0.56 -2.74 9.02
CA THR A 15 -0.37 -3.64 10.15
C THR A 15 1.00 -4.29 10.09
N PRO A 16 1.47 -4.86 11.22
CA PRO A 16 2.77 -5.52 11.28
C PRO A 16 3.00 -6.47 10.10
N LEU A 17 1.90 -7.02 9.58
CA LEU A 17 1.98 -7.92 8.45
C LEU A 17 2.29 -7.16 7.17
N LEU A 18 1.36 -6.29 6.76
CA LEU A 18 1.54 -5.49 5.56
C LEU A 18 2.84 -4.69 5.65
N LEU A 19 3.23 -4.33 6.86
CA LEU A 19 4.46 -3.58 7.11
C LEU A 19 5.66 -4.29 6.48
N SER A 20 5.98 -5.47 7.00
CA SER A 20 7.10 -6.25 6.50
C SER A 20 7.10 -6.33 4.98
N LEU A 21 5.92 -6.49 4.39
CA LEU A 21 5.80 -6.57 2.94
C LEU A 21 6.44 -5.34 2.30
N LEU A 22 6.19 -4.17 2.89
CA LEU A 22 6.78 -2.93 2.41
C LEU A 22 8.26 -2.91 2.75
N LYS A 23 8.58 -3.36 3.95
CA LYS A 23 9.95 -3.42 4.42
C LYS A 23 10.85 -4.10 3.40
N SER A 24 10.36 -5.22 2.86
CA SER A 24 11.11 -5.99 1.87
C SER A 24 10.88 -5.42 0.47
N ALA A 25 9.77 -4.71 0.28
CA ALA A 25 9.44 -4.13 -1.02
C ALA A 25 10.24 -2.86 -1.28
N GLY A 26 11.07 -2.46 -0.32
CA GLY A 26 11.86 -1.25 -0.48
C GLY A 26 11.42 -0.14 0.44
N ALA A 27 10.63 -0.50 1.45
CA ALA A 27 10.13 0.48 2.42
C ALA A 27 10.98 0.47 3.69
N GLN A 28 11.13 1.62 4.35
CA GLN A 28 11.95 1.69 5.56
C GLN A 28 11.10 2.03 6.78
N LYS A 29 10.61 3.28 6.84
CA LYS A 29 9.79 3.73 7.95
C LYS A 29 8.66 2.76 8.27
N GLU A 30 7.92 3.04 9.32
CA GLU A 30 6.82 2.18 9.73
C GLU A 30 5.49 2.63 9.12
N THR A 31 5.39 3.94 8.86
CA THR A 31 4.19 4.50 8.26
C THR A 31 4.45 4.93 6.82
N PHE A 32 3.40 4.91 6.00
CA PHE A 32 3.54 5.30 4.60
C PHE A 32 2.23 5.89 4.07
N THR A 33 2.35 6.82 3.13
CA THR A 33 1.18 7.45 2.53
C THR A 33 0.57 6.51 1.50
N MET A 34 -0.74 6.62 1.29
CA MET A 34 -1.44 5.77 0.34
C MET A 34 -0.67 5.62 -0.98
N LYS A 35 0.09 6.63 -1.34
CA LYS A 35 0.87 6.60 -2.56
C LYS A 35 2.07 5.66 -2.41
N GLU A 36 2.87 5.88 -1.38
CA GLU A 36 4.03 5.04 -1.12
C GLU A 36 3.61 3.61 -0.82
N VAL A 37 2.59 3.47 0.04
CA VAL A 37 2.08 2.15 0.40
C VAL A 37 1.73 1.35 -0.85
N LEU A 38 0.82 1.90 -1.64
CA LEU A 38 0.40 1.25 -2.88
C LEU A 38 1.57 1.07 -3.84
N TYR A 39 2.65 1.82 -3.60
CA TYR A 39 3.83 1.76 -4.45
C TYR A 39 4.69 0.54 -4.13
N HIS A 40 5.09 0.39 -2.88
CA HIS A 40 5.91 -0.75 -2.47
C HIS A 40 5.11 -2.04 -2.54
N LEU A 41 3.81 -1.95 -2.27
CA LEU A 41 2.95 -3.10 -2.29
C LEU A 41 2.91 -3.70 -3.71
N GLY A 42 2.81 -2.83 -4.71
CA GLY A 42 2.80 -3.30 -6.08
C GLY A 42 4.09 -4.00 -6.44
N GLN A 43 5.19 -3.47 -5.91
CA GLN A 43 6.51 -4.06 -6.15
C GLN A 43 6.67 -5.35 -5.35
N TYR A 44 5.95 -5.44 -4.23
CA TYR A 44 6.00 -6.62 -3.38
C TYR A 44 5.48 -7.84 -4.13
N ILE A 45 4.53 -7.61 -5.03
CA ILE A 45 3.95 -8.68 -5.82
C ILE A 45 4.90 -9.14 -6.93
N MET A 46 5.35 -8.19 -7.74
CA MET A 46 6.27 -8.50 -8.83
C MET A 46 7.53 -9.19 -8.32
N ALA A 47 8.06 -8.67 -7.21
CA ALA A 47 9.27 -9.25 -6.62
C ALA A 47 9.03 -10.68 -6.17
N LYS A 48 8.07 -10.87 -5.28
CA LYS A 48 7.73 -12.19 -4.78
C LYS A 48 7.21 -13.09 -5.90
N GLN A 49 6.67 -12.46 -6.95
CA GLN A 49 6.14 -13.19 -8.09
C GLN A 49 4.86 -13.94 -7.72
N LEU A 50 3.83 -13.19 -7.33
CA LEU A 50 2.55 -13.78 -6.96
C LEU A 50 1.55 -13.73 -8.12
N TYR A 51 1.95 -13.11 -9.22
CA TYR A 51 1.09 -13.00 -10.39
C TYR A 51 1.08 -14.29 -11.19
N ASP A 52 0.02 -14.51 -11.96
CA ASP A 52 -0.11 -15.71 -12.77
C ASP A 52 0.50 -15.51 -14.15
N GLU A 53 1.09 -16.57 -14.69
CA GLU A 53 1.70 -16.51 -16.01
C GLU A 53 0.65 -16.23 -17.09
N LYS A 54 -0.42 -17.01 -17.08
CA LYS A 54 -1.50 -16.84 -18.05
C LYS A 54 -1.98 -15.40 -18.04
N GLN A 55 -2.54 -14.98 -16.91
CA GLN A 55 -3.03 -13.61 -16.76
C GLN A 55 -2.03 -12.78 -15.97
N GLN A 56 -1.57 -11.68 -16.57
CA GLN A 56 -0.59 -10.81 -15.91
C GLN A 56 -1.27 -9.88 -14.91
N HIS A 57 -2.60 -9.98 -14.80
CA HIS A 57 -3.35 -9.14 -13.87
C HIS A 57 -4.01 -9.99 -12.78
N ILE A 58 -3.60 -11.26 -12.67
CA ILE A 58 -4.15 -12.15 -11.67
C ILE A 58 -3.10 -12.52 -10.63
N VAL A 59 -3.49 -12.49 -9.37
CA VAL A 59 -2.59 -12.82 -8.28
C VAL A 59 -3.19 -13.89 -7.36
N HIS A 60 -2.76 -15.14 -7.55
CA HIS A 60 -3.26 -16.24 -6.73
C HIS A 60 -2.12 -16.99 -6.07
N CYS A 61 -1.87 -16.67 -4.80
CA CYS A 61 -0.81 -17.32 -4.03
C CYS A 61 -1.35 -17.79 -2.68
N SER A 62 -1.61 -19.08 -2.56
CA SER A 62 -2.13 -19.64 -1.31
C SER A 62 -1.17 -19.40 -0.16
N ASN A 63 0.10 -19.71 -0.37
CA ASN A 63 1.06 -19.48 0.69
C ASN A 63 1.80 -18.18 0.43
N ASP A 64 1.27 -17.11 1.01
CA ASP A 64 1.87 -15.79 0.85
C ASP A 64 1.38 -14.83 1.94
N PRO A 65 2.29 -14.03 2.54
CA PRO A 65 1.91 -13.08 3.57
C PRO A 65 0.81 -12.13 3.10
N LEU A 66 0.75 -11.91 1.80
CA LEU A 66 -0.26 -11.03 1.21
C LEU A 66 -1.65 -11.67 1.29
N GLY A 67 -1.74 -12.91 0.82
CA GLY A 67 -3.01 -13.61 0.85
C GLY A 67 -3.58 -13.73 2.25
N GLU A 68 -2.72 -14.03 3.21
CA GLU A 68 -3.16 -14.16 4.60
C GLU A 68 -3.61 -12.82 5.16
N LEU A 69 -3.09 -11.73 4.59
CA LEU A 69 -3.46 -10.39 5.02
C LEU A 69 -4.85 -10.02 4.54
N PHE A 70 -5.02 -10.00 3.22
CA PHE A 70 -6.31 -9.66 2.62
C PHE A 70 -7.38 -10.66 3.03
N GLY A 71 -6.96 -11.89 3.33
CA GLY A 71 -7.90 -12.92 3.72
C GLY A 71 -8.41 -13.72 2.55
N VAL A 72 -7.60 -13.82 1.51
CA VAL A 72 -7.98 -14.57 0.31
C VAL A 72 -6.75 -15.23 -0.33
N GLN A 73 -7.00 -16.12 -1.29
CA GLN A 73 -5.93 -16.82 -1.97
C GLN A 73 -5.66 -16.20 -3.34
N GLU A 74 -6.71 -15.65 -3.95
CA GLU A 74 -6.59 -15.03 -5.26
C GLU A 74 -7.28 -13.68 -5.29
N PHE A 75 -6.78 -12.78 -6.13
CA PHE A 75 -7.35 -11.44 -6.24
C PHE A 75 -6.91 -10.77 -7.55
N SER A 76 -7.88 -10.41 -8.38
CA SER A 76 -7.59 -9.76 -9.65
C SER A 76 -7.40 -8.27 -9.47
N VAL A 77 -6.21 -7.78 -9.80
CA VAL A 77 -5.90 -6.35 -9.66
C VAL A 77 -6.81 -5.49 -10.53
N LYS A 78 -7.47 -6.12 -11.50
CA LYS A 78 -8.37 -5.40 -12.41
C LYS A 78 -9.37 -4.55 -11.62
N GLU A 79 -9.70 -5.01 -10.41
CA GLU A 79 -10.63 -4.28 -9.56
C GLU A 79 -9.88 -3.44 -8.53
N HIS A 80 -9.45 -2.25 -8.96
CA HIS A 80 -8.72 -1.35 -8.09
C HIS A 80 -9.49 -1.05 -6.81
N ARG A 81 -10.80 -0.88 -6.95
CA ARG A 81 -11.66 -0.60 -5.80
C ARG A 81 -11.56 -1.71 -4.76
N ARG A 82 -11.39 -2.94 -5.23
CA ARG A 82 -11.29 -4.10 -4.35
C ARG A 82 -9.99 -4.06 -3.55
N ILE A 83 -8.90 -3.72 -4.22
CA ILE A 83 -7.60 -3.66 -3.57
C ILE A 83 -7.50 -2.47 -2.62
N TYR A 84 -7.64 -1.27 -3.15
CA TYR A 84 -7.57 -0.05 -2.35
C TYR A 84 -8.43 -0.17 -1.09
N ALA A 85 -9.49 -0.97 -1.18
CA ALA A 85 -10.38 -1.19 -0.05
C ALA A 85 -9.75 -2.10 0.99
N MET A 86 -9.53 -3.36 0.62
CA MET A 86 -8.94 -4.34 1.53
C MET A 86 -7.66 -3.81 2.17
N ILE A 87 -6.82 -3.14 1.37
CA ILE A 87 -5.57 -2.58 1.87
C ILE A 87 -5.87 -1.46 2.88
N SER A 88 -6.99 -0.79 2.68
CA SER A 88 -7.40 0.30 3.57
C SER A 88 -7.85 -0.24 4.92
N ARG A 89 -8.60 -1.35 4.90
CA ARG A 89 -9.08 -1.96 6.14
C ARG A 89 -7.97 -2.70 6.87
N ASN A 90 -6.82 -2.84 6.21
CA ASN A 90 -5.68 -3.53 6.80
C ASN A 90 -4.65 -2.53 7.33
N LEU A 91 -5.13 -1.38 7.77
CA LEU A 91 -4.26 -0.34 8.31
C LEU A 91 -4.72 0.08 9.70
N VAL A 92 -3.86 -0.11 10.69
CA VAL A 92 -4.18 0.25 12.06
C VAL A 92 -4.44 1.75 12.19
N SER A 93 -3.53 2.55 11.64
CA SER A 93 -3.66 4.01 11.69
C SER A 93 -4.01 4.57 10.32
N ALA A 94 -5.28 4.90 10.12
CA ALA A 94 -5.74 5.45 8.85
C ALA A 94 -6.17 6.90 9.01
N ASN A 95 -5.36 7.82 8.51
CA ASN A 95 -5.66 9.24 8.59
C ASN A 95 -6.98 9.56 7.89
N VAL A 96 -7.81 10.36 8.55
CA VAL A 96 -9.10 10.74 8.00
C VAL A 96 -8.96 11.85 6.97
N LYS A 97 -9.96 11.98 6.11
CA LYS A 97 -9.95 13.01 5.07
C LYS A 97 -10.56 14.30 5.58
N GLU A 98 -9.72 15.22 6.04
CA GLU A 98 -10.18 16.50 6.55
C GLU A 98 -9.94 17.61 5.53
N SER A 99 -10.68 18.72 5.68
CA SER A 99 -10.54 19.85 4.77
C SER A 99 -9.89 21.03 5.47
N SER A 100 -8.59 21.20 5.25
CA SER A 100 -7.85 22.31 5.86
C SER A 100 -7.13 23.14 4.80
N GLU A 101 -6.78 24.36 5.16
CA GLU A 101 -6.09 25.26 4.24
C GLU A 101 -4.62 25.40 4.62
N ASP A 102 -3.73 25.00 3.71
CA ASP A 102 -2.30 25.08 3.95
C ASP A 102 -1.68 26.22 3.14
N ILE A 103 -0.95 27.09 3.82
CA ILE A 103 -0.29 28.21 3.17
C ILE A 103 1.21 28.01 3.18
N PHE A 104 1.74 27.60 2.05
CA PHE A 104 3.17 27.36 1.90
C PHE A 104 3.78 28.35 0.91
N GLY A 105 2.99 28.79 -0.05
CA GLY A 105 3.47 29.74 -1.05
C GLY A 105 3.87 29.05 -2.34
N ASN A 106 4.12 27.75 -2.28
CA ASN A 106 4.52 26.99 -3.46
C ASN A 106 3.35 26.18 -4.00
N VAL A 107 3.34 25.93 -5.30
CA VAL A 107 2.29 25.16 -5.94
C VAL A 107 2.72 23.72 -6.18
C1 IMY B . -0.37 -3.65 -11.38
N2 IMY B . 0.64 -3.53 -10.53
C3 IMY B . 0.21 -2.67 -9.39
C4 IMY B . -0.91 -1.83 -10.10
N5 IMY B . -1.34 -2.77 -11.14
C13 IMY B . -0.26 -3.48 -8.20
C14 IMY B . -0.41 -2.84 -6.95
C15 IMY B . -0.94 -3.53 -5.85
C16 IMY B . -1.36 -4.84 -5.99
C17 IMY B . -1.17 -5.49 -7.19
C18 IMY B . -0.62 -4.84 -8.28
CL16 IMY B . -2.08 -5.65 -4.65
C20 IMY B . -1.99 0.08 -8.86
C21 IMY B . -3.03 0.66 -8.14
C22 IMY B . -4.18 -0.09 -7.87
C23 IMY B . -4.28 -1.40 -8.31
C24 IMY B . -3.26 -1.96 -9.08
C19 IMY B . -2.08 -1.24 -9.34
CL22 IMY B . -5.47 0.62 -6.99
C28 IMY B . -0.06 -6.60 -13.77
C29 IMY B . 0.28 -5.69 -12.75
C34 IMY B . -0.55 -4.58 -12.50
C25 IMY B . -1.71 -4.42 -13.30
C26 IMY B . -2.04 -5.33 -14.30
C27 IMY B . -1.22 -6.43 -14.53
O3 IMY B . 1.42 -5.83 -11.96
C31 IMY B . 2.05 -7.12 -11.85
C32 IMY B . 3.07 -7.15 -10.70
C33 IMY B . 0.95 -8.13 -11.57
O2 IMY B . -1.46 -7.43 -15.46
C30 IMY B . -2.42 -7.13 -16.48
H3 IMY B . 1.05 -2.02 -9.10
H4 IMY B . -0.40 -1.02 -10.65
H14 IMY B . -0.11 -1.80 -6.81
H15 IMY B . -1.03 -3.03 -4.89
H17 IMY B . -1.43 -6.54 -7.26
H18 IMY B . -0.51 -5.40 -9.20
H20 IMY B . -1.10 0.69 -9.04
H21 IMY B . -2.95 1.68 -7.79
H23 IMY B . -5.16 -2.00 -8.08
H24 IMY B . -3.40 -2.96 -9.45
H28 IMY B . 0.55 -7.47 -14.01
H25 IMY B . -2.39 -3.58 -13.12
H26 IMY B . -2.96 -5.18 -14.86
H31 IMY B . 2.51 -7.42 -12.80
H321 IMY B . 2.57 -6.97 -9.74
H322 IMY B . 3.56 -8.12 -10.65
H323 IMY B . 3.83 -6.38 -10.82
H331 IMY B . 0.22 -8.16 -12.38
H332 IMY B . 1.36 -9.15 -11.44
H333 IMY B . 0.39 -7.88 -10.65
H30 IMY B . -2.10 -6.26 -17.08
H301 IMY B . -3.41 -6.97 -16.05
H302 IMY B . -2.47 -7.99 -17.15
N ASN A 1 1.71 27.25 11.52
CA ASN A 1 1.23 25.99 10.90
C ASN A 1 1.52 25.98 9.40
N HIS A 2 2.61 26.64 9.01
CA HIS A 2 3.00 26.70 7.60
C HIS A 2 4.31 25.95 7.37
N ILE A 3 4.47 25.39 6.17
CA ILE A 3 5.67 24.65 5.83
C ILE A 3 6.28 25.19 4.54
N SER A 4 7.55 24.85 4.29
CA SER A 4 8.23 25.31 3.08
C SER A 4 8.67 24.14 2.20
N THR A 5 7.68 23.44 1.64
CA THR A 5 7.96 22.29 0.78
C THR A 5 8.89 21.30 1.45
N SER A 6 8.92 21.31 2.78
CA SER A 6 9.78 20.40 3.54
C SER A 6 8.93 19.37 4.30
N ASP A 7 9.55 18.24 4.65
CA ASP A 7 8.86 17.19 5.37
C ASP A 7 7.72 16.61 4.54
N GLN A 8 7.64 15.28 4.51
CA GLN A 8 6.59 14.60 3.76
C GLN A 8 5.64 13.87 4.71
N GLU A 9 4.40 13.71 4.28
CA GLU A 9 3.39 13.04 5.09
C GLU A 9 2.36 12.34 4.22
N LYS A 10 1.19 12.03 4.79
CA LYS A 10 0.12 11.35 4.06
C LYS A 10 0.46 9.88 3.84
N LEU A 11 1.54 9.42 4.45
CA LEU A 11 1.97 8.03 4.31
C LEU A 11 0.98 7.09 5.00
N VAL A 12 1.16 5.79 4.76
CA VAL A 12 0.30 4.78 5.35
C VAL A 12 1.14 3.84 6.22
N GLN A 13 0.48 3.11 7.12
CA GLN A 13 1.19 2.21 8.01
C GLN A 13 0.63 0.78 7.91
N PRO A 14 1.25 -0.07 7.07
CA PRO A 14 0.82 -1.46 6.89
C PRO A 14 0.89 -2.26 8.18
N THR A 15 -0.06 -3.18 8.34
CA THR A 15 -0.09 -4.02 9.53
C THR A 15 1.17 -4.87 9.63
N PRO A 16 1.46 -5.42 10.82
CA PRO A 16 2.64 -6.25 11.04
C PRO A 16 2.82 -7.30 9.95
N LEU A 17 1.71 -7.78 9.41
CA LEU A 17 1.73 -8.78 8.35
C LEU A 17 2.19 -8.16 7.05
N LEU A 18 1.43 -7.18 6.57
CA LEU A 18 1.75 -6.49 5.32
C LEU A 18 3.18 -5.96 5.38
N LEU A 19 3.59 -5.54 6.58
CA LEU A 19 4.93 -5.01 6.79
C LEU A 19 6.00 -5.97 6.27
N SER A 20 6.05 -7.17 6.87
CA SER A 20 7.03 -8.18 6.47
C SER A 20 7.07 -8.33 4.95
N LEU A 21 5.90 -8.31 4.31
CA LEU A 21 5.85 -8.44 2.86
C LEU A 21 6.73 -7.36 2.21
N LEU A 22 6.77 -6.20 2.86
CA LEU A 22 7.59 -5.10 2.39
C LEU A 22 9.05 -5.35 2.76
N LYS A 23 9.24 -5.99 3.91
CA LYS A 23 10.57 -6.31 4.40
C LYS A 23 11.33 -7.15 3.39
N SER A 24 10.59 -7.98 2.65
CA SER A 24 11.18 -8.83 1.63
C SER A 24 11.12 -8.18 0.26
N ALA A 25 10.20 -7.23 0.10
CA ALA A 25 10.05 -6.51 -1.16
C ALA A 25 11.05 -5.37 -1.29
N GLY A 26 11.93 -5.23 -0.30
CA GLY A 26 12.91 -4.17 -0.33
C GLY A 26 12.52 -2.99 0.53
N ALA A 27 11.90 -3.28 1.67
CA ALA A 27 11.45 -2.25 2.59
C ALA A 27 12.22 -2.33 3.92
N GLN A 28 12.45 -1.17 4.56
CA GLN A 28 13.17 -1.15 5.83
C GLN A 28 12.30 -0.57 6.95
N LYS A 29 11.97 0.71 6.82
CA LYS A 29 11.14 1.39 7.83
C LYS A 29 9.84 0.61 8.08
N GLU A 30 9.02 1.14 8.98
CA GLU A 30 7.75 0.51 9.31
C GLU A 30 6.59 1.17 8.57
N THR A 31 6.76 2.45 8.23
CA THR A 31 5.72 3.19 7.52
C THR A 31 6.13 3.42 6.07
N PHE A 32 5.14 3.59 5.20
CA PHE A 32 5.40 3.81 3.78
C PHE A 32 4.24 4.56 3.12
N THR A 33 4.57 5.39 2.15
CA THR A 33 3.56 6.14 1.43
C THR A 33 2.87 5.24 0.40
N MET A 34 1.62 5.56 0.08
CA MET A 34 0.85 4.76 -0.87
C MET A 34 1.66 4.40 -2.10
N LYS A 35 2.61 5.25 -2.47
CA LYS A 35 3.46 4.98 -3.63
C LYS A 35 4.46 3.88 -3.33
N GLU A 36 5.17 4.00 -2.21
CA GLU A 36 6.15 3.00 -1.82
C GLU A 36 5.47 1.67 -1.52
N VAL A 37 4.39 1.73 -0.73
CA VAL A 37 3.64 0.54 -0.37
C VAL A 37 3.22 -0.22 -1.62
N LEU A 38 2.40 0.41 -2.44
CA LEU A 38 1.92 -0.20 -3.68
C LEU A 38 3.09 -0.64 -4.56
N TYR A 39 4.23 0.01 -4.38
CA TYR A 39 5.43 -0.31 -5.16
C TYR A 39 6.04 -1.64 -4.72
N HIS A 40 6.37 -1.76 -3.43
CA HIS A 40 6.95 -3.00 -2.92
C HIS A 40 6.07 -4.18 -3.27
N LEU A 41 4.76 -4.02 -3.07
CA LEU A 41 3.81 -5.06 -3.37
C LEU A 41 4.08 -5.68 -4.74
N GLY A 42 4.23 -4.82 -5.75
CA GLY A 42 4.51 -5.31 -7.09
C GLY A 42 5.73 -6.21 -7.10
N GLN A 43 6.72 -5.85 -6.28
CA GLN A 43 7.94 -6.64 -6.17
C GLN A 43 7.72 -7.83 -5.24
N TYR A 44 6.79 -7.69 -4.30
CA TYR A 44 6.47 -8.75 -3.36
C TYR A 44 5.81 -9.92 -4.07
N ILE A 45 4.81 -9.62 -4.89
CA ILE A 45 4.09 -10.65 -5.63
C ILE A 45 5.02 -11.40 -6.57
N MET A 46 5.69 -10.65 -7.46
CA MET A 46 6.62 -11.26 -8.41
C MET A 46 7.71 -12.03 -7.68
N ALA A 47 8.04 -11.59 -6.47
CA ALA A 47 9.05 -12.25 -5.66
C ALA A 47 8.52 -13.55 -5.07
N LYS A 48 7.43 -13.44 -4.30
CA LYS A 48 6.81 -14.61 -3.70
C LYS A 48 6.27 -15.56 -4.77
N GLN A 49 5.98 -15.01 -5.94
CA GLN A 49 5.45 -15.80 -7.05
C GLN A 49 4.03 -16.25 -6.77
N LEU A 50 3.10 -15.29 -6.68
CA LEU A 50 1.70 -15.60 -6.42
C LEU A 50 0.84 -15.41 -7.67
N TYR A 51 1.47 -14.98 -8.76
CA TYR A 51 0.75 -14.77 -10.01
C TYR A 51 0.52 -16.09 -10.74
N ASP A 52 -0.51 -16.13 -11.58
CA ASP A 52 -0.85 -17.32 -12.34
C ASP A 52 0.00 -17.43 -13.59
N GLU A 53 0.35 -18.66 -13.96
CA GLU A 53 1.17 -18.90 -15.15
C GLU A 53 0.40 -18.53 -16.42
N LYS A 54 -0.83 -19.02 -16.52
CA LYS A 54 -1.67 -18.75 -17.68
C LYS A 54 -1.84 -17.25 -17.88
N GLN A 55 -2.27 -16.56 -16.84
CA GLN A 55 -2.47 -15.11 -16.90
C GLN A 55 -1.63 -14.43 -15.81
N GLN A 56 -0.77 -13.50 -16.23
CA GLN A 56 0.08 -12.77 -15.30
C GLN A 56 -0.70 -11.68 -14.57
N HIS A 57 -1.87 -11.32 -15.10
CA HIS A 57 -2.69 -10.29 -14.49
C HIS A 57 -3.62 -10.87 -13.41
N ILE A 58 -3.42 -12.14 -13.09
CA ILE A 58 -4.24 -12.81 -12.08
C ILE A 58 -3.36 -13.34 -10.94
N VAL A 59 -3.81 -13.11 -9.71
CA VAL A 59 -3.07 -13.56 -8.53
C VAL A 59 -3.96 -14.37 -7.61
N HIS A 60 -3.80 -15.70 -7.63
CA HIS A 60 -4.60 -16.58 -6.78
C HIS A 60 -3.71 -17.51 -5.98
N CYS A 61 -3.47 -17.14 -4.72
CA CYS A 61 -2.64 -17.95 -3.82
C CYS A 61 -3.35 -18.15 -2.49
N SER A 62 -3.91 -19.34 -2.30
CA SER A 62 -4.63 -19.64 -1.07
C SER A 62 -3.71 -19.62 0.14
N ASN A 63 -2.56 -20.27 0.04
CA ASN A 63 -1.64 -20.25 1.16
C ASN A 63 -0.57 -19.20 0.92
N ASP A 64 -0.83 -18.00 1.42
CA ASP A 64 0.11 -16.90 1.28
C ASP A 64 -0.19 -15.79 2.29
N PRO A 65 0.85 -15.13 2.83
CA PRO A 65 0.67 -14.05 3.79
C PRO A 65 -0.26 -12.98 3.25
N LEU A 66 -0.28 -12.84 1.93
CA LEU A 66 -1.13 -11.85 1.27
C LEU A 66 -2.59 -12.30 1.28
N GLY A 67 -2.82 -13.53 0.86
CA GLY A 67 -4.17 -14.06 0.84
C GLY A 67 -4.82 -14.03 2.21
N GLU A 68 -4.02 -14.27 3.24
CA GLU A 68 -4.53 -14.25 4.61
C GLU A 68 -4.78 -12.82 5.08
N LEU A 69 -4.07 -11.87 4.46
CA LEU A 69 -4.21 -10.47 4.82
C LEU A 69 -5.42 -9.85 4.11
N PHE A 70 -5.38 -9.86 2.79
CA PHE A 70 -6.48 -9.31 1.99
C PHE A 70 -7.78 -10.06 2.27
N GLY A 71 -7.66 -11.33 2.66
CA GLY A 71 -8.84 -12.13 2.95
C GLY A 71 -9.50 -12.65 1.69
N VAL A 72 -8.69 -13.05 0.71
CA VAL A 72 -9.20 -13.58 -0.55
C VAL A 72 -8.28 -14.64 -1.12
N GLN A 73 -8.86 -15.59 -1.85
CA GLN A 73 -8.08 -16.66 -2.45
C GLN A 73 -7.53 -16.24 -3.80
N GLU A 74 -8.25 -15.35 -4.48
CA GLU A 74 -7.82 -14.86 -5.79
C GLU A 74 -8.30 -13.42 -6.01
N PHE A 75 -7.54 -12.66 -6.78
CA PHE A 75 -7.89 -11.28 -7.08
C PHE A 75 -7.15 -10.77 -8.31
N SER A 76 -7.90 -10.26 -9.27
CA SER A 76 -7.31 -9.73 -10.50
C SER A 76 -6.72 -8.35 -10.26
N VAL A 77 -5.60 -8.05 -10.92
CA VAL A 77 -4.95 -6.76 -10.77
C VAL A 77 -5.48 -5.73 -11.76
N LYS A 78 -6.59 -6.06 -12.42
CA LYS A 78 -7.20 -5.16 -13.39
C LYS A 78 -8.04 -4.10 -12.68
N GLU A 79 -8.63 -4.47 -11.55
CA GLU A 79 -9.45 -3.55 -10.77
C GLU A 79 -8.63 -2.91 -9.66
N HIS A 80 -7.88 -1.87 -10.00
CA HIS A 80 -7.04 -1.16 -9.04
C HIS A 80 -7.87 -0.67 -7.84
N ARG A 81 -9.15 -0.41 -8.08
CA ARG A 81 -10.03 0.07 -7.02
C ARG A 81 -10.20 -0.99 -5.94
N ARG A 82 -10.28 -2.25 -6.33
CA ARG A 82 -10.44 -3.34 -5.39
C ARG A 82 -9.20 -3.49 -4.51
N ILE A 83 -8.02 -3.49 -5.13
CA ILE A 83 -6.77 -3.61 -4.40
C ILE A 83 -6.52 -2.41 -3.51
N TYR A 84 -6.48 -1.22 -4.11
CA TYR A 84 -6.24 0.02 -3.37
C TYR A 84 -7.12 0.08 -2.12
N ALA A 85 -8.27 -0.57 -2.18
CA ALA A 85 -9.20 -0.58 -1.05
C ALA A 85 -8.73 -1.54 0.05
N MET A 86 -8.61 -2.83 -0.30
CA MET A 86 -8.19 -3.84 0.66
C MET A 86 -6.83 -3.49 1.28
N ILE A 87 -5.93 -2.94 0.47
CA ILE A 87 -4.61 -2.56 0.95
C ILE A 87 -4.71 -1.36 1.88
N SER A 88 -5.72 -0.52 1.64
CA SER A 88 -5.93 0.67 2.47
C SER A 88 -6.57 0.29 3.80
N ARG A 89 -7.58 -0.58 3.74
CA ARG A 89 -8.26 -1.03 4.95
C ARG A 89 -7.35 -1.91 5.81
N ASN A 90 -6.21 -2.32 5.26
CA ASN A 90 -5.27 -3.16 5.98
C ASN A 90 -4.13 -2.34 6.57
N LEU A 91 -4.43 -1.10 6.93
CA LEU A 91 -3.42 -0.21 7.52
C LEU A 91 -3.83 0.20 8.94
N VAL A 92 -2.95 -0.06 9.89
CA VAL A 92 -3.23 0.30 11.28
C VAL A 92 -3.25 1.82 11.47
N SER A 93 -2.22 2.49 10.98
CA SER A 93 -2.13 3.95 11.08
C SER A 93 -2.35 4.60 9.73
N ALA A 94 -3.41 5.39 9.62
CA ALA A 94 -3.73 6.08 8.37
C ALA A 94 -3.58 7.59 8.52
N ASN A 95 -2.58 8.16 7.84
CA ASN A 95 -2.33 9.59 7.91
C ASN A 95 -3.07 10.31 6.78
N VAL A 96 -4.18 10.95 7.13
CA VAL A 96 -4.98 11.68 6.15
C VAL A 96 -4.62 13.17 6.15
N LYS A 97 -4.95 13.85 5.06
CA LYS A 97 -4.66 15.28 4.94
C LYS A 97 -5.70 16.10 5.71
N GLU A 98 -5.22 16.95 6.61
CA GLU A 98 -6.09 17.80 7.40
C GLU A 98 -5.35 19.05 7.89
N SER A 99 -5.29 20.06 7.02
CA SER A 99 -4.62 21.31 7.36
C SER A 99 -5.50 22.19 8.23
N SER A 100 -4.89 22.90 9.17
CA SER A 100 -5.63 23.78 10.07
C SER A 100 -5.69 25.20 9.51
N GLU A 101 -6.88 25.61 9.07
CA GLU A 101 -7.06 26.94 8.51
C GLU A 101 -6.85 28.02 9.58
N ASP A 102 -6.04 29.01 9.24
CA ASP A 102 -5.74 30.11 10.16
C ASP A 102 -6.77 31.24 10.02
N ILE A 103 -7.28 31.71 11.15
CA ILE A 103 -8.25 32.79 11.15
C ILE A 103 -7.63 34.04 11.74
N PHE A 104 -7.26 34.96 10.87
CA PHE A 104 -6.66 36.22 11.27
C PHE A 104 -7.61 37.38 11.04
N GLY A 105 -8.48 37.24 10.05
CA GLY A 105 -9.44 38.28 9.74
C GLY A 105 -9.22 38.90 8.38
N ASN A 106 -8.81 38.06 7.42
CA ASN A 106 -8.56 38.53 6.06
C ASN A 106 -9.35 37.71 5.05
N VAL A 107 -10.35 38.33 4.44
CA VAL A 107 -11.18 37.66 3.46
C VAL A 107 -10.55 37.72 2.07
C1 IMY B . 1.14 -5.25 -11.93
N2 IMY B . 2.11 -5.26 -11.03
C3 IMY B . 1.75 -4.32 -9.92
C4 IMY B . 0.81 -3.35 -10.70
N5 IMY B . 0.30 -4.22 -11.76
C13 IMY B . 1.10 -5.03 -8.74
C14 IMY B . 0.99 -4.36 -7.51
C15 IMY B . 0.31 -4.92 -6.44
C16 IMY B . -0.31 -6.16 -6.58
C17 IMY B . -0.17 -6.85 -7.77
C18 IMY B . 0.52 -6.31 -8.84
CL16 IMY B . -1.22 -6.83 -5.28
C20 IMY B . -0.08 -1.22 -9.69
C21 IMY B . -1.07 -0.47 -9.05
C22 IMY B . -2.28 -1.08 -8.70
C23 IMY B . -2.50 -2.42 -8.99
C24 IMY B . -1.53 -3.14 -9.69
C19 IMY B . -0.29 -2.57 -10.02
CL22 IMY B . -3.49 -0.17 -7.91
C28 IMY B . 0.98 -8.32 -14.18
C29 IMY B . 1.40 -7.48 -13.13
C34 IMY B . 0.88 -6.17 -13.05
C25 IMY B . -0.06 -5.75 -14.03
C26 IMY B . -0.47 -6.59 -15.05
C27 IMY B . 0.05 -7.89 -15.12
O3 IMY B . 2.32 -7.85 -12.16
C31 IMY B . 2.54 -9.28 -11.92
C32 IMY B . 3.27 -9.49 -10.59
C33 IMY B . 1.17 -9.94 -11.87
O2 IMY B . -0.32 -8.84 -16.06
C30 IMY B . -0.99 -8.36 -17.23
H3 IMY B . 2.66 -3.79 -9.60
H4 IMY B . 1.46 -2.63 -11.23
H14 IMY B . 1.46 -3.37 -7.38
H15 IMY B . 0.26 -4.42 -5.48
H17 IMY B . -0.60 -7.85 -7.85
H18 IMY B . 0.58 -6.89 -9.75
H20 IMY B . 0.85 -0.71 -9.95
H21 IMY B . -0.89 0.58 -8.82
H23 IMY B . -3.42 -2.90 -8.69
H24 IMY B . -1.76 -4.17 -9.94
H28 IMY B . 1.35 -9.33 -14.30
H25 IMY B . -0.49 -4.75 -13.99
H26 IMY B . -1.21 -6.24 -15.76
H31 IMY B . 3.09 -9.72 -12.75
H321 IMY B . 2.65 -9.14 -9.76
H322 IMY B . 3.46 -10.55 -10.43
H323 IMY B . 4.21 -8.96 -10.54
H331 IMY B . 0.65 -9.82 -12.83
H332 IMY B . 1.27 -11.02 -11.67
H333 IMY B . 0.53 -9.49 -11.10
H30 IMY B . -0.33 -7.70 -17.81
H301 IMY B . -1.92 -7.86 -16.96
H302 IMY B . -1.23 -9.24 -17.85
N ASN A 1 -1.82 24.51 -7.64
CA ASN A 1 -0.93 24.30 -6.46
C ASN A 1 0.53 24.34 -6.87
N HIS A 2 1.36 24.96 -6.03
CA HIS A 2 2.79 25.07 -6.31
C HIS A 2 3.53 23.85 -5.76
N ILE A 3 4.68 23.55 -6.35
CA ILE A 3 5.49 22.42 -5.92
C ILE A 3 6.43 22.81 -4.78
N SER A 4 7.12 23.93 -4.97
CA SER A 4 8.06 24.43 -3.96
C SER A 4 9.28 23.52 -3.87
N THR A 5 9.07 22.30 -3.40
CA THR A 5 10.16 21.34 -3.27
C THR A 5 9.62 19.91 -3.22
N SER A 6 8.58 19.70 -2.42
CA SER A 6 7.97 18.39 -2.29
C SER A 6 6.62 18.33 -3.01
N ASP A 7 6.62 17.70 -4.18
CA ASP A 7 5.41 17.57 -4.98
C ASP A 7 4.35 16.77 -4.23
N GLN A 8 4.79 15.88 -3.34
CA GLN A 8 3.88 15.05 -2.56
C GLN A 8 3.20 15.88 -1.48
N GLU A 9 1.87 15.92 -1.52
CA GLU A 9 1.10 16.67 -0.53
C GLU A 9 -0.29 16.07 -0.37
N LYS A 10 -0.40 14.77 -0.54
CA LYS A 10 -1.67 14.07 -0.40
C LYS A 10 -1.45 12.68 0.19
N LEU A 11 -2.19 12.35 1.23
CA LEU A 11 -2.04 11.05 1.89
C LEU A 11 -3.34 10.26 1.89
N VAL A 12 -3.21 8.94 2.02
CA VAL A 12 -4.35 8.04 2.07
C VAL A 12 -4.31 7.24 3.37
N GLN A 13 -5.45 6.69 3.78
CA GLN A 13 -5.50 5.93 5.03
C GLN A 13 -6.01 4.50 4.82
N PRO A 14 -5.09 3.52 4.77
CA PRO A 14 -5.45 2.11 4.59
C PRO A 14 -6.33 1.58 5.72
N THR A 15 -6.92 0.41 5.52
CA THR A 15 -7.76 -0.21 6.53
C THR A 15 -6.89 -0.91 7.57
N PRO A 16 -7.44 -1.16 8.77
CA PRO A 16 -6.70 -1.83 9.84
C PRO A 16 -5.94 -3.05 9.35
N LEU A 17 -6.48 -3.68 8.30
CA LEU A 17 -5.85 -4.86 7.72
C LEU A 17 -4.66 -4.45 6.86
N LEU A 18 -4.90 -3.58 5.89
CA LEU A 18 -3.85 -3.09 5.01
C LEU A 18 -2.75 -2.45 5.85
N LEU A 19 -3.15 -1.78 6.91
CA LEU A 19 -2.20 -1.12 7.82
C LEU A 19 -1.13 -2.09 8.29
N SER A 20 -1.55 -3.15 8.98
CA SER A 20 -0.62 -4.16 9.49
C SER A 20 0.38 -4.59 8.43
N LEU A 21 -0.08 -4.74 7.20
CA LEU A 21 0.80 -5.15 6.11
C LEU A 21 1.94 -4.14 5.99
N LEU A 22 1.59 -2.86 6.11
CA LEU A 22 2.58 -1.80 6.05
C LEU A 22 3.44 -1.84 7.30
N LYS A 23 2.78 -2.00 8.44
CA LYS A 23 3.45 -2.07 9.73
C LYS A 23 4.63 -3.03 9.68
N SER A 24 4.45 -4.13 8.96
CA SER A 24 5.49 -5.14 8.81
C SER A 24 6.35 -4.85 7.59
N ALA A 25 5.81 -4.10 6.64
CA ALA A 25 6.53 -3.76 5.41
C ALA A 25 7.57 -2.67 5.66
N GLY A 26 7.50 -2.03 6.82
CA GLY A 26 8.44 -0.97 7.15
C GLY A 26 7.77 0.38 7.31
N ALA A 27 6.58 0.38 7.90
CA ALA A 27 5.83 1.61 8.10
C ALA A 27 5.84 2.01 9.58
N GLN A 28 5.81 3.32 9.87
CA GLN A 28 5.82 3.79 11.26
C GLN A 28 4.65 4.71 11.56
N LYS A 29 3.67 4.78 10.66
CA LYS A 29 2.50 5.63 10.88
C LYS A 29 1.22 4.91 10.46
N GLU A 30 0.09 5.59 10.61
CA GLU A 30 -1.21 5.01 10.26
C GLU A 30 -1.65 5.45 8.87
N THR A 31 -1.22 6.65 8.46
CA THR A 31 -1.58 7.18 7.15
C THR A 31 -0.35 7.29 6.26
N PHE A 32 -0.53 6.95 4.98
CA PHE A 32 0.57 7.00 4.02
C PHE A 32 0.09 7.50 2.67
N THR A 33 0.97 8.18 1.94
CA THR A 33 0.63 8.69 0.62
C THR A 33 0.71 7.54 -0.38
N MET A 34 -0.13 7.60 -1.42
CA MET A 34 -0.18 6.56 -2.44
C MET A 34 1.19 5.96 -2.73
N LYS A 35 2.19 6.82 -2.91
CA LYS A 35 3.55 6.35 -3.20
C LYS A 35 4.03 5.38 -2.12
N GLU A 36 4.15 5.88 -0.89
CA GLU A 36 4.60 5.05 0.23
C GLU A 36 3.74 3.80 0.35
N VAL A 37 2.42 3.98 0.29
CA VAL A 37 1.50 2.85 0.37
C VAL A 37 1.84 1.81 -0.68
N LEU A 38 1.78 2.22 -1.94
CA LEU A 38 2.09 1.35 -3.05
C LEU A 38 3.53 0.84 -2.97
N TYR A 39 4.37 1.54 -2.20
CA TYR A 39 5.76 1.15 -2.05
C TYR A 39 5.92 -0.02 -1.08
N HIS A 40 5.44 0.14 0.15
CA HIS A 40 5.55 -0.93 1.14
C HIS A 40 4.94 -2.22 0.60
N LEU A 41 3.76 -2.10 -0.01
CA LEU A 41 3.08 -3.25 -0.56
C LEU A 41 4.04 -4.13 -1.36
N GLY A 42 4.81 -3.51 -2.24
CA GLY A 42 5.77 -4.26 -3.03
C GLY A 42 6.71 -5.05 -2.15
N GLN A 43 7.13 -4.42 -1.05
CA GLN A 43 8.02 -5.06 -0.10
C GLN A 43 7.26 -6.04 0.78
N TYR A 44 5.97 -5.74 0.99
CA TYR A 44 5.12 -6.59 1.82
C TYR A 44 4.94 -7.97 1.18
N ILE A 45 4.58 -7.97 -0.10
CA ILE A 45 4.37 -9.22 -0.83
C ILE A 45 5.65 -10.06 -0.84
N MET A 46 6.74 -9.47 -1.29
CA MET A 46 8.02 -10.18 -1.35
C MET A 46 8.41 -10.70 0.04
N ALA A 47 7.97 -9.99 1.07
CA ALA A 47 8.27 -10.39 2.44
C ALA A 47 7.42 -11.60 2.85
N LYS A 48 6.10 -11.44 2.78
CA LYS A 48 5.19 -12.52 3.13
C LYS A 48 5.33 -13.69 2.17
N GLN A 49 5.84 -13.40 0.96
CA GLN A 49 6.03 -14.41 -0.07
C GLN A 49 4.70 -14.89 -0.65
N LEU A 50 3.98 -13.96 -1.27
CA LEU A 50 2.69 -14.28 -1.88
C LEU A 50 2.82 -14.49 -3.39
N TYR A 51 4.01 -14.21 -3.93
CA TYR A 51 4.26 -14.35 -5.36
C TYR A 51 4.51 -15.81 -5.71
N ASP A 52 4.04 -16.22 -6.89
CA ASP A 52 4.22 -17.59 -7.36
C ASP A 52 5.65 -17.83 -7.82
N GLU A 53 6.14 -19.04 -7.58
CA GLU A 53 7.50 -19.40 -7.98
C GLU A 53 7.66 -19.32 -9.49
N LYS A 54 6.81 -20.06 -10.21
CA LYS A 54 6.86 -20.06 -11.67
C LYS A 54 6.76 -18.64 -12.19
N GLN A 55 5.60 -18.02 -11.96
CA GLN A 55 5.38 -16.65 -12.39
C GLN A 55 5.64 -15.69 -11.24
N GLN A 56 6.55 -14.74 -11.46
CA GLN A 56 6.89 -13.77 -10.43
C GLN A 56 5.91 -12.60 -10.42
N HIS A 57 5.19 -12.43 -11.53
CA HIS A 57 4.22 -11.36 -11.64
C HIS A 57 2.83 -11.82 -11.19
N ILE A 58 2.77 -12.98 -10.53
CA ILE A 58 1.51 -13.52 -10.06
C ILE A 58 1.51 -13.66 -8.54
N VAL A 59 0.40 -13.30 -7.91
CA VAL A 59 0.28 -13.37 -6.47
C VAL A 59 -0.98 -14.16 -6.07
N HIS A 60 -0.78 -15.40 -5.61
CA HIS A 60 -1.90 -16.24 -5.20
C HIS A 60 -1.69 -16.79 -3.79
N CYS A 61 -2.31 -16.13 -2.82
CA CYS A 61 -2.21 -16.55 -1.43
C CYS A 61 -3.60 -16.65 -0.80
N SER A 62 -4.10 -17.87 -0.66
CA SER A 62 -5.43 -18.07 -0.08
C SER A 62 -5.46 -17.62 1.38
N ASN A 63 -4.49 -18.05 2.16
CA ASN A 63 -4.46 -17.62 3.54
C ASN A 63 -3.44 -16.51 3.71
N ASP A 64 -3.92 -15.28 3.59
CA ASP A 64 -3.07 -14.11 3.74
C ASP A 64 -3.90 -12.86 3.98
N PRO A 65 -3.43 -11.95 4.85
CA PRO A 65 -4.14 -10.71 5.14
C PRO A 65 -4.46 -9.93 3.87
N LEU A 66 -3.59 -10.07 2.87
CA LEU A 66 -3.78 -9.39 1.60
C LEU A 66 -5.00 -9.93 0.88
N GLY A 67 -4.96 -11.21 0.52
CA GLY A 67 -6.09 -11.83 -0.16
C GLY A 67 -7.37 -11.69 0.63
N GLU A 68 -7.23 -11.66 1.95
CA GLU A 68 -8.37 -11.52 2.84
C GLU A 68 -8.90 -10.10 2.79
N LEU A 69 -8.01 -9.14 2.51
CA LEU A 69 -8.37 -7.74 2.43
C LEU A 69 -9.10 -7.46 1.12
N PHE A 70 -8.41 -7.69 0.01
CA PHE A 70 -8.98 -7.46 -1.31
C PHE A 70 -10.16 -8.40 -1.56
N GLY A 71 -10.15 -9.55 -0.91
CA GLY A 71 -11.21 -10.52 -1.08
C GLY A 71 -10.99 -11.43 -2.26
N VAL A 72 -9.72 -11.69 -2.56
CA VAL A 72 -9.37 -12.57 -3.68
C VAL A 72 -8.27 -13.55 -3.29
N GLN A 73 -8.30 -14.74 -3.87
CA GLN A 73 -7.31 -15.77 -3.59
C GLN A 73 -6.08 -15.60 -4.49
N GLU A 74 -6.30 -15.06 -5.68
CA GLU A 74 -5.21 -14.85 -6.63
C GLU A 74 -5.48 -13.62 -7.49
N PHE A 75 -4.41 -12.93 -7.88
CA PHE A 75 -4.53 -11.75 -8.72
C PHE A 75 -3.20 -11.41 -9.40
N SER A 76 -3.25 -11.20 -10.71
CA SER A 76 -2.05 -10.87 -11.47
C SER A 76 -1.75 -9.38 -11.37
N VAL A 77 -0.52 -9.05 -10.98
CA VAL A 77 -0.11 -7.66 -10.85
C VAL A 77 0.02 -6.97 -12.21
N LYS A 78 -0.06 -7.76 -13.29
CA LYS A 78 0.04 -7.21 -14.64
C LYS A 78 -0.93 -6.07 -14.84
N GLU A 79 -2.10 -6.17 -14.22
CA GLU A 79 -3.13 -5.14 -14.32
C GLU A 79 -3.00 -4.13 -13.19
N HIS A 80 -2.13 -3.15 -13.38
CA HIS A 80 -1.90 -2.11 -12.38
C HIS A 80 -3.18 -1.33 -12.09
N ARG A 81 -3.92 -0.99 -13.15
CA ARG A 81 -5.16 -0.25 -13.01
C ARG A 81 -6.11 -0.95 -12.04
N ARG A 82 -6.03 -2.27 -11.98
CA ARG A 82 -6.88 -3.05 -11.10
C ARG A 82 -6.50 -2.83 -9.64
N ILE A 83 -5.23 -3.05 -9.32
CA ILE A 83 -4.73 -2.88 -7.97
C ILE A 83 -5.06 -1.49 -7.42
N TYR A 84 -4.72 -0.46 -8.20
CA TYR A 84 -4.97 0.93 -7.80
C TYR A 84 -6.43 1.10 -7.34
N ALA A 85 -7.35 0.50 -8.09
CA ALA A 85 -8.77 0.58 -7.77
C ALA A 85 -9.10 -0.28 -6.55
N MET A 86 -8.43 -1.40 -6.42
CA MET A 86 -8.66 -2.31 -5.29
C MET A 86 -8.39 -1.61 -3.97
N ILE A 87 -7.12 -1.34 -3.69
CA ILE A 87 -6.73 -0.68 -2.46
C ILE A 87 -7.56 0.57 -2.20
N SER A 88 -7.91 1.28 -3.27
CA SER A 88 -8.71 2.50 -3.15
C SER A 88 -10.00 2.24 -2.38
N ARG A 89 -10.73 1.20 -2.78
CA ARG A 89 -11.98 0.84 -2.12
C ARG A 89 -11.76 0.56 -0.65
N ASN A 90 -10.53 0.19 -0.30
CA ASN A 90 -10.18 -0.11 1.09
C ASN A 90 -9.86 1.16 1.87
N LEU A 91 -9.31 2.15 1.18
CA LEU A 91 -8.95 3.42 1.80
C LEU A 91 -10.13 4.01 2.56
N VAL A 92 -9.97 4.17 3.87
CA VAL A 92 -11.01 4.72 4.72
C VAL A 92 -10.99 6.25 4.71
N SER A 93 -9.80 6.81 4.89
CA SER A 93 -9.63 8.26 4.90
C SER A 93 -8.93 8.74 3.63
N ALA A 94 -9.29 9.93 3.17
CA ALA A 94 -8.70 10.51 1.97
C ALA A 94 -7.88 11.74 2.30
N ASN A 95 -6.90 12.05 1.45
CA ASN A 95 -6.04 13.21 1.65
C ASN A 95 -6.86 14.49 1.76
N VAL A 96 -6.81 15.12 2.92
CA VAL A 96 -7.55 16.35 3.16
C VAL A 96 -6.62 17.45 3.66
N LYS A 97 -7.05 18.71 3.51
CA LYS A 97 -6.27 19.85 3.95
C LYS A 97 -6.03 19.80 5.46
N GLU A 98 -4.92 19.19 5.86
CA GLU A 98 -4.57 19.08 7.27
C GLU A 98 -3.06 19.17 7.48
N SER A 99 -2.63 19.02 8.72
CA SER A 99 -1.21 19.09 9.05
C SER A 99 -0.69 17.72 9.51
N SER A 100 0.45 17.32 8.97
CA SER A 100 1.05 16.03 9.34
C SER A 100 2.03 16.20 10.48
N GLU A 101 1.96 15.29 11.45
CA GLU A 101 2.84 15.34 12.61
C GLU A 101 4.30 15.23 12.19
N ASP A 102 5.20 15.63 13.08
CA ASP A 102 6.63 15.58 12.80
C ASP A 102 7.23 14.24 13.23
N ILE A 103 8.31 13.84 12.57
CA ILE A 103 8.98 12.59 12.89
C ILE A 103 10.33 12.89 13.52
N PHE A 104 10.39 12.75 14.82
CA PHE A 104 11.62 12.98 15.58
C PHE A 104 12.39 11.68 15.79
N GLY A 105 11.67 10.57 15.85
CA GLY A 105 12.30 9.28 16.05
C GLY A 105 12.67 9.04 17.49
N ASN A 106 11.93 9.65 18.41
CA ASN A 106 12.20 9.49 19.83
C ASN A 106 11.30 8.41 20.44
N VAL A 107 11.92 7.37 20.98
CA VAL A 107 11.19 6.27 21.59
C VAL A 107 10.32 5.54 20.56
C1 IMY B . 5.38 -3.31 -9.60
N2 IMY B . 5.79 -3.19 -8.34
C3 IMY B . 4.81 -2.35 -7.59
C4 IMY B . 4.20 -1.53 -8.79
N5 IMY B . 4.40 -2.46 -9.90
C13 IMY B . 3.80 -3.18 -6.82
C14 IMY B . 3.05 -2.58 -5.80
C15 IMY B . 2.03 -3.28 -5.14
C16 IMY B . 1.74 -4.58 -5.50
C17 IMY B . 2.50 -5.21 -6.47
C18 IMY B . 3.52 -4.53 -7.12
CL16 IMY B . 0.44 -5.43 -4.74
C20 IMY B . 2.58 0.31 -8.22
C21 IMY B . 1.29 0.85 -8.15
C22 IMY B . 0.21 0.11 -8.60
C23 IMY B . 0.39 -1.17 -9.12
C24 IMY B . 1.68 -1.69 -9.22
C19 IMY B . 2.80 -0.97 -8.76
CL22 IMY B . -1.38 0.77 -8.53
C28 IMY B . 6.70 -6.36 -11.47
C29 IMY B . 6.44 -5.49 -10.39
C34 IMY B . 5.84 -4.25 -10.64
C25 IMY B . 5.53 -3.89 -11.98
C26 IMY B . 5.81 -4.77 -13.04
C27 IMY B . 6.39 -6.00 -12.78
O3 IMY B . 6.71 -5.81 -9.06
C31 IMY B . 6.90 -7.19 -8.69
C32 IMY B . 6.90 -7.36 -7.17
C33 IMY B . 5.74 -7.97 -9.27
O2 IMY B . 6.66 -6.97 -13.73
C30 IMY B . 6.69 -6.54 -15.09
H3 IMY B . 5.34 -1.69 -6.91
H4 IMY B . 4.89 -0.70 -8.99
H14 IMY B . 3.23 -1.56 -5.49
H15 IMY B . 1.48 -2.82 -4.32
H17 IMY B . 2.31 -6.25 -6.71
H18 IMY B . 4.08 -5.07 -7.88
H20 IMY B . 3.40 0.92 -7.85
H21 IMY B . 1.15 1.85 -7.76
H23 IMY B . -0.45 -1.76 -9.43
H24 IMY B . 1.79 -2.66 -9.67
H28 IMY B . 7.17 -7.33 -11.32
H25 IMY B . 5.05 -2.94 -12.22
H26 IMY B . 5.53 -4.46 -14.04
H31 IMY B . 7.81 -7.61 -9.14
H321 IMY B . 5.95 -7.05 -6.74
H322 IMY B . 7.08 -8.40 -6.88
H323 IMY B . 7.68 -6.74 -6.69
H331 IMY B . 5.72 -7.89 -10.37
H332 IMY B . 5.78 -9.03 -9.00
H333 IMY B . 4.77 -7.57 -8.92
H30 IMY B . 7.40 -5.72 -15.23
H301 IMY B . 5.68 -6.27 -15.43
H302 IMY B . 7.03 -7.38 -15.70
N ASN A 1 2.92 8.27 -13.34
CA ASN A 1 4.00 7.39 -12.82
C ASN A 1 5.09 8.20 -12.12
N HIS A 2 5.47 9.31 -12.73
CA HIS A 2 6.51 10.17 -12.17
C HIS A 2 5.89 11.47 -11.62
N ILE A 3 5.60 11.48 -10.32
CA ILE A 3 5.01 12.66 -9.68
C ILE A 3 3.73 13.07 -10.40
N SER A 4 3.29 14.31 -10.17
CA SER A 4 2.06 14.83 -10.79
C SER A 4 0.83 14.24 -10.13
N THR A 5 0.35 14.89 -9.07
CA THR A 5 -0.82 14.44 -8.34
C THR A 5 -0.50 13.23 -7.45
N SER A 6 0.77 12.82 -7.43
CA SER A 6 1.20 11.69 -6.62
C SER A 6 2.12 12.16 -5.49
N ASP A 7 1.57 12.22 -4.29
CA ASP A 7 2.34 12.65 -3.12
C ASP A 7 1.54 12.49 -1.84
N GLN A 8 2.14 12.83 -0.71
CA GLN A 8 1.48 12.72 0.58
C GLN A 8 0.41 13.79 0.75
N GLU A 9 -0.78 13.36 1.15
CA GLU A 9 -1.90 14.30 1.34
C GLU A 9 -2.90 13.74 2.34
N LYS A 10 -3.44 12.58 2.01
CA LYS A 10 -4.42 11.90 2.87
C LYS A 10 -3.91 10.54 3.31
N LEU A 11 -3.83 10.35 4.62
CA LEU A 11 -3.35 9.09 5.19
C LEU A 11 -4.49 8.08 5.30
N VAL A 12 -4.19 6.83 4.95
CA VAL A 12 -5.20 5.76 5.02
C VAL A 12 -4.85 4.79 6.16
N GLN A 13 -5.83 4.00 6.59
CA GLN A 13 -5.61 3.05 7.68
C GLN A 13 -5.69 1.61 7.20
N PRO A 14 -4.55 0.98 6.92
CA PRO A 14 -4.51 -0.42 6.47
C PRO A 14 -4.99 -1.37 7.56
N THR A 15 -5.99 -2.18 7.24
CA THR A 15 -6.54 -3.14 8.19
C THR A 15 -5.42 -3.89 8.92
N PRO A 16 -5.70 -4.43 10.12
CA PRO A 16 -4.70 -5.16 10.90
C PRO A 16 -3.90 -6.13 10.05
N LEU A 17 -4.52 -6.64 8.99
CA LEU A 17 -3.86 -7.57 8.09
C LEU A 17 -2.84 -6.84 7.22
N LEU A 18 -3.32 -5.86 6.46
CA LEU A 18 -2.45 -5.07 5.60
C LEU A 18 -1.32 -4.45 6.42
N LEU A 19 -1.66 -4.03 7.63
CA LEU A 19 -0.71 -3.42 8.55
C LEU A 19 0.55 -4.27 8.67
N SER A 20 0.40 -5.47 9.23
CA SER A 20 1.53 -6.39 9.42
C SER A 20 2.39 -6.50 8.16
N LEU A 21 1.75 -6.56 7.00
CA LEU A 21 2.50 -6.65 5.75
C LEU A 21 3.43 -5.45 5.63
N LEU A 22 2.95 -4.30 6.12
CA LEU A 22 3.72 -3.07 6.11
C LEU A 22 4.78 -3.14 7.20
N LYS A 23 4.43 -3.79 8.31
CA LYS A 23 5.33 -3.95 9.44
C LYS A 23 6.63 -4.60 9.01
N SER A 24 6.53 -5.51 8.04
CA SER A 24 7.70 -6.22 7.52
C SER A 24 8.25 -5.51 6.29
N ALA A 25 7.41 -4.71 5.64
CA ALA A 25 7.83 -3.97 4.44
C ALA A 25 8.70 -2.77 4.80
N GLY A 26 8.85 -2.51 6.11
CA GLY A 26 9.65 -1.38 6.54
C GLY A 26 8.81 -0.24 7.07
N ALA A 27 7.73 -0.59 7.77
CA ALA A 27 6.82 0.40 8.33
C ALA A 27 6.84 0.38 9.86
N GLN A 28 6.64 1.53 10.50
CA GLN A 28 6.63 1.61 11.95
C GLN A 28 5.28 2.08 12.48
N LYS A 29 4.75 3.15 11.88
CA LYS A 29 3.46 3.70 12.29
C LYS A 29 2.31 2.78 11.90
N GLU A 30 1.09 3.18 12.22
CA GLU A 30 -0.09 2.40 11.91
C GLU A 30 -0.82 2.95 10.69
N THR A 31 -0.70 4.26 10.48
CA THR A 31 -1.34 4.90 9.34
C THR A 31 -0.33 5.19 8.23
N PHE A 32 -0.81 5.24 7.00
CA PHE A 32 0.06 5.51 5.86
C PHE A 32 -0.73 6.12 4.70
N THR A 33 -0.08 7.02 3.97
CA THR A 33 -0.72 7.65 2.82
C THR A 33 -0.69 6.70 1.64
N MET A 34 -1.67 6.84 0.74
CA MET A 34 -1.76 5.98 -0.43
C MET A 34 -0.40 5.79 -1.10
N LYS A 35 0.48 6.77 -0.97
CA LYS A 35 1.81 6.68 -1.56
C LYS A 35 2.69 5.73 -0.77
N GLU A 36 2.72 5.90 0.55
CA GLU A 36 3.52 5.03 1.41
C GLU A 36 2.95 3.62 1.41
N VAL A 37 1.62 3.52 1.57
CA VAL A 37 0.96 2.22 1.58
C VAL A 37 1.33 1.43 0.33
N LEU A 38 0.98 1.97 -0.83
CA LEU A 38 1.29 1.33 -2.09
C LEU A 38 2.79 1.12 -2.27
N TYR A 39 3.58 1.93 -1.57
CA TYR A 39 5.03 1.84 -1.63
C TYR A 39 5.55 0.58 -0.91
N HIS A 40 5.24 0.46 0.38
CA HIS A 40 5.69 -0.70 1.14
C HIS A 40 5.25 -1.99 0.46
N LEU A 41 4.00 -2.00 -0.03
CA LEU A 41 3.46 -3.16 -0.72
C LEU A 41 4.46 -3.68 -1.76
N GLY A 42 4.95 -2.79 -2.61
CA GLY A 42 5.92 -3.18 -3.62
C GLY A 42 7.10 -3.89 -2.99
N GLN A 43 7.49 -3.42 -1.81
CA GLN A 43 8.60 -4.02 -1.09
C GLN A 43 8.15 -5.28 -0.35
N TYR A 44 6.86 -5.30 0.02
CA TYR A 44 6.28 -6.44 0.73
C TYR A 44 6.25 -7.67 -0.18
N ILE A 45 5.74 -7.49 -1.39
CA ILE A 45 5.65 -8.58 -2.35
C ILE A 45 7.04 -9.14 -2.67
N MET A 46 7.94 -8.26 -3.11
CA MET A 46 9.30 -8.68 -3.45
C MET A 46 9.96 -9.38 -2.27
N ALA A 47 9.60 -8.97 -1.06
CA ALA A 47 10.16 -9.56 0.14
C ALA A 47 9.64 -10.98 0.34
N LYS A 48 8.32 -11.12 0.42
CA LYS A 48 7.70 -12.42 0.60
C LYS A 48 7.91 -13.30 -0.64
N GLN A 49 8.17 -12.65 -1.78
CA GLN A 49 8.39 -13.36 -3.04
C GLN A 49 7.08 -13.92 -3.58
N LEU A 50 6.12 -13.04 -3.84
CA LEU A 50 4.82 -13.44 -4.37
C LEU A 50 4.81 -13.40 -5.90
N TYR A 51 5.84 -12.81 -6.49
CA TYR A 51 5.93 -12.69 -7.94
C TYR A 51 6.42 -14.00 -8.56
N ASP A 52 6.01 -14.25 -9.80
CA ASP A 52 6.40 -15.47 -10.51
C ASP A 52 7.73 -15.28 -11.23
N GLU A 53 8.52 -16.35 -11.29
CA GLU A 53 9.82 -16.30 -11.95
C GLU A 53 9.64 -15.96 -13.43
N LYS A 54 8.84 -16.76 -14.13
CA LYS A 54 8.58 -16.54 -15.54
C LYS A 54 8.10 -15.11 -15.77
N GLN A 55 6.92 -14.80 -15.27
CA GLN A 55 6.35 -13.47 -15.40
C GLN A 55 6.61 -12.66 -14.13
N GLN A 56 7.27 -11.52 -14.29
CA GLN A 56 7.58 -10.66 -13.15
C GLN A 56 6.39 -9.78 -12.79
N HIS A 57 5.48 -9.58 -13.73
CA HIS A 57 4.30 -8.76 -13.50
C HIS A 57 3.13 -9.60 -12.99
N ILE A 58 3.42 -10.84 -12.59
CA ILE A 58 2.39 -11.74 -12.08
C ILE A 58 2.65 -12.10 -10.62
N VAL A 59 1.60 -12.05 -9.82
CA VAL A 59 1.71 -12.37 -8.40
C VAL A 59 0.69 -13.42 -7.99
N HIS A 60 1.15 -14.67 -7.87
CA HIS A 60 0.26 -15.76 -7.48
C HIS A 60 0.83 -16.54 -6.30
N CYS A 61 0.35 -16.22 -5.10
CA CYS A 61 0.80 -16.89 -3.89
C CYS A 61 -0.39 -17.34 -3.05
N SER A 62 -0.70 -18.63 -3.10
CA SER A 62 -1.84 -19.17 -2.36
C SER A 62 -1.68 -18.96 -0.87
N ASN A 63 -0.50 -19.29 -0.34
CA ASN A 63 -0.29 -19.09 1.08
C ASN A 63 0.39 -17.75 1.30
N ASP A 64 -0.42 -16.73 1.54
CA ASP A 64 0.08 -15.39 1.78
C ASP A 64 -0.96 -14.51 2.45
N PRO A 65 -0.56 -13.71 3.46
CA PRO A 65 -1.48 -12.82 4.15
C PRO A 65 -2.21 -11.88 3.18
N LEU A 66 -1.59 -11.65 2.03
CA LEU A 66 -2.17 -10.77 1.02
C LEU A 66 -3.31 -11.49 0.29
N GLY A 67 -3.05 -12.72 -0.14
CA GLY A 67 -4.07 -13.50 -0.83
C GLY A 67 -5.32 -13.66 0.00
N GLU A 68 -5.15 -13.79 1.31
CA GLU A 68 -6.28 -13.95 2.22
C GLU A 68 -6.97 -12.61 2.44
N LEU A 69 -6.23 -11.52 2.27
CA LEU A 69 -6.76 -10.18 2.45
C LEU A 69 -7.56 -9.74 1.22
N PHE A 70 -6.87 -9.67 0.08
CA PHE A 70 -7.51 -9.28 -1.17
C PHE A 70 -8.61 -10.26 -1.56
N GLY A 71 -8.46 -11.50 -1.11
CA GLY A 71 -9.45 -12.52 -1.43
C GLY A 71 -9.15 -13.25 -2.72
N VAL A 72 -7.86 -13.42 -3.02
CA VAL A 72 -7.43 -14.10 -4.23
C VAL A 72 -6.08 -14.78 -4.04
N GLN A 73 -5.73 -15.66 -4.96
CA GLN A 73 -4.46 -16.37 -4.89
C GLN A 73 -3.69 -16.25 -6.20
N GLU A 74 -4.01 -15.22 -6.99
CA GLU A 74 -3.35 -14.99 -8.26
C GLU A 74 -3.97 -13.80 -8.99
N PHE A 75 -3.14 -12.83 -9.35
CA PHE A 75 -3.62 -11.64 -10.04
C PHE A 75 -2.47 -10.92 -10.74
N SER A 76 -2.78 -10.28 -11.87
CA SER A 76 -1.78 -9.54 -12.63
C SER A 76 -1.78 -8.07 -12.21
N VAL A 77 -0.61 -7.57 -11.82
CA VAL A 77 -0.50 -6.18 -11.40
C VAL A 77 -0.72 -5.21 -12.56
N LYS A 78 -0.75 -5.74 -13.79
CA LYS A 78 -0.97 -4.91 -14.96
C LYS A 78 -2.20 -4.02 -14.79
N GLU A 79 -3.14 -4.48 -13.97
CA GLU A 79 -4.35 -3.71 -13.70
C GLU A 79 -4.19 -2.87 -12.44
N HIS A 80 -3.34 -1.85 -12.54
CA HIS A 80 -3.08 -0.95 -11.41
C HIS A 80 -4.39 -0.41 -10.82
N ARG A 81 -5.40 -0.29 -11.68
CA ARG A 81 -6.70 0.23 -11.24
C ARG A 81 -7.38 -0.74 -10.28
N ARG A 82 -7.12 -2.03 -10.48
CA ARG A 82 -7.71 -3.07 -9.63
C ARG A 82 -7.12 -3.02 -8.22
N ILE A 83 -5.80 -3.17 -8.14
CA ILE A 83 -5.10 -3.14 -6.85
C ILE A 83 -5.49 -1.91 -6.04
N TYR A 84 -5.35 -0.73 -6.65
CA TYR A 84 -5.68 0.52 -5.98
C TYR A 84 -7.08 0.46 -5.38
N ALA A 85 -7.99 -0.21 -6.07
CA ALA A 85 -9.36 -0.35 -5.60
C ALA A 85 -9.43 -1.41 -4.50
N MET A 86 -8.68 -2.49 -4.68
CA MET A 86 -8.65 -3.57 -3.70
C MET A 86 -8.17 -3.05 -2.35
N ILE A 87 -6.92 -2.60 -2.30
CA ILE A 87 -6.35 -2.07 -1.08
C ILE A 87 -7.20 -0.93 -0.51
N SER A 88 -7.92 -0.24 -1.40
CA SER A 88 -8.77 0.86 -0.99
C SER A 88 -9.90 0.36 -0.08
N ARG A 89 -10.40 -0.84 -0.37
CA ARG A 89 -11.47 -1.43 0.41
C ARG A 89 -10.93 -1.99 1.74
N ASN A 90 -9.61 -2.13 1.82
CA ASN A 90 -8.98 -2.66 3.03
C ASN A 90 -8.52 -1.54 3.96
N LEU A 91 -9.22 -0.40 3.90
CA LEU A 91 -8.89 0.74 4.74
C LEU A 91 -10.00 1.02 5.74
N VAL A 92 -9.71 0.80 7.02
CA VAL A 92 -10.71 1.03 8.07
C VAL A 92 -11.29 2.43 7.99
N SER A 93 -10.49 3.44 8.29
CA SER A 93 -10.94 4.82 8.25
C SER A 93 -10.33 5.57 7.06
N ALA A 94 -10.97 6.67 6.68
CA ALA A 94 -10.48 7.48 5.57
C ALA A 94 -10.01 8.85 6.07
N ASN A 95 -8.72 8.96 6.35
CA ASN A 95 -8.16 10.21 6.84
C ASN A 95 -7.95 11.21 5.71
N VAL A 96 -8.11 12.49 6.02
CA VAL A 96 -7.94 13.55 5.04
C VAL A 96 -6.93 14.59 5.51
N LYS A 97 -6.39 15.35 4.56
CA LYS A 97 -5.40 16.38 4.88
C LYS A 97 -6.04 17.51 5.68
N GLU A 98 -5.50 17.78 6.86
CA GLU A 98 -6.02 18.84 7.72
C GLU A 98 -5.00 19.96 7.88
N SER A 99 -5.48 21.13 8.28
CA SER A 99 -4.61 22.29 8.47
C SER A 99 -4.60 22.73 9.93
N SER A 100 -3.49 22.46 10.61
CA SER A 100 -3.35 22.82 12.02
C SER A 100 -1.99 23.45 12.28
N GLU A 101 -1.99 24.71 12.72
CA GLU A 101 -0.76 25.41 13.01
C GLU A 101 -0.56 25.59 14.52
N ASP A 102 0.69 25.55 14.96
CA ASP A 102 1.00 25.70 16.37
C ASP A 102 1.61 27.08 16.65
N ILE A 103 1.29 27.63 17.82
CA ILE A 103 1.80 28.92 18.21
C ILE A 103 2.78 28.78 19.36
N PHE A 104 4.06 28.85 19.02
CA PHE A 104 5.12 28.74 20.01
C PHE A 104 5.65 30.10 20.44
N GLY A 105 5.36 31.14 19.65
CA GLY A 105 5.81 32.47 19.98
C GLY A 105 7.31 32.57 20.12
N ASN A 106 8.04 31.90 19.23
CA ASN A 106 9.49 31.91 19.26
C ASN A 106 10.06 32.37 17.92
N VAL A 107 10.88 33.41 17.96
CA VAL A 107 11.48 33.96 16.75
C VAL A 107 13.01 34.07 16.90
C1 IMY B . 5.35 -3.12 -9.14
N2 IMY B . 5.67 -3.08 -7.85
C3 IMY B . 4.70 -2.19 -7.15
C4 IMY B . 4.25 -1.28 -8.33
N5 IMY B . 4.47 -2.17 -9.48
C13 IMY B . 3.56 -2.98 -6.49
C14 IMY B . 2.99 -2.49 -5.31
C15 IMY B . 1.88 -3.12 -4.74
C16 IMY B . 1.32 -4.23 -5.34
C17 IMY B . 1.91 -4.75 -6.48
C18 IMY B . 3.02 -4.14 -7.05
CL16 IMY B . -0.09 -4.96 -4.69
C20 IMY B . 2.70 0.60 -7.69
C21 IMY B . 1.46 1.23 -7.69
C22 IMY B . 0.39 0.66 -8.37
C23 IMY B . 0.56 -0.54 -9.05
C24 IMY B . 1.81 -1.15 -9.09
C19 IMY B . 2.90 -0.60 -8.38
CL22 IMY B . -1.14 1.44 -8.38
C28 IMY B . 6.89 -6.05 -11.04
C29 IMY B . 6.63 -5.16 -9.97
C34 IMY B . 5.81 -4.03 -10.20
C25 IMY B . 5.31 -3.81 -11.50
C26 IMY B . 5.59 -4.70 -12.55
C27 IMY B . 6.38 -5.82 -12.31
O3 IMY B . 7.10 -5.35 -8.68
C31 IMY B . 7.53 -6.67 -8.27
C32 IMY B . 7.73 -6.74 -6.75
C33 IMY B . 6.44 -7.64 -8.68
O2 IMY B . 6.68 -6.80 -13.24
C30 IMY B . 6.48 -6.45 -14.62
H3 IMY B . 5.23 -1.60 -6.39
H4 IMY B . 5.02 -0.50 -8.45
H14 IMY B . 3.40 -1.62 -4.80
H15 IMY B . 1.47 -2.76 -3.80
H17 IMY B . 1.50 -5.65 -6.92
H18 IMY B . 3.42 -4.58 -7.96
H20 IMY B . 3.51 1.07 -7.12
H21 IMY B . 1.33 2.17 -7.15
H23 IMY B . -0.29 -1.01 -9.55
H24 IMY B . 1.91 -2.07 -9.68
H28 IMY B . 7.51 -6.93 -10.91
H25 IMY B . 4.68 -2.95 -11.72
H26 IMY B . 5.16 -4.50 -13.52
H31 IMY B . 8.44 -6.97 -8.80
H321 IMY B . 6.78 -6.55 -6.23
H322 IMY B . 8.09 -7.73 -6.45
H323 IMY B . 8.44 -5.99 -6.39
H331 IMY B . 6.30 -7.63 -9.77
H332 IMY B . 6.69 -8.68 -8.38
H333 IMY B . 5.47 -7.38 -8.24
H30 IMY B . 7.13 -5.62 -14.91
H301 IMY B . 5.43 -6.20 -14.80
H302 IMY B . 6.74 -7.31 -15.22
#